data_9FGF
#
_entry.id   9FGF
#
_cell.length_a   1.00
_cell.length_b   1.00
_cell.length_c   1.00
_cell.angle_alpha   90.00
_cell.angle_beta   90.00
_cell.angle_gamma   90.00
#
_symmetry.space_group_name_H-M   'P 1'
#
loop_
_entity.id
_entity.type
_entity.pdbx_description
1 polymer 'Gamma-aminobutyric acid receptor subunit alpha-1'
2 polymer 'Gamma-aminobutyric acid receptor subunit beta-3'
3 polymer 'Gamma-aminobutyric acid receptor subunit gamma-2'
4 branched alpha-D-mannopyranose-(1-3)-[alpha-D-mannopyranose-(1-6)]beta-D-mannopyranose-(1-4)-2-acetamido-2-deoxy-beta-D-glucopyranose-(1-4)-2-acetamido-2-deoxy-beta-D-glucopyranose
5 branched alpha-D-mannopyranose-(1-2)-alpha-D-mannopyranose-(1-2)-alpha-D-mannopyranose-(1-3)-[alpha-D-mannopyranose-(1-3)-[alpha-D-mannopyranose-(1-6)]alpha-D-mannopyranose-(1-6)]beta-D-mannopyranose-(1-4)-2-acetamido-2-deoxy-beta-D-glucopyranose-(1-4)-2-acetamido-2-deoxy-beta-D-glucopyranose
6 branched 2-acetamido-2-deoxy-beta-D-glucopyranose-(1-4)-2-acetamido-2-deoxy-beta-D-glucopyranose
7 branched alpha-D-mannopyranose-(1-3)-alpha-D-mannopyranose-(1-6)-[alpha-D-mannopyranose-(1-3)]beta-D-mannopyranose-(1-4)-2-acetamido-2-deoxy-beta-D-glucopyranose-(1-4)-2-acetamido-2-deoxy-beta-D-glucopyranose
8 non-polymer 'CHLORIDE ION'
9 non-polymer '[(2R)-2-octanoyloxy-3-[oxidanyl-[(1R,2R,3S,4R,5R,6S)-2,3,6-tris(oxidanyl)-4,5-diphosphonooxy-cyclohexyl]oxy-phosphoryl]oxy-propyl] octanoate'
10 non-polymer HEXADECANE
11 non-polymer DECANE
12 non-polymer 2-acetamido-2-deoxy-beta-D-glucopyranose
#
loop_
_entity_poly.entity_id
_entity_poly.type
_entity_poly.pdbx_seq_one_letter_code
_entity_poly.pdbx_strand_id
1 'polypeptide(L)'
;MKKSPGLSDYLWAWTLFLSTLTGRSYGDYKDDDDKQPSLQDELKDNTTVFTRILDRLLDGYDNRLRPGLGERVTEVKTDI
FVTSFGPVSDHDMEYTIDVFFRQSWKDERLKFKGPMTVLRLNNLMASKIWTPDTFFHNGKKSVAHNMTMPNKLLRITEDG
TLLYTMRLTVRAECPMHLEDFPMDAHACPLKFGSYAYTRAEVVYEWTREPARSVVVAEDGSRLNQYDLLGQTVDSGIVQS
STGEYVVMTTHFHLKRKIGYFVIQTYLPCIMTVILSQVSFWLNRESVPARTVFGVTTVLTMTTLSISARNSLPKVAYATA
MDWFIAVCYAFVFSALIEFATVNYFTKRGYAWDGKSVVPEKPKKVKDPLIKKNNTYAPTATSYTPNLARGDPGLATIAKS
ATIEPKEVKPETKPPEPKKTFNSVSKIDRLSRIAFPLLFGIFNLVYWATYLNREPQLKAPTPHQ
;
A,D
2 'polypeptide(L)'
;MCSGLLELLLPIWLSWTLGTRGSEPRSVNDPGNMSFVKETVDKLLKGYDIRLRPDFGGPPVCVGMNIDIASIDMVSEVNM
DYTLTMYFQQYWRDKRLAYSGIPLNLTLDNRVADQLWVPDTYFLNDKKSFVHGVTVKNRMIRLHPDGTVLYGLRITTTAA
CMMDLRRYPLDEQNCTLEIESYGYTTDDIEFYWRGGDKAVTGVERIELPQFSIVEHRLVSRNVVFATGAYPRLSLSFRLK
RNIGYFILQTYMPSILITILSWVSFWINYDASAARVALGITTVLTMTTINTHLRETLPKIPYVKAIDMYLMGCFVFVFLA
LLEYAFVNYIFFGRGPQRQKKLAEKTAKAKNDRSKSESNRVDAHGNILLTSLEVHNEMNEVSGGIGDTRNSAISFDNSGI
QYRKQSMPREGHGRFLGDRSLPHKKTHLRRRSSQLKIKIPDLTDVNAIDRWSRIVFPFTFSLFNLVYWLYYVN
;
B,E
3 'polypeptide(L)'
;MSSPNIWSTGSSVYSTPVFSQKMTVWILLLLSLYPGFTSQKSDDDYEDYASNKTWVLTPKVPEGDVTVILNNLLEGYDNK
LRPDIGVKPTLIHTDMYVNSIGPVNAINMEYTIDIFFAQTWYDRRLKFNSTIKVLRLNSNMVGKIWIPDTFFRNSKKADA
HWITTPNRMLRIWNDGRVLYTLRLTIDAECQLQLHNFPMDEHSCPLEFSSYGYPREEIVYQWKRSSVEVGDTRSWRLYQF
SFVGLRNTTEVVKTTSGDYVVMSVYFDLSRRMGYFTIQTYIPCTLIVVLSWVSFWINKDAVPARTSLGITTVLTMTTLST
IARKSLPKVSYVTAMDLFVSVCFIFVFSALVEYGTLHYFVSNRKPSKDKDKKKKNPLLRMFSFKAPTIDIRPRSATIQMN
NATHLQERDEEYGYECLDGKDCASFFCCFEDCRTGAWRHGRIHIRIAKMDSYARIFFPTAFCLFNLVYWVSYLYLGGSGG
SGGSGKTETSQVAPA
;
C
#
# COMPACT_ATOMS: atom_id res chain seq x y z
N THR A 47 -8.60 48.49 -23.40
CA THR A 47 -9.46 47.33 -23.17
C THR A 47 -9.94 46.75 -24.48
N THR A 48 -10.62 47.59 -25.27
CA THR A 48 -11.07 47.15 -26.60
C THR A 48 -9.88 46.91 -27.53
N VAL A 49 -8.83 47.70 -27.38
CA VAL A 49 -7.59 47.44 -28.12
C VAL A 49 -6.99 46.11 -27.67
N PHE A 50 -6.97 45.86 -26.36
CA PHE A 50 -6.40 44.62 -25.86
C PHE A 50 -7.20 43.40 -26.32
N THR A 51 -8.54 43.50 -26.32
CA THR A 51 -9.37 42.38 -26.75
C THR A 51 -9.39 42.20 -28.25
N ARG A 52 -9.07 43.25 -29.02
CA ARG A 52 -8.95 43.09 -30.47
C ARG A 52 -7.70 42.31 -30.84
N ILE A 53 -6.61 42.49 -30.10
CA ILE A 53 -5.38 41.75 -30.38
C ILE A 53 -5.59 40.26 -30.14
N LEU A 54 -6.27 39.90 -29.05
CA LEU A 54 -6.48 38.48 -28.74
C LEU A 54 -7.43 37.83 -29.74
N ASP A 55 -8.39 38.58 -30.28
CA ASP A 55 -9.38 38.02 -31.19
C ASP A 55 -8.86 37.87 -32.62
N ARG A 56 -7.67 38.35 -32.93
CA ARG A 56 -7.14 38.28 -34.28
C ARG A 56 -5.77 37.61 -34.38
N LEU A 57 -5.19 37.17 -33.26
CA LEU A 57 -3.89 36.51 -33.31
C LEU A 57 -3.97 35.18 -34.05
N LEU A 58 -5.07 34.46 -33.90
CA LEU A 58 -5.20 33.10 -34.40
C LEU A 58 -6.00 33.01 -35.70
N ASP A 59 -6.05 34.09 -36.47
CA ASP A 59 -6.70 34.07 -37.78
C ASP A 59 -5.76 33.41 -38.77
N GLY A 60 -6.16 32.24 -39.28
CA GLY A 60 -5.28 31.51 -40.17
C GLY A 60 -4.12 30.83 -39.49
N TYR A 61 -4.20 30.62 -38.18
CA TYR A 61 -3.16 29.93 -37.43
C TYR A 61 -3.45 28.44 -37.43
N ASP A 62 -2.44 27.64 -37.78
CA ASP A 62 -2.56 26.19 -37.85
C ASP A 62 -1.74 25.60 -36.71
N ASN A 63 -2.43 25.14 -35.66
CA ASN A 63 -1.76 24.58 -34.50
C ASN A 63 -1.14 23.21 -34.78
N ARG A 64 -1.42 22.61 -35.94
CA ARG A 64 -0.83 21.33 -36.30
C ARG A 64 0.59 21.45 -36.82
N LEU A 65 1.04 22.66 -37.17
CA LEU A 65 2.33 22.87 -37.77
C LEU A 65 3.24 23.63 -36.81
N ARG A 66 4.45 23.13 -36.62
CA ARG A 66 5.41 23.82 -35.77
C ARG A 66 5.90 25.10 -36.47
N PRO A 67 6.33 26.09 -35.70
CA PRO A 67 6.86 27.31 -36.31
C PRO A 67 8.08 27.01 -37.18
N GLY A 68 8.14 27.69 -38.32
CA GLY A 68 9.25 27.47 -39.25
C GLY A 68 9.30 26.09 -39.85
N LEU A 69 8.14 25.52 -40.21
CA LEU A 69 8.10 24.20 -40.80
C LEU A 69 8.48 24.30 -42.26
N GLY A 70 9.61 23.70 -42.62
CA GLY A 70 10.13 23.78 -43.97
C GLY A 70 11.05 24.95 -44.24
N GLU A 71 11.26 25.84 -43.27
CA GLU A 71 12.18 26.95 -43.40
C GLU A 71 13.40 26.82 -42.52
N ARG A 72 13.21 26.48 -41.24
CA ARG A 72 14.31 26.46 -40.28
C ARG A 72 14.03 25.38 -39.25
N VAL A 73 14.75 25.43 -38.14
CA VAL A 73 14.60 24.49 -37.04
C VAL A 73 14.08 25.26 -35.83
N THR A 74 13.04 24.73 -35.20
CA THR A 74 12.43 25.39 -34.04
C THR A 74 13.34 25.20 -32.83
N GLU A 75 13.90 26.30 -32.35
CA GLU A 75 14.81 26.28 -31.20
C GLU A 75 14.03 26.63 -29.95
N VAL A 76 14.11 25.78 -28.94
CA VAL A 76 13.37 25.95 -27.68
C VAL A 76 14.39 26.17 -26.57
N LYS A 77 14.28 27.30 -25.88
CA LYS A 77 15.10 27.59 -24.72
C LYS A 77 14.38 27.08 -23.48
N THR A 78 15.08 26.28 -22.67
CA THR A 78 14.47 25.59 -21.55
C THR A 78 15.19 25.94 -20.26
N ASP A 79 14.42 26.15 -19.20
CA ASP A 79 14.94 26.47 -17.88
C ASP A 79 14.09 25.75 -16.84
N ILE A 80 14.74 25.18 -15.83
CA ILE A 80 14.07 24.43 -14.79
C ILE A 80 14.40 25.06 -13.44
N PHE A 81 13.38 25.37 -12.67
CA PHE A 81 13.53 25.72 -11.26
C PHE A 81 12.94 24.59 -10.43
N VAL A 82 13.76 23.97 -9.60
CA VAL A 82 13.34 22.82 -8.81
C VAL A 82 12.82 23.35 -7.47
N THR A 83 11.50 23.38 -7.33
CA THR A 83 10.89 23.83 -6.08
C THR A 83 11.25 22.88 -4.94
N SER A 84 11.22 21.58 -5.20
CA SER A 84 11.64 20.60 -4.22
C SER A 84 12.10 19.34 -4.95
N PHE A 85 13.10 18.68 -4.37
CA PHE A 85 13.54 17.37 -4.82
C PHE A 85 12.94 16.37 -3.85
N GLY A 86 11.87 15.70 -4.29
CA GLY A 86 11.03 14.95 -3.39
C GLY A 86 11.71 13.70 -2.89
N PRO A 87 10.96 12.91 -2.12
CA PRO A 87 11.52 11.69 -1.56
C PRO A 87 11.95 10.73 -2.65
N VAL A 88 13.01 9.98 -2.36
CA VAL A 88 13.53 8.97 -3.27
C VAL A 88 13.05 7.61 -2.76
N SER A 89 12.38 6.86 -3.62
CA SER A 89 11.82 5.56 -3.27
C SER A 89 12.77 4.48 -3.75
N ASP A 90 13.61 3.98 -2.84
CA ASP A 90 14.54 2.91 -3.21
C ASP A 90 13.81 1.61 -3.52
N HIS A 91 12.62 1.42 -2.92
CA HIS A 91 11.83 0.22 -3.23
C HIS A 91 11.37 0.24 -4.67
N ASP A 92 10.87 1.37 -5.15
CA ASP A 92 10.39 1.50 -6.52
C ASP A 92 11.45 2.03 -7.47
N MET A 93 12.65 2.36 -6.97
CA MET A 93 13.72 2.96 -7.76
C MET A 93 13.22 4.16 -8.54
N GLU A 94 12.74 5.15 -7.80
CA GLU A 94 12.14 6.33 -8.40
C GLU A 94 12.22 7.49 -7.41
N TYR A 95 11.96 8.69 -7.91
CA TYR A 95 11.93 9.88 -7.07
C TYR A 95 10.93 10.86 -7.66
N THR A 96 10.44 11.76 -6.82
CA THR A 96 9.54 12.81 -7.23
C THR A 96 10.30 14.14 -7.24
N ILE A 97 9.88 15.04 -8.12
CA ILE A 97 10.53 16.34 -8.23
C ILE A 97 9.51 17.38 -8.65
N ASP A 98 9.38 18.44 -7.86
CA ASP A 98 8.46 19.53 -8.14
C ASP A 98 9.23 20.66 -8.80
N VAL A 99 8.86 21.00 -10.03
CA VAL A 99 9.61 21.97 -10.82
C VAL A 99 8.67 22.99 -11.45
N PHE A 100 9.25 24.13 -11.81
CA PHE A 100 8.63 25.08 -12.72
C PHE A 100 9.34 24.95 -14.06
N PHE A 101 8.63 24.41 -15.05
CA PHE A 101 9.21 24.11 -16.35
C PHE A 101 8.95 25.28 -17.29
N ARG A 102 10.02 25.88 -17.81
CA ARG A 102 9.93 27.05 -18.68
CA ARG A 102 9.93 27.05 -18.68
C ARG A 102 10.45 26.70 -20.06
N GLN A 103 9.69 27.07 -21.08
CA GLN A 103 10.08 26.85 -22.47
C GLN A 103 9.87 28.14 -23.23
N SER A 104 10.89 28.57 -23.96
CA SER A 104 10.82 29.80 -24.74
C SER A 104 11.19 29.50 -26.17
N TRP A 105 10.32 29.86 -27.10
CA TRP A 105 10.57 29.69 -28.52
C TRP A 105 9.94 30.86 -29.25
N LYS A 106 10.05 30.85 -30.58
CA LYS A 106 9.55 31.94 -31.41
C LYS A 106 8.58 31.40 -32.44
N ASP A 107 7.50 32.16 -32.68
CA ASP A 107 6.51 31.83 -33.71
C ASP A 107 6.17 33.13 -34.41
N GLU A 108 6.69 33.31 -35.63
CA GLU A 108 6.47 34.55 -36.37
C GLU A 108 5.01 34.77 -36.73
N ARG A 109 4.19 33.72 -36.65
CA ARG A 109 2.76 33.82 -36.91
C ARG A 109 1.99 34.48 -35.78
N LEU A 110 2.67 34.92 -34.71
CA LEU A 110 2.00 35.47 -33.54
C LEU A 110 2.56 36.84 -33.17
N LYS A 111 3.07 37.58 -34.15
CA LYS A 111 3.52 38.95 -33.89
C LYS A 111 2.34 39.91 -33.91
N PHE A 112 2.32 40.82 -32.95
CA PHE A 112 1.22 41.77 -32.81
C PHE A 112 1.78 43.17 -32.61
N LYS A 113 0.95 44.16 -32.91
CA LYS A 113 1.30 45.57 -32.76
C LYS A 113 0.26 46.25 -31.90
N GLY A 114 0.71 46.99 -30.89
CA GLY A 114 -0.19 47.67 -29.99
C GLY A 114 0.56 48.42 -28.90
N PRO A 115 -0.18 48.91 -27.90
CA PRO A 115 0.48 49.65 -26.82
C PRO A 115 1.34 48.78 -25.93
N MET A 116 0.84 47.61 -25.52
CA MET A 116 1.61 46.71 -24.67
C MET A 116 2.60 45.92 -25.51
N THR A 117 3.69 45.52 -24.87
CA THR A 117 4.73 44.72 -25.51
C THR A 117 4.73 43.27 -25.05
N VAL A 118 3.70 42.85 -24.31
CA VAL A 118 3.59 41.47 -23.85
C VAL A 118 2.14 41.15 -23.54
N LEU A 119 1.66 40.02 -24.03
CA LEU A 119 0.29 39.58 -23.80
C LEU A 119 0.24 38.58 -22.66
N ARG A 120 -0.95 38.01 -22.43
CA ARG A 120 -1.15 36.98 -21.43
C ARG A 120 -2.36 36.16 -21.87
N LEU A 121 -2.10 34.93 -22.31
CA LEU A 121 -3.15 34.10 -22.89
C LEU A 121 -3.82 33.25 -21.82
N ASN A 122 -5.15 33.22 -21.85
CA ASN A 122 -5.88 32.27 -21.03
C ASN A 122 -5.69 30.85 -21.56
N ASN A 123 -5.96 29.88 -20.69
CA ASN A 123 -5.65 28.49 -21.02
C ASN A 123 -6.49 27.96 -22.18
N LEU A 124 -7.61 28.60 -22.50
CA LEU A 124 -8.38 28.19 -23.68
C LEU A 124 -7.64 28.55 -24.96
N MET A 125 -7.07 29.76 -25.03
CA MET A 125 -6.26 30.13 -26.18
C MET A 125 -4.88 29.48 -26.16
N ALA A 126 -4.38 29.10 -24.98
CA ALA A 126 -3.09 28.43 -24.90
C ALA A 126 -3.12 27.04 -25.53
N SER A 127 -4.30 26.43 -25.64
CA SER A 127 -4.45 25.13 -26.28
C SER A 127 -4.72 25.25 -27.78
N LYS A 128 -4.84 26.48 -28.30
CA LYS A 128 -5.06 26.71 -29.71
C LYS A 128 -3.77 27.10 -30.43
N ILE A 129 -2.64 27.05 -29.75
CA ILE A 129 -1.36 27.48 -30.28
C ILE A 129 -0.37 26.33 -30.15
N TRP A 130 0.46 26.15 -31.17
CA TRP A 130 1.47 25.10 -31.13
C TRP A 130 2.41 25.30 -29.95
N THR A 131 2.64 24.24 -29.19
CA THR A 131 3.58 24.21 -28.10
C THR A 131 4.46 22.98 -28.23
N PRO A 132 5.70 23.04 -27.75
CA PRO A 132 6.58 21.87 -27.84
C PRO A 132 5.99 20.67 -27.12
N ASP A 133 6.15 19.50 -27.73
CA ASP A 133 5.66 18.25 -27.13
C ASP A 133 6.75 17.63 -26.25
N THR A 134 7.17 18.41 -25.26
CA THR A 134 8.24 17.98 -24.38
C THR A 134 7.74 16.91 -23.42
N PHE A 135 8.48 15.80 -23.32
CA PHE A 135 8.16 14.73 -22.41
C PHE A 135 9.44 14.29 -21.71
N PHE A 136 9.28 13.66 -20.57
CA PHE A 136 10.42 13.19 -19.79
C PHE A 136 10.67 11.72 -20.11
N HIS A 137 11.88 11.42 -20.60
CA HIS A 137 12.19 10.07 -21.08
C HIS A 137 12.08 9.04 -19.96
N ASN A 138 12.56 9.37 -18.77
CA ASN A 138 12.52 8.46 -17.63
C ASN A 138 11.35 8.75 -16.69
N GLY A 139 10.42 9.60 -17.09
CA GLY A 139 9.28 9.91 -16.23
C GLY A 139 8.30 8.75 -16.20
N LYS A 140 7.84 8.40 -15.01
CA LYS A 140 6.88 7.32 -14.83
C LYS A 140 5.44 7.83 -14.81
N LYS A 141 5.12 8.71 -13.87
CA LYS A 141 3.78 9.25 -13.74
C LYS A 141 3.89 10.70 -13.29
N SER A 142 3.85 11.61 -14.25
CA SER A 142 3.99 13.03 -13.99
C SER A 142 2.62 13.69 -13.87
N VAL A 143 2.55 14.73 -13.06
CA VAL A 143 1.31 15.45 -12.77
C VAL A 143 1.47 16.90 -13.19
N ALA A 144 0.52 17.38 -13.99
CA ALA A 144 0.42 18.81 -14.31
C ALA A 144 -0.66 19.40 -13.42
N HIS A 145 -0.25 20.21 -12.45
CA HIS A 145 -1.19 20.75 -11.47
C HIS A 145 -2.17 21.71 -12.12
N ASN A 146 -3.43 21.61 -11.72
CA ASN A 146 -4.47 22.53 -12.17
C ASN A 146 -5.39 22.91 -11.01
N MET A 147 -4.81 23.18 -9.85
CA MET A 147 -5.55 23.59 -8.66
C MET A 147 -5.09 24.97 -8.25
N THR A 148 -6.03 25.92 -8.17
CA THR A 148 -7.46 25.77 -8.44
C THR A 148 -7.74 25.98 -9.92
N MET A 149 -6.75 26.50 -10.63
CA MET A 149 -6.77 26.74 -12.06
C MET A 149 -5.53 26.11 -12.66
N PRO A 150 -5.54 25.83 -13.97
CA PRO A 150 -4.34 25.24 -14.61
C PRO A 150 -3.07 26.02 -14.30
N ASN A 151 -2.10 25.37 -13.65
CA ASN A 151 -0.86 26.02 -13.26
C ASN A 151 0.06 26.18 -14.46
N LYS A 152 -0.43 26.91 -15.45
CA LYS A 152 0.30 27.19 -16.67
C LYS A 152 0.23 28.69 -16.96
N LEU A 153 1.11 29.14 -17.85
CA LEU A 153 1.15 30.56 -18.21
C LEU A 153 1.85 30.68 -19.56
N LEU A 154 1.15 31.26 -20.54
CA LEU A 154 1.70 31.47 -21.87
C LEU A 154 1.69 32.97 -22.15
N ARG A 155 2.87 33.56 -22.28
CA ARG A 155 3.03 34.97 -22.58
C ARG A 155 3.62 35.13 -23.97
N ILE A 156 2.98 35.95 -24.80
CA ILE A 156 3.46 36.25 -26.14
C ILE A 156 4.05 37.66 -26.13
N THR A 157 5.28 37.77 -26.60
CA THR A 157 5.93 39.07 -26.76
C THR A 157 5.64 39.63 -28.14
N GLU A 158 5.80 40.96 -28.27
CA GLU A 158 5.41 41.65 -29.50
C GLU A 158 6.11 41.09 -30.73
N ASP A 159 7.36 40.63 -30.58
CA ASP A 159 8.12 40.09 -31.70
C ASP A 159 7.80 38.64 -32.01
N GLY A 160 6.79 38.06 -31.35
CA GLY A 160 6.42 36.68 -31.60
C GLY A 160 7.15 35.66 -30.76
N THR A 161 7.78 36.08 -29.66
CA THR A 161 8.48 35.16 -28.77
C THR A 161 7.54 34.71 -27.67
N LEU A 162 7.39 33.40 -27.53
CA LEU A 162 6.47 32.81 -26.56
C LEU A 162 7.24 32.33 -25.34
N LEU A 163 6.75 32.67 -24.16
CA LEU A 163 7.28 32.16 -22.91
C LEU A 163 6.20 31.30 -22.27
N TYR A 164 6.44 29.99 -22.20
CA TYR A 164 5.48 29.03 -21.68
C TYR A 164 6.03 28.44 -20.39
N THR A 165 5.28 28.61 -19.30
CA THR A 165 5.70 28.11 -17.99
C THR A 165 4.60 27.24 -17.41
N MET A 166 5.00 26.11 -16.85
CA MET A 166 4.07 25.20 -16.21
C MET A 166 4.69 24.64 -14.95
N ARG A 167 3.84 24.31 -13.99
CA ARG A 167 4.27 23.72 -12.73
C ARG A 167 3.95 22.24 -12.74
N LEU A 168 4.97 21.40 -12.56
CA LEU A 168 4.84 19.97 -12.70
C LEU A 168 5.39 19.26 -11.47
N THR A 169 4.79 18.12 -11.16
CA THR A 169 5.35 17.17 -10.20
C THR A 169 5.67 15.91 -10.99
N VAL A 170 6.96 15.69 -11.24
CA VAL A 170 7.43 14.60 -12.09
C VAL A 170 7.96 13.49 -11.22
N ARG A 171 7.50 12.27 -11.47
CA ARG A 171 8.00 11.08 -10.81
C ARG A 171 8.81 10.30 -11.83
N ALA A 172 10.13 10.33 -11.70
CA ALA A 172 11.04 9.73 -12.67
C ALA A 172 11.75 8.54 -12.05
N GLU A 173 12.09 7.57 -12.89
CA GLU A 173 12.76 6.37 -12.43
C GLU A 173 14.24 6.63 -12.28
N CYS A 174 14.81 6.18 -11.15
CA CYS A 174 16.23 6.29 -10.86
C CYS A 174 16.77 4.89 -10.63
N PRO A 175 17.28 4.22 -11.67
CA PRO A 175 17.88 2.90 -11.47
C PRO A 175 19.06 2.97 -10.53
N MET A 176 19.17 1.96 -9.66
CA MET A 176 20.18 1.94 -8.62
C MET A 176 20.93 0.62 -8.62
N HIS A 177 22.18 0.68 -8.21
CA HIS A 177 23.01 -0.50 -7.97
C HIS A 177 23.30 -0.53 -6.48
N LEU A 178 22.53 -1.34 -5.75
CA LEU A 178 22.60 -1.37 -4.29
C LEU A 178 23.61 -2.38 -3.78
N GLU A 179 24.63 -2.71 -4.58
CA GLU A 179 25.65 -3.65 -4.12
C GLU A 179 26.40 -3.10 -2.91
N ASP A 180 26.70 -1.80 -2.91
CA ASP A 180 27.43 -1.17 -1.83
C ASP A 180 26.53 -0.64 -0.72
N PHE A 181 25.26 -1.05 -0.70
CA PHE A 181 24.36 -0.62 0.34
C PHE A 181 24.89 -1.03 1.70
N PRO A 182 24.85 -0.13 2.71
CA PRO A 182 24.33 1.23 2.69
C PRO A 182 25.39 2.30 2.48
N MET A 183 26.43 2.02 1.71
CA MET A 183 27.51 2.95 1.42
C MET A 183 27.59 3.24 -0.08
N ASP A 184 26.43 3.47 -0.69
CA ASP A 184 26.31 3.63 -2.12
C ASP A 184 25.92 5.06 -2.47
N ALA A 185 26.43 5.54 -3.61
CA ALA A 185 26.09 6.84 -4.15
C ALA A 185 25.43 6.66 -5.51
N HIS A 186 24.49 7.55 -5.82
CA HIS A 186 23.70 7.44 -7.04
C HIS A 186 23.63 8.78 -7.75
N ALA A 187 23.39 8.72 -9.05
CA ALA A 187 23.18 9.90 -9.89
C ALA A 187 21.82 9.74 -10.57
N CYS A 188 20.78 10.27 -9.94
CA CYS A 188 19.42 10.14 -10.48
C CYS A 188 19.24 11.10 -11.65
N PRO A 189 18.92 10.61 -12.84
CA PRO A 189 18.80 11.48 -14.00
C PRO A 189 17.43 12.12 -14.12
N LEU A 190 17.35 13.13 -14.99
CA LEU A 190 16.07 13.74 -15.38
C LEU A 190 16.23 14.20 -16.83
N LYS A 191 15.80 13.34 -17.75
CA LYS A 191 15.93 13.60 -19.17
C LYS A 191 14.59 14.05 -19.75
N PHE A 192 14.66 14.92 -20.76
CA PHE A 192 13.46 15.32 -21.48
C PHE A 192 13.84 15.75 -22.89
N GLY A 193 12.82 15.80 -23.74
CA GLY A 193 13.02 16.17 -25.13
C GLY A 193 11.70 16.11 -25.86
N SER A 194 11.77 16.33 -27.17
CA SER A 194 10.58 16.29 -28.01
C SER A 194 10.20 14.84 -28.30
N TYR A 195 8.91 14.53 -28.17
CA TYR A 195 8.46 13.17 -28.42
C TYR A 195 8.40 12.85 -29.92
N ALA A 196 7.95 13.81 -30.73
CA ALA A 196 7.67 13.55 -32.13
C ALA A 196 8.64 14.22 -33.09
N TYR A 197 9.31 15.28 -32.68
CA TYR A 197 10.13 16.08 -33.59
C TYR A 197 11.60 15.72 -33.40
N THR A 198 12.25 15.33 -34.49
CA THR A 198 13.66 14.97 -34.46
C THR A 198 14.53 16.21 -34.35
N ARG A 199 15.85 16.00 -34.32
CA ARG A 199 16.77 17.13 -34.19
C ARG A 199 16.79 18.02 -35.42
N ALA A 200 16.25 17.54 -36.55
CA ALA A 200 16.17 18.36 -37.75
C ALA A 200 14.96 19.28 -37.76
N GLU A 201 14.07 19.15 -36.78
CA GLU A 201 12.86 19.96 -36.71
C GLU A 201 12.78 20.78 -35.43
N VAL A 202 13.03 20.17 -34.28
CA VAL A 202 13.00 20.85 -32.99
C VAL A 202 14.28 20.52 -32.24
N VAL A 203 14.95 21.55 -31.72
CA VAL A 203 16.12 21.39 -30.87
C VAL A 203 15.87 22.15 -29.57
N TYR A 204 16.54 21.68 -28.51
CA TYR A 204 16.41 22.28 -27.19
C TYR A 204 17.77 22.79 -26.74
N GLU A 205 17.79 24.01 -26.23
CA GLU A 205 18.98 24.60 -25.61
C GLU A 205 18.58 25.16 -24.25
N TRP A 206 19.55 25.18 -23.33
CA TRP A 206 19.29 25.80 -22.05
C TRP A 206 19.24 27.32 -22.21
N THR A 207 18.40 27.96 -21.39
CA THR A 207 18.22 29.40 -21.47
C THR A 207 19.54 30.13 -21.22
N ARG A 208 20.29 29.67 -20.23
CA ARG A 208 21.56 30.25 -19.82
C ARG A 208 22.62 29.17 -19.86
N GLU A 209 23.77 29.45 -19.25
CA GLU A 209 24.79 28.42 -19.10
C GLU A 209 24.17 27.20 -18.42
N PRO A 210 24.50 25.98 -18.87
CA PRO A 210 23.78 24.79 -18.36
C PRO A 210 23.82 24.66 -16.85
N ALA A 211 24.93 25.03 -16.21
CA ALA A 211 25.02 24.92 -14.77
C ALA A 211 24.04 25.86 -14.06
N ARG A 212 23.70 27.00 -14.69
CA ARG A 212 22.81 27.97 -14.10
C ARG A 212 21.38 27.88 -14.65
N SER A 213 21.09 26.86 -15.46
CA SER A 213 19.75 26.70 -16.02
C SER A 213 18.86 25.82 -15.17
N VAL A 214 19.43 24.92 -14.38
CA VAL A 214 18.67 24.11 -13.42
C VAL A 214 19.02 24.62 -12.03
N VAL A 215 18.05 25.25 -11.37
CA VAL A 215 18.25 25.91 -10.09
C VAL A 215 17.41 25.21 -9.05
N VAL A 216 18.05 24.81 -7.94
CA VAL A 216 17.39 24.13 -6.84
C VAL A 216 17.19 25.13 -5.72
N ALA A 217 15.96 25.19 -5.19
CA ALA A 217 15.64 26.11 -4.12
C ALA A 217 16.47 25.80 -2.87
N GLU A 218 16.55 26.79 -1.98
CA GLU A 218 17.37 26.64 -0.78
C GLU A 218 16.85 25.52 0.12
N ASP A 219 15.55 25.26 0.11
CA ASP A 219 14.96 24.19 0.91
C ASP A 219 14.31 23.15 0.02
N GLY A 220 14.89 22.91 -1.15
CA GLY A 220 14.39 21.94 -2.09
C GLY A 220 14.81 20.51 -1.84
N SER A 221 15.56 20.26 -0.76
CA SER A 221 16.07 18.92 -0.46
C SER A 221 15.12 18.27 0.55
N ARG A 222 14.12 17.58 0.03
CA ARG A 222 13.19 16.81 0.86
C ARG A 222 13.61 15.34 0.91
N LEU A 223 14.78 15.11 1.49
CA LEU A 223 15.40 13.79 1.53
C LEU A 223 15.67 13.41 2.98
N ASN A 224 15.17 12.23 3.38
CA ASN A 224 15.46 11.69 4.71
C ASN A 224 16.67 10.77 4.70
N GLN A 225 16.89 10.03 3.61
CA GLN A 225 17.94 9.03 3.55
C GLN A 225 19.16 9.45 2.75
N TYR A 226 19.03 10.42 1.85
CA TYR A 226 20.12 10.85 1.00
C TYR A 226 20.57 12.26 1.34
N ASP A 227 21.77 12.60 0.88
CA ASP A 227 22.28 13.96 0.88
C ASP A 227 22.51 14.37 -0.57
N LEU A 228 21.86 15.45 -0.99
CA LEU A 228 22.04 15.94 -2.35
C LEU A 228 23.37 16.70 -2.45
N LEU A 229 24.27 16.19 -3.27
CA LEU A 229 25.60 16.75 -3.41
C LEU A 229 25.71 17.77 -4.54
N GLY A 230 24.62 18.02 -5.26
CA GLY A 230 24.64 18.87 -6.43
C GLY A 230 24.18 18.12 -7.66
N GLN A 231 24.22 18.83 -8.78
CA GLN A 231 23.75 18.25 -10.04
C GLN A 231 24.65 18.68 -11.18
N THR A 232 24.69 17.85 -12.21
CA THR A 232 25.38 18.15 -13.45
C THR A 232 24.35 18.24 -14.58
N VAL A 233 24.51 19.25 -15.43
CA VAL A 233 23.56 19.57 -16.49
C VAL A 233 24.25 19.38 -17.83
N ASP A 234 23.61 18.63 -18.72
CA ASP A 234 24.22 18.28 -19.99
C ASP A 234 23.14 18.09 -21.04
N SER A 235 23.55 18.15 -22.31
CA SER A 235 22.67 17.98 -23.44
C SER A 235 23.32 17.03 -24.44
N GLY A 236 22.50 16.26 -25.14
CA GLY A 236 23.01 15.28 -26.07
C GLY A 236 22.00 14.89 -27.12
N ILE A 237 22.34 13.84 -27.85
CA ILE A 237 21.52 13.30 -28.93
C ILE A 237 21.35 11.81 -28.71
N VAL A 238 20.16 11.30 -29.00
CA VAL A 238 19.88 9.86 -28.93
C VAL A 238 19.35 9.40 -30.28
N GLN A 239 19.83 8.24 -30.72
CA GLN A 239 19.33 7.60 -31.92
C GLN A 239 18.22 6.63 -31.54
N SER A 240 17.07 6.76 -32.18
CA SER A 240 15.93 5.90 -31.93
C SER A 240 15.57 5.16 -33.22
N SER A 241 14.48 4.40 -33.16
CA SER A 241 13.96 3.76 -34.37
C SER A 241 13.24 4.76 -35.26
N THR A 242 12.88 5.93 -34.73
CA THR A 242 12.15 6.94 -35.49
C THR A 242 13.01 8.13 -35.88
N GLY A 243 14.27 8.18 -35.45
CA GLY A 243 15.17 9.25 -35.83
C GLY A 243 16.06 9.63 -34.68
N GLU A 244 16.68 10.80 -34.81
CA GLU A 244 17.63 11.34 -33.84
C GLU A 244 16.98 12.48 -33.09
N TYR A 245 17.02 12.44 -31.76
CA TYR A 245 16.31 13.38 -30.92
C TYR A 245 17.25 14.04 -29.93
N VAL A 246 17.07 15.34 -29.72
CA VAL A 246 17.83 16.08 -28.73
C VAL A 246 17.28 15.75 -27.34
N VAL A 247 18.18 15.41 -26.42
CA VAL A 247 17.81 15.10 -25.04
C VAL A 247 18.56 16.06 -24.12
N MET A 248 17.83 16.69 -23.21
CA MET A 248 18.42 17.54 -22.18
C MET A 248 18.47 16.76 -20.88
N THR A 249 19.66 16.65 -20.31
CA THR A 249 19.90 15.72 -19.21
C THR A 249 20.34 16.47 -17.97
N THR A 250 19.81 16.07 -16.82
CA THR A 250 20.23 16.61 -15.53
C THR A 250 20.36 15.44 -14.56
N HIS A 251 21.57 15.23 -14.04
CA HIS A 251 21.84 14.16 -13.10
C HIS A 251 21.96 14.77 -11.71
N PHE A 252 21.16 14.27 -10.78
CA PHE A 252 21.22 14.70 -9.38
C PHE A 252 22.03 13.68 -8.60
N HIS A 253 23.13 14.12 -8.02
CA HIS A 253 24.06 13.22 -7.33
C HIS A 253 23.65 13.09 -5.87
N LEU A 254 23.34 11.87 -5.44
CA LEU A 254 22.85 11.59 -4.11
C LEU A 254 23.79 10.62 -3.41
N LYS A 255 24.01 10.86 -2.11
CA LYS A 255 24.85 9.99 -1.30
C LYS A 255 24.05 9.55 -0.08
N ARG A 256 23.93 8.25 0.11
CA ARG A 256 23.13 7.71 1.20
C ARG A 256 23.77 8.03 2.55
N LYS A 257 22.94 8.37 3.53
CA LYS A 257 23.42 8.57 4.89
C LYS A 257 23.75 7.23 5.53
N ILE A 258 24.83 7.21 6.31
CA ILE A 258 25.34 5.97 6.88
C ILE A 258 25.06 5.84 8.38
N GLY A 259 24.87 6.96 9.09
CA GLY A 259 24.78 6.89 10.54
C GLY A 259 23.64 6.06 11.06
N TYR A 260 22.53 6.00 10.32
CA TYR A 260 21.40 5.21 10.77
C TYR A 260 21.73 3.73 10.82
N PHE A 261 22.42 3.22 9.80
CA PHE A 261 22.76 1.81 9.73
C PHE A 261 23.88 1.43 10.69
N VAL A 262 24.71 2.38 11.10
CA VAL A 262 25.72 2.11 12.12
C VAL A 262 25.04 1.85 13.47
N ILE A 263 24.10 2.72 13.84
CA ILE A 263 23.43 2.58 15.13
C ILE A 263 22.50 1.37 15.14
N GLN A 264 21.80 1.12 14.03
CA GLN A 264 20.76 0.11 14.03
C GLN A 264 21.28 -1.29 13.68
N THR A 265 22.22 -1.39 12.75
CA THR A 265 22.65 -2.69 12.23
C THR A 265 24.09 -3.02 12.60
N TYR A 266 25.04 -2.17 12.25
CA TYR A 266 26.45 -2.55 12.37
C TYR A 266 26.87 -2.68 13.83
N LEU A 267 26.55 -1.68 14.66
CA LEU A 267 26.94 -1.73 16.06
C LEU A 267 26.30 -2.88 16.82
N PRO A 268 24.99 -3.15 16.70
CA PRO A 268 24.45 -4.36 17.35
C PRO A 268 25.07 -5.65 16.84
N CYS A 269 25.39 -5.72 15.55
CA CYS A 269 26.04 -6.93 15.02
C CYS A 269 27.45 -7.08 15.56
N ILE A 270 28.20 -5.97 15.62
CA ILE A 270 29.56 -6.03 16.17
C ILE A 270 29.53 -6.40 17.64
N MET A 271 28.60 -5.83 18.40
CA MET A 271 28.50 -6.16 19.82
C MET A 271 28.02 -7.59 20.03
N THR A 272 27.17 -8.10 19.14
CA THR A 272 26.73 -9.49 19.25
C THR A 272 27.89 -10.45 19.01
N VAL A 273 28.75 -10.15 18.03
CA VAL A 273 29.93 -10.99 17.79
C VAL A 273 30.89 -10.90 18.95
N ILE A 274 31.09 -9.70 19.50
CA ILE A 274 31.95 -9.55 20.67
C ILE A 274 31.40 -10.37 21.83
N LEU A 275 30.08 -10.34 22.02
CA LEU A 275 29.46 -11.11 23.09
C LEU A 275 29.69 -12.61 22.90
N SER A 276 29.65 -13.08 21.65
CA SER A 276 29.90 -14.50 21.40
C SER A 276 31.32 -14.89 21.79
N GLN A 277 32.30 -14.03 21.51
CA GLN A 277 33.68 -14.28 21.89
C GLN A 277 33.94 -14.04 23.37
N VAL A 278 33.01 -13.38 24.06
CA VAL A 278 33.13 -13.22 25.51
C VAL A 278 33.07 -14.57 26.21
N SER A 279 32.33 -15.52 25.63
CA SER A 279 32.20 -16.84 26.24
C SER A 279 33.53 -17.58 26.32
N PHE A 280 34.53 -17.18 25.53
CA PHE A 280 35.84 -17.82 25.60
C PHE A 280 36.51 -17.60 26.95
N TRP A 281 36.15 -16.55 27.68
CA TRP A 281 36.75 -16.26 28.97
C TRP A 281 36.04 -16.96 30.13
N LEU A 282 34.92 -17.61 29.87
CA LEU A 282 34.24 -18.39 30.90
C LEU A 282 34.92 -19.75 31.06
N ASN A 283 34.91 -20.26 32.29
CA ASN A 283 35.55 -21.54 32.56
C ASN A 283 34.85 -22.65 31.77
N ARG A 284 35.66 -23.62 31.33
CA ARG A 284 35.17 -24.68 30.47
C ARG A 284 34.15 -25.57 31.15
N GLU A 285 34.11 -25.58 32.49
CA GLU A 285 33.18 -26.43 33.22
C GLU A 285 31.77 -25.90 33.21
N SER A 286 31.55 -24.64 32.82
CA SER A 286 30.22 -24.06 32.74
C SER A 286 29.58 -24.46 31.41
N VAL A 287 29.31 -25.75 31.28
CA VAL A 287 28.75 -26.27 30.03
C VAL A 287 27.37 -25.71 29.74
N PRO A 288 26.40 -25.71 30.67
CA PRO A 288 25.11 -25.07 30.35
C PRO A 288 25.24 -23.59 30.09
N ALA A 289 26.13 -22.90 30.80
CA ALA A 289 26.27 -21.46 30.63
C ALA A 289 26.84 -21.12 29.26
N ARG A 290 27.93 -21.79 28.87
CA ARG A 290 28.52 -21.52 27.57
C ARG A 290 27.73 -22.09 26.41
N THR A 291 26.78 -23.00 26.68
CA THR A 291 25.92 -23.51 25.60
C THR A 291 24.77 -22.56 25.32
N VAL A 292 24.10 -22.06 26.36
CA VAL A 292 23.05 -21.07 26.17
C VAL A 292 23.64 -19.76 25.67
N PHE A 293 24.88 -19.46 26.07
CA PHE A 293 25.58 -18.29 25.53
C PHE A 293 25.73 -18.42 24.02
N GLY A 294 26.10 -19.61 23.54
CA GLY A 294 26.29 -19.79 22.11
C GLY A 294 25.00 -19.68 21.31
N VAL A 295 23.98 -20.44 21.72
CA VAL A 295 22.77 -20.52 20.91
C VAL A 295 21.99 -19.22 20.95
N THR A 296 21.90 -18.58 22.12
CA THR A 296 21.15 -17.33 22.21
C THR A 296 21.82 -16.22 21.41
N THR A 297 23.15 -16.23 21.35
CA THR A 297 23.85 -15.29 20.48
C THR A 297 23.55 -15.58 19.01
N VAL A 298 23.40 -16.86 18.66
CA VAL A 298 22.99 -17.21 17.29
C VAL A 298 21.57 -16.75 17.03
N LEU A 299 20.67 -16.95 18.01
CA LEU A 299 19.29 -16.48 17.86
C LEU A 299 19.24 -14.96 17.76
N THR A 300 20.08 -14.28 18.53
CA THR A 300 20.16 -12.82 18.44
C THR A 300 20.64 -12.38 17.06
N MET A 301 21.66 -13.05 16.53
CA MET A 301 22.14 -12.72 15.18
C MET A 301 21.08 -13.01 14.13
N THR A 302 20.27 -14.06 14.34
CA THR A 302 19.16 -14.32 13.43
C THR A 302 18.15 -13.17 13.44
N THR A 303 17.84 -12.66 14.64
CA THR A 303 16.89 -11.55 14.74
C THR A 303 17.44 -10.30 14.06
N LEU A 304 18.71 -9.98 14.26
CA LEU A 304 19.30 -8.78 13.66
C LEU A 304 19.43 -8.93 12.16
N SER A 305 19.72 -10.14 11.67
CA SER A 305 19.86 -10.34 10.24
C SER A 305 18.55 -10.06 9.50
N ILE A 306 17.43 -10.54 10.05
CA ILE A 306 16.13 -10.30 9.43
C ILE A 306 15.74 -8.84 9.55
N SER A 307 15.99 -8.23 10.72
CA SER A 307 15.64 -6.83 10.93
C SER A 307 16.38 -5.92 9.96
N ALA A 308 17.67 -6.16 9.76
CA ALA A 308 18.45 -5.32 8.86
C ALA A 308 18.06 -5.54 7.41
N ARG A 309 17.58 -6.73 7.07
CA ARG A 309 17.18 -7.00 5.69
C ARG A 309 15.86 -6.32 5.34
N ASN A 310 15.03 -6.04 6.35
CA ASN A 310 13.76 -5.37 6.09
C ASN A 310 13.97 -3.95 5.58
N SER A 311 14.96 -3.24 6.12
CA SER A 311 15.19 -1.86 5.72
C SER A 311 15.55 -1.75 4.24
N LEU A 312 16.41 -2.64 3.77
CA LEU A 312 16.78 -2.64 2.36
C LEU A 312 15.59 -3.10 1.52
N PRO A 313 15.37 -2.49 0.35
CA PRO A 313 14.31 -2.99 -0.53
C PRO A 313 14.61 -4.40 -1.00
N LYS A 314 13.54 -5.13 -1.32
CA LYS A 314 13.68 -6.54 -1.65
C LYS A 314 14.35 -6.74 -3.00
N VAL A 315 15.67 -6.94 -2.99
CA VAL A 315 16.44 -7.31 -4.17
C VAL A 315 17.02 -8.69 -3.92
N ALA A 316 17.20 -9.44 -5.00
CA ALA A 316 17.65 -10.83 -4.92
C ALA A 316 19.14 -10.99 -5.13
N TYR A 317 19.93 -9.95 -4.87
CA TYR A 317 21.38 -10.05 -4.91
C TYR A 317 21.96 -9.54 -3.60
N ALA A 318 23.16 -9.99 -3.29
CA ALA A 318 23.79 -9.66 -2.02
C ALA A 318 24.37 -8.25 -2.05
N THR A 319 24.22 -7.55 -0.92
CA THR A 319 24.74 -6.22 -0.75
C THR A 319 25.86 -6.24 0.29
N ALA A 320 26.49 -5.09 0.49
CA ALA A 320 27.57 -4.99 1.47
C ALA A 320 27.08 -5.26 2.88
N MET A 321 25.81 -4.95 3.16
CA MET A 321 25.27 -5.25 4.48
C MET A 321 25.05 -6.75 4.66
N ASP A 322 24.66 -7.45 3.60
CA ASP A 322 24.49 -8.90 3.68
C ASP A 322 25.81 -9.59 3.98
N TRP A 323 26.89 -9.16 3.32
CA TRP A 323 28.19 -9.79 3.54
C TRP A 323 28.67 -9.57 4.97
N PHE A 324 28.46 -8.35 5.51
CA PHE A 324 28.87 -8.08 6.88
C PHE A 324 28.10 -8.94 7.87
N ILE A 325 26.79 -9.07 7.66
CA ILE A 325 25.97 -9.87 8.58
C ILE A 325 26.30 -11.36 8.43
N ALA A 326 26.53 -11.82 7.20
CA ALA A 326 26.87 -13.22 6.99
C ALA A 326 28.19 -13.57 7.66
N VAL A 327 29.19 -12.70 7.56
CA VAL A 327 30.44 -12.93 8.25
C VAL A 327 30.24 -12.88 9.76
N CYS A 328 29.44 -11.93 10.24
CA CYS A 328 29.09 -11.91 11.65
C CYS A 328 28.33 -13.17 12.05
N TYR A 329 27.49 -13.69 11.14
CA TYR A 329 26.81 -14.96 11.41
C TYR A 329 27.80 -16.10 11.56
N ALA A 330 28.83 -16.12 10.72
CA ALA A 330 29.81 -17.21 10.76
C ALA A 330 30.68 -17.12 12.01
N PHE A 331 31.02 -15.91 12.44
CA PHE A 331 31.81 -15.76 13.66
C PHE A 331 31.06 -16.24 14.89
N VAL A 332 29.76 -15.94 14.97
CA VAL A 332 28.95 -16.41 16.09
C VAL A 332 28.73 -17.91 16.00
N PHE A 333 28.52 -18.42 14.78
CA PHE A 333 28.40 -19.86 14.59
C PHE A 333 29.68 -20.58 14.99
N SER A 334 30.84 -20.03 14.63
CA SER A 334 32.11 -20.69 14.91
C SER A 334 32.46 -20.63 16.39
N ALA A 335 31.95 -19.64 17.11
CA ALA A 335 32.22 -19.56 18.54
C ALA A 335 31.58 -20.72 19.29
N LEU A 336 30.37 -21.13 18.87
CA LEU A 336 29.74 -22.29 19.49
C LEU A 336 30.44 -23.58 19.10
N ILE A 337 30.92 -23.66 17.86
CA ILE A 337 31.73 -24.80 17.44
C ILE A 337 33.02 -24.85 18.25
N GLU A 338 33.57 -23.69 18.61
CA GLU A 338 34.79 -23.67 19.41
C GLU A 338 34.59 -24.32 20.76
N PHE A 339 33.47 -24.01 21.43
CA PHE A 339 33.20 -24.61 22.73
C PHE A 339 32.89 -26.10 22.61
N ALA A 340 32.28 -26.51 21.49
CA ALA A 340 32.01 -27.93 21.30
C ALA A 340 33.31 -28.73 21.28
N THR A 341 34.34 -28.19 20.62
CA THR A 341 35.65 -28.84 20.66
C THR A 341 36.25 -28.78 22.05
N VAL A 342 36.14 -27.63 22.73
CA VAL A 342 36.67 -27.51 24.08
C VAL A 342 35.94 -28.45 25.03
N ASN A 343 34.61 -28.57 24.87
CA ASN A 343 33.84 -29.45 25.74
C ASN A 343 34.20 -30.92 25.51
N TYR A 344 34.67 -31.26 24.31
CA TYR A 344 35.04 -32.64 24.03
C TYR A 344 36.26 -33.07 24.83
N PHE A 345 37.15 -32.14 25.16
CA PHE A 345 38.39 -32.46 25.86
C PHE A 345 38.36 -32.05 27.33
N THR A 346 37.20 -31.65 27.85
CA THR A 346 37.06 -31.43 29.28
C THR A 346 36.83 -32.76 29.97
N LYS A 347 37.48 -32.95 31.13
CA LYS A 347 37.46 -34.23 31.83
C LYS A 347 36.65 -34.18 33.12
N ARG A 348 36.97 -33.26 34.02
CA ARG A 348 36.33 -33.21 35.33
C ARG A 348 35.08 -32.33 35.27
N GLY A 349 33.98 -32.84 35.84
CA GLY A 349 32.74 -32.10 35.83
C GLY A 349 32.71 -30.92 36.78
N TYR A 350 33.55 -30.94 37.80
CA TYR A 350 33.62 -29.85 38.77
C TYR A 350 34.62 -28.79 38.31
N ALA A 351 34.36 -27.56 38.72
CA ALA A 351 35.22 -26.43 38.39
C ALA A 351 36.18 -26.14 39.55
N TRP A 352 37.09 -25.21 39.31
CA TRP A 352 38.04 -24.81 40.34
C TRP A 352 37.32 -24.16 41.51
N ASP A 353 37.75 -24.50 42.71
CA ASP A 353 37.17 -23.97 43.95
C ASP A 353 38.10 -22.95 44.56
N GLY A 354 37.52 -21.89 45.13
CA GLY A 354 38.32 -20.80 45.66
C GLY A 354 39.21 -21.19 46.81
N LYS A 355 38.76 -22.13 47.65
CA LYS A 355 39.51 -22.49 48.84
C LYS A 355 40.78 -23.28 48.54
N SER A 356 40.98 -23.72 47.30
CA SER A 356 42.19 -24.43 46.93
C SER A 356 43.27 -23.46 46.44
N LYS A 419 42.86 -32.71 45.37
CA LYS A 419 42.08 -32.85 44.15
C LYS A 419 42.89 -32.41 42.93
N THR A 420 42.42 -32.80 41.75
CA THR A 420 43.01 -32.40 40.48
C THR A 420 41.96 -31.69 39.65
N PHE A 421 42.33 -30.54 39.10
CA PHE A 421 41.41 -29.67 38.38
C PHE A 421 41.81 -29.54 36.92
N ASN A 422 40.83 -29.23 36.09
CA ASN A 422 41.10 -29.02 34.68
C ASN A 422 41.97 -27.79 34.46
N SER A 423 42.71 -27.79 33.37
CA SER A 423 43.50 -26.63 32.97
C SER A 423 42.68 -25.74 32.05
N VAL A 424 43.16 -24.51 31.89
CA VAL A 424 42.55 -23.61 30.91
C VAL A 424 42.84 -24.15 29.51
N SER A 425 41.80 -24.32 28.72
CA SER A 425 41.93 -24.97 27.42
C SER A 425 42.86 -24.18 26.50
N LYS A 426 43.78 -24.88 25.85
CA LYS A 426 44.63 -24.24 24.85
C LYS A 426 43.80 -23.73 23.68
N ILE A 427 42.71 -24.43 23.35
CA ILE A 427 41.81 -23.92 22.32
C ILE A 427 41.14 -22.64 22.79
N ASP A 428 40.79 -22.56 24.07
CA ASP A 428 40.21 -21.34 24.62
C ASP A 428 41.22 -20.20 24.58
N ARG A 429 42.46 -20.45 25.02
CA ARG A 429 43.46 -19.39 25.06
C ARG A 429 43.81 -18.90 23.65
N LEU A 430 43.91 -19.83 22.69
CA LEU A 430 44.19 -19.42 21.32
C LEU A 430 43.01 -18.71 20.69
N SER A 431 41.78 -19.11 21.02
CA SER A 431 40.61 -18.40 20.50
C SER A 431 40.39 -17.07 21.17
N ARG A 432 40.94 -16.85 22.37
CA ARG A 432 40.87 -15.54 23.00
C ARG A 432 41.64 -14.49 22.22
N ILE A 433 42.51 -14.90 21.29
CA ILE A 433 43.28 -13.99 20.47
C ILE A 433 42.87 -14.08 19.00
N ALA A 434 42.70 -15.30 18.49
CA ALA A 434 42.42 -15.46 17.06
C ALA A 434 41.08 -14.86 16.68
N PHE A 435 40.03 -15.14 17.46
CA PHE A 435 38.71 -14.62 17.12
C PHE A 435 38.63 -13.10 17.17
N PRO A 436 39.07 -12.41 18.24
CA PRO A 436 39.06 -10.94 18.19
C PRO A 436 39.93 -10.37 17.08
N LEU A 437 41.07 -11.00 16.80
CA LEU A 437 41.96 -10.50 15.76
C LEU A 437 41.38 -10.71 14.37
N LEU A 438 40.78 -11.89 14.13
CA LEU A 438 40.22 -12.17 12.82
C LEU A 438 39.05 -11.24 12.50
N PHE A 439 38.22 -10.94 13.50
CA PHE A 439 37.11 -10.02 13.27
C PHE A 439 37.60 -8.59 13.08
N GLY A 440 38.66 -8.21 13.80
CA GLY A 440 39.26 -6.91 13.58
C GLY A 440 39.83 -6.78 12.18
N ILE A 441 40.49 -7.83 11.69
CA ILE A 441 41.02 -7.82 10.33
C ILE A 441 39.88 -7.71 9.31
N PHE A 442 38.79 -8.45 9.54
CA PHE A 442 37.64 -8.37 8.66
C PHE A 442 37.04 -6.97 8.66
N ASN A 443 36.92 -6.36 9.83
CA ASN A 443 36.40 -4.99 9.91
C ASN A 443 37.33 -4.01 9.19
N LEU A 444 38.64 -4.20 9.32
CA LEU A 444 39.58 -3.33 8.63
C LEU A 444 39.44 -3.45 7.11
N VAL A 445 39.29 -4.69 6.61
CA VAL A 445 39.14 -4.89 5.18
C VAL A 445 37.77 -4.43 4.70
N TYR A 446 36.72 -4.72 5.48
CA TYR A 446 35.37 -4.37 5.05
C TYR A 446 35.18 -2.86 4.97
N TRP A 447 35.63 -2.14 6.00
CA TRP A 447 35.44 -0.69 6.03
C TRP A 447 36.41 0.06 5.15
N ALA A 448 37.40 -0.61 4.57
CA ALA A 448 38.28 0.01 3.58
C ALA A 448 37.88 -0.31 2.16
N THR A 449 37.10 -1.36 1.94
CA THR A 449 36.65 -1.71 0.60
C THR A 449 35.57 -0.75 0.11
N TYR A 450 34.67 -0.33 1.00
CA TYR A 450 33.51 0.45 0.60
C TYR A 450 33.63 1.93 0.95
N LEU A 451 34.29 2.29 2.04
CA LEU A 451 34.44 3.70 2.40
C LEU A 451 35.48 4.40 1.54
N ASN A 452 36.52 3.70 1.11
CA ASN A 452 37.60 4.33 0.35
C ASN A 452 37.15 4.78 -1.03
N ARG A 453 36.09 4.17 -1.58
CA ARG A 453 35.62 4.50 -2.92
C ARG A 453 35.12 5.94 -2.99
N SER B 35 -38.34 34.16 -13.65
CA SER B 35 -38.59 34.79 -14.95
C SER B 35 -37.78 36.07 -15.09
N PHE B 36 -38.08 37.06 -14.24
CA PHE B 36 -37.28 38.28 -14.22
C PHE B 36 -35.85 37.99 -13.80
N VAL B 37 -35.66 37.05 -12.86
CA VAL B 37 -34.31 36.64 -12.48
C VAL B 37 -33.61 35.98 -13.65
N LYS B 38 -34.36 35.23 -14.47
CA LYS B 38 -33.75 34.55 -15.61
C LYS B 38 -33.18 35.55 -16.62
N GLU B 39 -33.92 36.63 -16.90
CA GLU B 39 -33.45 37.58 -17.90
C GLU B 39 -32.26 38.38 -17.42
N THR B 40 -32.20 38.69 -16.13
CA THR B 40 -31.07 39.46 -15.61
C THR B 40 -29.78 38.66 -15.72
N VAL B 41 -29.81 37.38 -15.36
CA VAL B 41 -28.61 36.55 -15.45
C VAL B 41 -28.15 36.41 -16.90
N ASP B 42 -29.10 36.23 -17.82
CA ASP B 42 -28.75 36.16 -19.24
C ASP B 42 -28.11 37.45 -19.71
N LYS B 43 -28.52 38.59 -19.16
CA LYS B 43 -27.92 39.86 -19.55
C LYS B 43 -26.53 40.02 -18.92
N LEU B 44 -26.37 39.59 -17.67
CA LEU B 44 -25.07 39.70 -17.02
C LEU B 44 -24.01 38.87 -17.74
N LEU B 45 -24.38 37.66 -18.16
CA LEU B 45 -23.45 36.75 -18.82
C LEU B 45 -23.31 37.02 -20.31
N LYS B 46 -24.10 37.93 -20.87
CA LYS B 46 -23.98 38.32 -22.27
C LYS B 46 -22.94 39.42 -22.37
N GLY B 47 -21.89 39.18 -23.15
CA GLY B 47 -20.80 40.12 -23.28
C GLY B 47 -19.72 39.99 -22.23
N TYR B 48 -19.90 39.11 -21.25
CA TYR B 48 -18.87 38.90 -20.24
C TYR B 48 -17.65 38.25 -20.88
N ASP B 49 -16.48 38.85 -20.69
CA ASP B 49 -15.24 38.34 -21.26
C ASP B 49 -14.42 37.70 -20.14
N ILE B 50 -14.35 36.37 -20.15
CA ILE B 50 -13.63 35.64 -19.11
C ILE B 50 -12.12 35.92 -19.17
N ARG B 51 -11.62 36.38 -20.33
CA ARG B 51 -10.20 36.63 -20.48
C ARG B 51 -9.71 37.84 -19.71
N LEU B 52 -10.60 38.71 -19.25
CA LEU B 52 -10.22 39.95 -18.59
C LEU B 52 -10.62 39.92 -17.12
N ARG B 53 -9.72 40.39 -16.27
CA ARG B 53 -9.98 40.51 -14.84
C ARG B 53 -10.90 41.70 -14.58
N PRO B 54 -11.57 41.71 -13.42
CA PRO B 54 -12.31 42.91 -13.02
C PRO B 54 -11.36 44.09 -12.84
N ASP B 55 -11.83 45.27 -13.23
CA ASP B 55 -11.01 46.48 -13.25
C ASP B 55 -9.72 46.23 -14.04
N PHE B 56 -9.90 45.73 -15.26
CA PHE B 56 -8.77 45.22 -16.04
C PHE B 56 -7.72 46.30 -16.28
N GLY B 57 -8.15 47.50 -16.66
CA GLY B 57 -7.22 48.57 -16.92
C GLY B 57 -6.89 49.46 -15.74
N GLY B 58 -7.37 49.13 -14.54
CA GLY B 58 -7.20 50.01 -13.41
C GLY B 58 -6.56 49.35 -12.20
N PRO B 59 -7.13 49.60 -11.03
CA PRO B 59 -6.51 49.11 -9.79
C PRO B 59 -6.56 47.60 -9.73
N PRO B 60 -5.64 46.97 -8.99
CA PRO B 60 -5.68 45.51 -8.85
C PRO B 60 -6.94 45.07 -8.13
N VAL B 61 -7.46 43.91 -8.55
CA VAL B 61 -8.61 43.32 -7.88
C VAL B 61 -8.16 42.72 -6.55
N CYS B 62 -8.88 43.05 -5.49
CA CYS B 62 -8.51 42.64 -4.14
C CYS B 62 -9.29 41.39 -3.77
N VAL B 63 -8.59 40.26 -3.71
CA VAL B 63 -9.21 38.96 -3.46
C VAL B 63 -9.06 38.63 -1.97
N GLY B 64 -10.20 38.41 -1.30
CA GLY B 64 -10.20 38.01 0.10
C GLY B 64 -10.46 36.53 0.22
N MET B 65 -9.76 35.89 1.16
CA MET B 65 -9.77 34.44 1.25
C MET B 65 -10.13 33.98 2.65
N ASN B 66 -11.07 33.06 2.74
CA ASN B 66 -11.42 32.35 3.97
C ASN B 66 -11.13 30.87 3.78
N ILE B 67 -10.79 30.20 4.88
CA ILE B 67 -10.57 28.75 4.87
C ILE B 67 -11.30 28.15 6.05
N ASP B 68 -12.07 27.11 5.81
CA ASP B 68 -12.72 26.32 6.85
C ASP B 68 -12.16 24.91 6.74
N ILE B 69 -11.25 24.56 7.65
CA ILE B 69 -10.52 23.31 7.56
C ILE B 69 -11.41 22.18 8.08
N ALA B 70 -11.82 21.29 7.18
CA ALA B 70 -12.67 20.17 7.58
C ALA B 70 -11.90 19.17 8.42
N SER B 71 -10.70 18.79 7.99
CA SER B 71 -9.92 17.78 8.70
C SER B 71 -8.47 17.84 8.24
N ILE B 72 -7.59 17.33 9.09
CA ILE B 72 -6.20 17.08 8.76
C ILE B 72 -5.92 15.61 9.02
N ASP B 73 -5.22 14.96 8.10
CA ASP B 73 -4.93 13.54 8.23
C ASP B 73 -3.67 13.19 7.46
N MET B 74 -3.14 12.01 7.75
CA MET B 74 -2.01 11.42 7.03
C MET B 74 -0.79 12.33 7.05
N VAL B 75 -0.43 12.78 8.25
CA VAL B 75 0.85 13.45 8.45
C VAL B 75 1.95 12.42 8.24
N SER B 76 2.72 12.58 7.18
CA SER B 76 3.69 11.57 6.75
C SER B 76 5.10 12.07 7.02
N GLU B 77 5.84 11.34 7.86
CA GLU B 77 7.25 11.65 8.07
C GLU B 77 8.09 11.14 6.91
N VAL B 78 7.73 9.97 6.36
CA VAL B 78 8.51 9.38 5.27
C VAL B 78 8.41 10.24 4.01
N ASN B 79 7.21 10.64 3.66
CA ASN B 79 7.00 11.49 2.48
C ASN B 79 7.12 12.97 2.79
N MET B 80 7.18 13.34 4.07
CA MET B 80 7.30 14.73 4.52
C MET B 80 6.19 15.60 3.93
N ASP B 81 4.95 15.19 4.20
CA ASP B 81 3.78 15.95 3.79
C ASP B 81 2.63 15.63 4.70
N TYR B 82 1.53 16.36 4.52
CA TYR B 82 0.30 16.14 5.26
C TYR B 82 -0.87 16.42 4.33
N THR B 83 -2.02 15.85 4.67
CA THR B 83 -3.23 15.99 3.87
C THR B 83 -4.30 16.69 4.69
N LEU B 84 -4.92 17.71 4.11
CA LEU B 84 -6.01 18.42 4.75
C LEU B 84 -7.15 18.64 3.77
N THR B 85 -8.37 18.59 4.28
CA THR B 85 -9.57 18.92 3.53
C THR B 85 -10.14 20.21 4.09
N MET B 86 -10.46 21.15 3.21
CA MET B 86 -10.86 22.48 3.64
C MET B 86 -11.91 23.04 2.71
N TYR B 87 -12.63 24.04 3.21
CA TYR B 87 -13.58 24.82 2.42
C TYR B 87 -12.88 26.13 2.04
N PHE B 88 -12.55 26.28 0.77
CA PHE B 88 -11.74 27.40 0.29
C PHE B 88 -12.67 28.42 -0.37
N GLN B 89 -12.77 29.61 0.22
CA GLN B 89 -13.63 30.67 -0.28
C GLN B 89 -12.80 31.85 -0.75
N GLN B 90 -13.12 32.37 -1.92
CA GLN B 90 -12.46 33.55 -2.48
C GLN B 90 -13.48 34.65 -2.68
N TYR B 91 -13.09 35.87 -2.29
CA TYR B 91 -13.98 37.03 -2.32
CA TYR B 91 -13.98 37.03 -2.31
C TYR B 91 -13.38 38.10 -3.21
N TRP B 92 -14.16 38.56 -4.19
CA TRP B 92 -13.71 39.66 -5.03
C TRP B 92 -14.93 40.33 -5.64
N ARG B 93 -14.74 41.56 -6.09
CA ARG B 93 -15.82 42.38 -6.63
C ARG B 93 -15.61 42.59 -8.12
N ASP B 94 -16.63 42.25 -8.91
CA ASP B 94 -16.63 42.47 -10.35
C ASP B 94 -17.87 43.27 -10.70
N LYS B 95 -17.69 44.52 -11.11
CA LYS B 95 -18.82 45.39 -11.42
C LYS B 95 -19.64 44.88 -12.60
N ARG B 96 -19.04 44.07 -13.47
CA ARG B 96 -19.77 43.51 -14.59
C ARG B 96 -20.85 42.52 -14.16
N LEU B 97 -20.82 42.07 -12.90
CA LEU B 97 -21.80 41.13 -12.37
C LEU B 97 -22.70 41.81 -11.33
N ALA B 98 -23.05 43.07 -11.58
CA ALA B 98 -23.95 43.81 -10.71
C ALA B 98 -25.37 43.76 -11.28
N TYR B 99 -26.34 43.50 -10.41
CA TYR B 99 -27.74 43.41 -10.81
C TYR B 99 -28.59 44.22 -9.85
N SER B 100 -29.65 44.81 -10.36
CA SER B 100 -30.54 45.66 -9.60
C SER B 100 -31.98 45.16 -9.71
N GLY B 101 -32.81 45.58 -8.77
CA GLY B 101 -34.18 45.14 -8.71
C GLY B 101 -34.40 43.77 -8.11
N ILE B 102 -33.34 43.10 -7.67
CA ILE B 102 -33.44 41.79 -7.05
C ILE B 102 -32.76 41.86 -5.69
N PRO B 103 -33.51 41.84 -4.58
CA PRO B 103 -32.90 41.93 -3.26
C PRO B 103 -32.26 40.64 -2.76
N LEU B 104 -32.06 39.66 -3.63
CA LEU B 104 -31.53 38.37 -3.26
C LEU B 104 -30.06 38.23 -3.66
N ASN B 105 -29.33 37.43 -2.90
CA ASN B 105 -27.98 37.01 -3.28
C ASN B 105 -28.11 35.77 -4.15
N LEU B 106 -27.85 35.93 -5.45
CA LEU B 106 -28.14 34.88 -6.42
C LEU B 106 -27.09 33.78 -6.32
N THR B 107 -27.46 32.66 -5.73
CA THR B 107 -26.64 31.46 -5.76
C THR B 107 -26.97 30.66 -7.02
N LEU B 108 -25.94 30.35 -7.80
CA LEU B 108 -26.13 29.73 -9.10
C LEU B 108 -25.54 28.33 -9.12
N ASP B 109 -25.86 27.60 -10.18
CA ASP B 109 -25.26 26.29 -10.41
C ASP B 109 -23.76 26.42 -10.58
N ASN B 110 -23.02 25.43 -10.08
CA ASN B 110 -21.55 25.51 -10.07
C ASN B 110 -20.98 25.65 -11.48
N ARG B 111 -21.69 25.16 -12.49
CA ARG B 111 -21.17 25.20 -13.85
C ARG B 111 -21.11 26.62 -14.42
N VAL B 112 -21.72 27.61 -13.76
CA VAL B 112 -21.58 28.98 -14.21
C VAL B 112 -20.19 29.52 -13.90
N ALA B 113 -19.48 28.91 -12.95
CA ALA B 113 -18.14 29.37 -12.61
C ALA B 113 -17.17 29.26 -13.78
N ASP B 114 -17.42 28.31 -14.69
CA ASP B 114 -16.56 28.18 -15.86
C ASP B 114 -16.76 29.31 -16.86
N GLN B 115 -17.85 30.06 -16.76
CA GLN B 115 -18.13 31.18 -17.64
C GLN B 115 -17.69 32.51 -17.06
N LEU B 116 -17.15 32.52 -15.85
CA LEU B 116 -16.73 33.75 -15.18
C LEU B 116 -15.23 33.74 -14.94
N TRP B 117 -14.67 34.94 -14.79
CA TRP B 117 -13.28 35.08 -14.41
C TRP B 117 -13.11 34.74 -12.93
N VAL B 118 -12.12 33.93 -12.62
CA VAL B 118 -11.79 33.60 -11.24
C VAL B 118 -10.28 33.80 -11.05
N PRO B 119 -9.81 34.06 -9.83
CA PRO B 119 -8.38 34.23 -9.62
C PRO B 119 -7.62 32.93 -9.90
N ASP B 120 -6.38 33.08 -10.37
CA ASP B 120 -5.53 31.95 -10.70
C ASP B 120 -4.74 31.49 -9.47
N THR B 121 -5.49 31.16 -8.43
CA THR B 121 -4.90 30.80 -7.14
C THR B 121 -4.42 29.36 -7.16
N TYR B 122 -3.18 29.15 -6.73
CA TYR B 122 -2.63 27.82 -6.59
C TYR B 122 -1.88 27.73 -5.27
N PHE B 123 -1.59 26.51 -4.85
CA PHE B 123 -0.88 26.25 -3.61
C PHE B 123 0.56 25.84 -3.93
N LEU B 124 1.52 26.54 -3.33
CA LEU B 124 2.92 26.34 -3.68
C LEU B 124 3.42 24.96 -3.29
N ASN B 125 3.19 24.57 -2.03
CA ASN B 125 3.68 23.30 -1.52
C ASN B 125 2.72 22.15 -1.74
N ASP B 126 1.79 22.29 -2.68
CA ASP B 126 0.80 21.27 -2.95
C ASP B 126 1.41 20.17 -3.83
N LYS B 127 1.41 18.94 -3.33
CA LYS B 127 1.89 17.81 -4.12
C LYS B 127 0.79 17.29 -5.06
N LYS B 128 -0.42 17.15 -4.53
CA LYS B 128 -1.52 16.57 -5.29
C LYS B 128 -2.82 16.96 -4.62
N SER B 129 -3.72 17.61 -5.36
CA SER B 129 -4.97 18.08 -4.82
C SER B 129 -6.08 17.92 -5.83
N PHE B 130 -7.31 17.84 -5.34
CA PHE B 130 -8.48 17.69 -6.20
C PHE B 130 -9.66 18.38 -5.55
N VAL B 131 -10.65 18.71 -6.36
CA VAL B 131 -11.95 19.19 -5.90
C VAL B 131 -12.91 18.02 -5.86
N HIS B 132 -13.56 17.83 -4.72
CA HIS B 132 -14.52 16.74 -4.59
C HIS B 132 -15.66 16.93 -5.58
N GLY B 133 -16.13 15.82 -6.14
CA GLY B 133 -17.10 15.89 -7.22
C GLY B 133 -18.30 14.97 -7.07
N VAL B 134 -18.71 14.70 -5.83
CA VAL B 134 -19.88 13.88 -5.55
C VAL B 134 -20.79 14.65 -4.60
N THR B 135 -22.07 14.76 -4.95
CA THR B 135 -22.71 14.21 -6.15
C THR B 135 -22.45 15.09 -7.37
N VAL B 136 -22.04 16.33 -7.12
CA VAL B 136 -21.58 17.25 -8.13
C VAL B 136 -20.26 17.85 -7.66
N LYS B 137 -19.64 18.63 -8.53
CA LYS B 137 -18.39 19.29 -8.17
C LYS B 137 -18.64 20.22 -6.98
N ASN B 138 -17.84 20.04 -5.93
CA ASN B 138 -18.02 20.78 -4.69
C ASN B 138 -17.56 22.22 -4.87
N ARG B 139 -18.33 22.99 -5.62
CA ARG B 139 -17.99 24.35 -5.98
C ARG B 139 -19.25 25.19 -5.97
N MET B 140 -19.14 26.43 -5.49
CA MET B 140 -20.29 27.32 -5.41
C MET B 140 -19.93 28.69 -5.97
N ILE B 141 -20.91 29.31 -6.62
CA ILE B 141 -20.83 30.70 -7.06
C ILE B 141 -22.06 31.42 -6.55
N ARG B 142 -21.84 32.52 -5.82
CA ARG B 142 -22.93 33.31 -5.27
C ARG B 142 -22.72 34.77 -5.66
N LEU B 143 -23.52 35.25 -6.59
CA LEU B 143 -23.47 36.66 -6.98
C LEU B 143 -24.13 37.52 -5.91
N HIS B 144 -23.72 38.79 -5.88
CA HIS B 144 -24.26 39.78 -4.97
C HIS B 144 -24.65 41.03 -5.76
N PRO B 145 -25.60 41.82 -5.24
CA PRO B 145 -26.08 42.98 -6.02
C PRO B 145 -25.00 43.98 -6.38
N ASP B 146 -23.99 44.16 -5.53
CA ASP B 146 -22.92 45.11 -5.80
C ASP B 146 -21.87 44.55 -6.75
N GLY B 147 -22.01 43.30 -7.20
CA GLY B 147 -21.02 42.66 -8.06
C GLY B 147 -20.07 41.73 -7.35
N THR B 148 -20.17 41.62 -6.02
CA THR B 148 -19.32 40.71 -5.27
C THR B 148 -19.56 39.27 -5.70
N VAL B 149 -18.47 38.53 -5.90
CA VAL B 149 -18.53 37.11 -6.25
C VAL B 149 -17.97 36.31 -5.08
N LEU B 150 -18.73 35.29 -4.66
CA LEU B 150 -18.27 34.35 -3.65
C LEU B 150 -18.00 33.02 -4.33
N TYR B 151 -16.74 32.63 -4.38
CA TYR B 151 -16.30 31.41 -5.06
C TYR B 151 -15.80 30.44 -4.00
N GLY B 152 -16.52 29.34 -3.81
CA GLY B 152 -16.19 28.36 -2.79
C GLY B 152 -15.72 27.06 -3.41
N LEU B 153 -14.76 26.42 -2.76
CA LEU B 153 -14.23 25.14 -3.21
C LEU B 153 -13.96 24.26 -2.00
N ARG B 154 -14.35 22.99 -2.09
CA ARG B 154 -13.98 21.99 -1.10
C ARG B 154 -12.82 21.19 -1.69
N ILE B 155 -11.64 21.36 -1.10
CA ILE B 155 -10.39 20.86 -1.67
C ILE B 155 -9.71 19.96 -0.66
N THR B 156 -9.24 18.81 -1.13
CA THR B 156 -8.34 17.96 -0.36
C THR B 156 -6.95 18.10 -0.96
N THR B 157 -5.98 18.52 -0.15
CA THR B 157 -4.65 18.86 -0.62
C THR B 157 -3.61 18.10 0.20
N THR B 158 -2.67 17.45 -0.50
CA THR B 158 -1.47 16.93 0.14
C THR B 158 -0.38 17.99 0.00
N ALA B 159 -0.02 18.61 1.12
CA ALA B 159 0.90 19.74 1.12
C ALA B 159 2.25 19.31 1.67
N ALA B 160 3.31 19.62 0.94
CA ALA B 160 4.66 19.29 1.37
C ALA B 160 5.13 20.20 2.48
N CYS B 161 5.84 19.63 3.46
CA CYS B 161 6.50 20.42 4.48
C CYS B 161 7.71 19.64 4.99
N MET B 162 8.90 20.21 4.84
CA MET B 162 10.11 19.59 5.35
C MET B 162 10.00 19.42 6.87
N MET B 163 10.36 18.22 7.35
CA MET B 163 10.26 17.89 8.76
C MET B 163 11.64 17.57 9.31
N ASP B 164 12.01 18.23 10.40
CA ASP B 164 13.25 17.94 11.11
C ASP B 164 12.91 16.95 12.22
N LEU B 165 13.22 15.67 11.99
CA LEU B 165 12.84 14.59 12.89
C LEU B 165 14.01 14.10 13.73
N ARG B 166 15.05 14.91 13.90
CA ARG B 166 16.18 14.50 14.73
C ARG B 166 15.82 14.43 16.20
N ARG B 167 14.67 14.98 16.60
CA ARG B 167 14.20 14.90 17.97
C ARG B 167 13.02 13.95 18.12
N TYR B 168 12.68 13.20 17.08
CA TYR B 168 11.60 12.23 17.15
C TYR B 168 11.87 11.23 18.28
N PRO B 169 10.87 10.91 19.11
CA PRO B 169 9.47 11.33 19.06
C PRO B 169 9.17 12.64 19.79
N LEU B 170 10.14 13.25 20.46
CA LEU B 170 9.93 14.52 21.15
C LEU B 170 10.15 15.71 20.21
N ASP B 171 9.49 15.68 19.06
CA ASP B 171 9.70 16.67 18.01
C ASP B 171 8.46 17.53 17.82
N GLU B 172 8.68 18.75 17.34
CA GLU B 172 7.61 19.69 17.05
C GLU B 172 7.79 20.17 15.62
N GLN B 173 6.72 20.13 14.83
CA GLN B 173 6.77 20.44 13.42
C GLN B 173 5.91 21.65 13.09
N ASN B 174 6.35 22.41 12.11
CA ASN B 174 5.65 23.59 11.61
C ASN B 174 5.40 23.39 10.12
N CYS B 175 4.22 22.88 9.78
CA CYS B 175 3.83 22.63 8.39
C CYS B 175 2.92 23.75 7.93
N THR B 176 3.19 24.26 6.73
CA THR B 176 2.53 25.46 6.23
C THR B 176 1.71 25.15 4.98
N LEU B 177 0.92 26.13 4.57
CA LEU B 177 0.22 26.12 3.29
C LEU B 177 0.40 27.48 2.65
N GLU B 178 0.89 27.50 1.42
CA GLU B 178 1.24 28.73 0.72
C GLU B 178 0.26 28.97 -0.41
N ILE B 179 -0.31 30.16 -0.46
CA ILE B 179 -1.31 30.54 -1.45
C ILE B 179 -0.75 31.67 -2.28
N GLU B 180 -0.79 31.50 -3.61
CA GLU B 180 -0.16 32.46 -4.52
C GLU B 180 -0.98 32.58 -5.78
N SER B 181 -0.68 33.62 -6.56
CA SER B 181 -1.24 33.82 -7.89
C SER B 181 -0.20 33.42 -8.92
N TYR B 182 -0.61 32.61 -9.90
CA TYR B 182 0.36 32.05 -10.83
C TYR B 182 0.86 33.09 -11.81
N GLY B 183 -0.02 33.95 -12.32
CA GLY B 183 0.36 34.82 -13.42
C GLY B 183 0.26 36.32 -13.16
N TYR B 184 -0.47 36.72 -12.13
CA TYR B 184 -0.70 38.13 -11.86
C TYR B 184 0.27 38.64 -10.81
N THR B 185 0.86 39.80 -11.06
CA THR B 185 1.69 40.47 -10.06
C THR B 185 0.80 41.23 -9.09
N THR B 186 1.44 41.95 -8.15
CA THR B 186 0.68 42.70 -7.17
C THR B 186 -0.01 43.93 -7.76
N ASP B 187 0.29 44.28 -9.01
CA ASP B 187 -0.38 45.37 -9.69
C ASP B 187 -1.71 44.98 -10.29
N ASP B 188 -2.04 43.69 -10.31
CA ASP B 188 -3.28 43.20 -10.90
C ASP B 188 -4.13 42.39 -9.93
N ILE B 189 -3.58 41.94 -8.81
CA ILE B 189 -4.34 41.13 -7.86
C ILE B 189 -3.77 41.36 -6.47
N GLU B 190 -4.65 41.29 -5.47
CA GLU B 190 -4.26 41.49 -4.08
C GLU B 190 -4.92 40.42 -3.23
N PHE B 191 -4.15 39.85 -2.29
CA PHE B 191 -4.63 38.80 -1.41
C PHE B 191 -4.67 39.33 0.01
N TYR B 192 -5.78 39.08 0.70
CA TYR B 192 -5.89 39.37 2.12
C TYR B 192 -6.74 38.30 2.78
N TRP B 193 -6.61 38.18 4.10
CA TRP B 193 -7.41 37.25 4.88
C TRP B 193 -8.69 37.95 5.31
N ARG B 194 -9.80 37.56 4.72
CA ARG B 194 -11.10 38.17 5.05
C ARG B 194 -11.49 37.80 6.48
N GLY B 195 -11.64 38.80 7.33
CA GLY B 195 -11.73 38.54 8.75
C GLY B 195 -10.36 38.18 9.28
N GLY B 196 -9.46 39.17 9.30
CA GLY B 196 -8.03 38.96 9.37
C GLY B 196 -7.51 37.86 10.27
N ASP B 197 -7.76 37.95 11.57
CA ASP B 197 -7.29 36.94 12.50
C ASP B 197 -8.24 35.75 12.62
N LYS B 198 -9.40 35.81 11.97
CA LYS B 198 -10.40 34.73 12.04
C LYS B 198 -10.73 34.16 10.67
N ALA B 199 -9.88 34.42 9.66
CA ALA B 199 -10.15 33.94 8.32
C ALA B 199 -10.07 32.42 8.20
N VAL B 200 -9.38 31.75 9.12
CA VAL B 200 -9.24 30.31 9.12
C VAL B 200 -9.95 29.77 10.36
N THR B 201 -10.90 28.86 10.15
CA THR B 201 -11.69 28.28 11.23
C THR B 201 -11.62 26.77 11.14
N GLY B 202 -12.03 26.12 12.24
CA GLY B 202 -12.04 24.67 12.31
C GLY B 202 -10.74 24.05 12.78
N VAL B 203 -9.70 24.83 13.03
CA VAL B 203 -8.43 24.29 13.49
C VAL B 203 -8.57 23.74 14.91
N GLU B 204 -9.34 24.43 15.75
CA GLU B 204 -9.46 24.04 17.15
C GLU B 204 -10.28 22.77 17.34
N ARG B 205 -11.02 22.32 16.34
CA ARG B 205 -11.79 21.09 16.44
C ARG B 205 -11.05 19.88 15.88
N ILE B 206 -9.90 20.07 15.26
CA ILE B 206 -9.18 18.97 14.64
C ILE B 206 -8.53 18.12 15.71
N GLU B 207 -8.77 16.80 15.65
CA GLU B 207 -8.18 15.84 16.58
C GLU B 207 -7.25 14.93 15.80
N LEU B 208 -5.95 15.05 16.05
CA LEU B 208 -4.94 14.19 15.46
C LEU B 208 -4.52 13.13 16.46
N PRO B 209 -4.55 11.85 16.08
CA PRO B 209 -4.16 10.80 17.03
C PRO B 209 -2.74 10.95 17.56
N GLN B 210 -1.82 11.40 16.71
CA GLN B 210 -0.41 11.44 17.08
C GLN B 210 0.09 12.84 17.44
N PHE B 211 -0.66 13.88 17.09
CA PHE B 211 -0.21 15.25 17.28
C PHE B 211 -1.26 16.05 18.03
N SER B 212 -0.84 17.23 18.51
CA SER B 212 -1.73 18.25 19.00
C SER B 212 -1.31 19.58 18.39
N ILE B 213 -2.29 20.34 17.89
CA ILE B 213 -2.00 21.60 17.22
C ILE B 213 -1.84 22.68 18.28
N VAL B 214 -0.59 23.10 18.51
CA VAL B 214 -0.32 24.10 19.54
C VAL B 214 -0.94 25.44 19.15
N GLU B 215 -0.71 25.88 17.91
CA GLU B 215 -1.27 27.13 17.42
C GLU B 215 -1.17 27.14 15.90
N HIS B 216 -1.77 28.17 15.31
CA HIS B 216 -1.64 28.42 13.88
C HIS B 216 -1.57 29.91 13.64
N ARG B 217 -0.90 30.29 12.55
CA ARG B 217 -0.72 31.69 12.21
C ARG B 217 -1.16 31.94 10.78
N LEU B 218 -1.68 33.15 10.55
CA LEU B 218 -2.03 33.62 9.22
C LEU B 218 -1.06 34.72 8.84
N VAL B 219 -0.40 34.56 7.69
CA VAL B 219 0.62 35.49 7.24
C VAL B 219 0.22 36.01 5.86
N SER B 220 0.24 37.32 5.70
CA SER B 220 0.00 37.98 4.43
C SER B 220 1.20 38.82 4.07
N ARG B 221 1.70 38.67 2.85
CA ARG B 221 2.89 39.40 2.42
C ARG B 221 2.95 39.37 0.89
N ASN B 222 3.89 40.14 0.36
CA ASN B 222 4.22 40.11 -1.06
C ASN B 222 5.68 39.70 -1.20
N VAL B 223 5.96 38.75 -2.07
CA VAL B 223 7.34 38.38 -2.37
C VAL B 223 7.87 39.35 -3.43
N VAL B 224 8.95 40.06 -3.10
CA VAL B 224 9.49 41.09 -3.96
C VAL B 224 10.60 40.50 -4.80
N PHE B 225 10.37 40.38 -6.10
CA PHE B 225 11.35 39.92 -7.06
C PHE B 225 11.67 41.03 -8.04
N ALA B 226 12.77 40.86 -8.77
CA ALA B 226 13.10 41.79 -9.84
C ALA B 226 12.06 41.74 -10.94
N THR B 227 11.54 40.55 -11.24
CA THR B 227 10.48 40.42 -12.23
C THR B 227 9.22 41.15 -11.77
N GLY B 228 8.87 41.05 -10.50
CA GLY B 228 7.72 41.75 -9.97
C GLY B 228 7.39 41.26 -8.59
N ALA B 229 6.43 41.94 -7.97
CA ALA B 229 5.94 41.59 -6.64
C ALA B 229 4.68 40.74 -6.78
N TYR B 230 4.66 39.61 -6.08
CA TYR B 230 3.55 38.68 -6.15
C TYR B 230 2.94 38.49 -4.78
N PRO B 231 1.61 38.53 -4.65
CA PRO B 231 0.99 38.32 -3.35
C PRO B 231 1.14 36.88 -2.89
N ARG B 232 1.21 36.70 -1.56
CA ARG B 232 1.25 35.36 -0.99
C ARG B 232 0.55 35.36 0.35
N LEU B 233 -0.29 34.35 0.57
CA LEU B 233 -0.92 34.10 1.86
C LEU B 233 -0.38 32.80 2.42
N SER B 234 -0.01 32.80 3.69
CA SER B 234 0.62 31.65 4.33
C SER B 234 -0.16 31.25 5.57
N LEU B 235 -0.62 30.00 5.60
CA LEU B 235 -1.25 29.40 6.76
C LEU B 235 -0.32 28.32 7.28
N SER B 236 0.03 28.40 8.56
CA SER B 236 0.99 27.49 9.16
C SER B 236 0.48 27.01 10.51
N PHE B 237 0.70 25.73 10.80
CA PHE B 237 0.36 25.14 12.09
C PHE B 237 1.63 24.65 12.77
N ARG B 238 1.61 24.64 14.10
CA ARG B 238 2.69 24.04 14.88
C ARG B 238 2.16 22.74 15.48
N LEU B 239 2.64 21.62 14.96
CA LEU B 239 2.19 20.29 15.36
C LEU B 239 3.16 19.72 16.38
N LYS B 240 2.65 19.36 17.55
CA LYS B 240 3.46 18.78 18.62
C LYS B 240 3.06 17.32 18.79
N ARG B 241 4.02 16.42 18.53
CA ARG B 241 3.75 14.99 18.64
C ARG B 241 3.47 14.60 20.09
N ASN B 242 2.52 13.71 20.28
CA ASN B 242 2.17 13.23 21.61
C ASN B 242 3.19 12.19 22.07
N ILE B 243 3.56 12.27 23.35
CA ILE B 243 4.61 11.43 23.90
C ILE B 243 4.09 10.21 24.65
N GLY B 244 2.80 10.18 25.00
CA GLY B 244 2.29 9.09 25.79
C GLY B 244 2.39 7.73 25.12
N TYR B 245 2.23 7.70 23.79
CA TYR B 245 2.32 6.44 23.06
C TYR B 245 3.72 5.84 23.18
N PHE B 246 4.75 6.65 22.93
CA PHE B 246 6.12 6.14 22.93
C PHE B 246 6.59 5.77 24.33
N ILE B 247 6.03 6.39 25.37
CA ILE B 247 6.33 5.96 26.72
C ILE B 247 5.86 4.53 26.94
N LEU B 248 4.67 4.20 26.45
CA LEU B 248 4.09 2.88 26.68
C LEU B 248 4.78 1.81 25.83
N GLN B 249 5.16 2.16 24.60
CA GLN B 249 5.63 1.18 23.64
C GLN B 249 7.15 1.08 23.55
N THR B 250 7.87 2.20 23.69
CA THR B 250 9.30 2.21 23.47
C THR B 250 10.12 2.45 24.73
N TYR B 251 9.73 3.40 25.58
CA TYR B 251 10.56 3.80 26.70
C TYR B 251 10.38 2.91 27.93
N MET B 252 9.14 2.66 28.33
CA MET B 252 8.90 1.80 29.50
C MET B 252 9.42 0.39 29.31
N PRO B 253 9.16 -0.31 28.19
CA PRO B 253 9.74 -1.66 28.05
C PRO B 253 11.25 -1.68 28.13
N SER B 254 11.91 -0.67 27.55
CA SER B 254 13.37 -0.63 27.57
C SER B 254 13.91 -0.44 28.98
N ILE B 255 13.25 0.41 29.77
CA ILE B 255 13.70 0.65 31.14
C ILE B 255 13.55 -0.59 31.99
N LEU B 256 12.43 -1.30 31.84
CA LEU B 256 12.18 -2.50 32.64
C LEU B 256 13.18 -3.60 32.32
N ILE B 257 13.54 -3.76 31.04
CA ILE B 257 14.51 -4.78 30.68
C ILE B 257 15.89 -4.41 31.21
N THR B 258 16.25 -3.12 31.15
CA THR B 258 17.54 -2.69 31.70
C THR B 258 17.62 -2.94 33.20
N ILE B 259 16.52 -2.71 33.92
CA ILE B 259 16.48 -3.02 35.34
C ILE B 259 16.61 -4.52 35.57
N LEU B 260 16.00 -5.32 34.69
CA LEU B 260 16.10 -6.77 34.82
C LEU B 260 17.54 -7.25 34.65
N SER B 261 18.31 -6.60 33.79
CA SER B 261 19.71 -6.98 33.62
C SER B 261 20.54 -6.71 34.87
N TRP B 262 20.06 -5.85 35.77
CA TRP B 262 20.77 -5.60 37.02
C TRP B 262 20.52 -6.67 38.06
N VAL B 263 19.56 -7.56 37.84
CA VAL B 263 19.25 -8.60 38.81
C VAL B 263 20.44 -9.54 38.99
N SER B 264 21.20 -9.78 37.91
CA SER B 264 22.33 -10.69 38.00
C SER B 264 23.38 -10.22 39.00
N PHE B 265 23.47 -8.91 39.22
CA PHE B 265 24.46 -8.38 40.16
C PHE B 265 24.18 -8.84 41.59
N TRP B 266 22.95 -9.21 41.91
CA TRP B 266 22.60 -9.78 43.20
C TRP B 266 22.63 -11.30 43.20
N ILE B 267 22.77 -11.92 42.04
CA ILE B 267 22.89 -13.37 41.96
C ILE B 267 24.32 -13.78 42.27
N ASN B 268 24.47 -14.93 42.92
CA ASN B 268 25.79 -15.41 43.31
C ASN B 268 26.66 -15.66 42.08
N TYR B 269 27.97 -15.39 42.23
CA TYR B 269 28.88 -15.51 41.11
C TYR B 269 29.01 -16.94 40.62
N ASP B 270 28.83 -17.92 41.52
CA ASP B 270 29.00 -19.32 41.17
C ASP B 270 27.83 -19.89 40.37
N ALA B 271 26.72 -19.15 40.27
CA ALA B 271 25.58 -19.58 39.45
C ALA B 271 25.78 -19.09 38.02
N SER B 272 26.68 -19.78 37.33
CA SER B 272 27.06 -19.37 35.97
C SER B 272 25.88 -19.50 35.01
N ALA B 273 25.12 -20.60 35.10
CA ALA B 273 24.03 -20.83 34.17
C ALA B 273 22.94 -19.78 34.33
N ALA B 274 22.63 -19.39 35.57
CA ALA B 274 21.57 -18.42 35.80
C ALA B 274 21.96 -17.03 35.31
N ARG B 275 23.17 -16.58 35.64
CA ARG B 275 23.57 -15.22 35.28
C ARG B 275 23.79 -15.09 33.77
N VAL B 276 24.36 -16.12 33.14
CA VAL B 276 24.53 -16.09 31.69
C VAL B 276 23.18 -16.11 30.99
N ALA B 277 22.27 -16.97 31.45
CA ALA B 277 20.94 -17.02 30.85
C ALA B 277 20.19 -15.71 31.04
N LEU B 278 20.26 -15.14 32.25
CA LEU B 278 19.64 -13.85 32.48
C LEU B 278 20.29 -12.75 31.65
N GLY B 279 21.62 -12.76 31.55
CA GLY B 279 22.32 -11.73 30.80
C GLY B 279 22.03 -11.77 29.31
N ILE B 280 22.07 -12.96 28.72
CA ILE B 280 21.92 -13.06 27.27
C ILE B 280 20.46 -13.01 26.84
N THR B 281 19.52 -13.38 27.72
CA THR B 281 18.12 -13.29 27.36
C THR B 281 17.64 -11.84 27.38
N THR B 282 18.17 -11.02 28.28
CA THR B 282 17.86 -9.59 28.24
C THR B 282 18.42 -8.92 27.00
N VAL B 283 19.58 -9.37 26.53
CA VAL B 283 20.13 -8.84 25.27
C VAL B 283 19.23 -9.22 24.11
N LEU B 284 18.76 -10.46 24.08
CA LEU B 284 17.81 -10.87 23.04
C LEU B 284 16.48 -10.15 23.20
N THR B 285 16.02 -9.96 24.44
CA THR B 285 14.79 -9.22 24.68
C THR B 285 14.92 -7.78 24.20
N MET B 286 16.05 -7.14 24.48
CA MET B 286 16.28 -5.79 23.98
C MET B 286 16.35 -5.76 22.46
N THR B 287 16.93 -6.79 21.86
CA THR B 287 16.98 -6.87 20.40
C THR B 287 15.59 -7.01 19.81
N THR B 288 14.73 -7.80 20.45
CA THR B 288 13.36 -7.96 19.97
C THR B 288 12.60 -6.64 20.02
N ILE B 289 12.79 -5.88 21.08
CA ILE B 289 12.12 -4.58 21.20
C ILE B 289 12.54 -3.65 20.06
N ASN B 290 13.85 -3.55 19.83
CA ASN B 290 14.35 -2.67 18.77
C ASN B 290 13.86 -3.12 17.40
N THR B 291 13.89 -4.43 17.14
CA THR B 291 13.42 -4.95 15.87
C THR B 291 11.92 -4.69 15.69
N HIS B 292 11.15 -4.81 16.76
CA HIS B 292 9.72 -4.55 16.69
C HIS B 292 9.44 -3.09 16.38
N LEU B 293 10.17 -2.17 17.01
CA LEU B 293 9.97 -0.75 16.75
C LEU B 293 10.38 -0.38 15.33
N ARG B 294 11.47 -0.97 14.84
CA ARG B 294 11.95 -0.67 13.49
C ARG B 294 10.94 -1.07 12.43
N GLU B 295 10.01 -1.98 12.75
CA GLU B 295 9.00 -2.42 11.81
C GLU B 295 7.68 -1.66 11.95
N THR B 296 7.35 -1.20 13.15
CA THR B 296 6.09 -0.49 13.37
C THR B 296 6.23 1.02 13.18
N LEU B 297 7.37 1.59 13.54
CA LEU B 297 7.58 3.02 13.37
C LEU B 297 7.88 3.34 11.91
N PRO B 298 7.62 4.58 11.48
CA PRO B 298 7.92 4.96 10.10
C PRO B 298 9.40 4.91 9.80
N LYS B 299 9.72 4.61 8.54
CA LYS B 299 11.10 4.45 8.10
C LYS B 299 11.74 5.81 7.94
N ILE B 300 12.53 6.22 8.93
CA ILE B 300 13.26 7.48 8.86
C ILE B 300 14.75 7.15 8.96
N PRO B 301 15.44 6.95 7.83
CA PRO B 301 16.81 6.41 7.85
C PRO B 301 17.87 7.45 8.24
N TYR B 302 17.72 8.02 9.43
CA TYR B 302 18.82 8.74 10.06
C TYR B 302 18.60 8.73 11.57
N VAL B 303 19.65 9.07 12.30
CA VAL B 303 19.64 8.91 13.75
C VAL B 303 18.68 9.90 14.38
N LYS B 304 17.78 9.38 15.21
CA LYS B 304 16.77 10.17 15.90
C LYS B 304 17.00 10.07 17.40
N ALA B 305 16.16 10.79 18.16
CA ALA B 305 16.27 10.75 19.61
C ALA B 305 15.93 9.36 20.15
N ILE B 306 14.94 8.70 19.55
CA ILE B 306 14.55 7.36 19.99
C ILE B 306 15.67 6.36 19.70
N ASP B 307 16.40 6.54 18.60
CA ASP B 307 17.52 5.65 18.30
C ASP B 307 18.62 5.80 19.34
N MET B 308 18.87 7.02 19.81
CA MET B 308 19.88 7.24 20.83
C MET B 308 19.52 6.51 22.13
N TYR B 309 18.23 6.48 22.47
CA TYR B 309 17.82 5.83 23.71
C TYR B 309 17.92 4.32 23.60
N LEU B 310 17.45 3.74 22.49
CA LEU B 310 17.48 2.29 22.33
C LEU B 310 18.89 1.76 22.30
N MET B 311 19.80 2.46 21.60
CA MET B 311 21.20 2.06 21.58
C MET B 311 21.81 2.16 22.98
N GLY B 312 21.48 3.21 23.72
CA GLY B 312 21.99 3.34 25.07
C GLY B 312 21.52 2.22 25.98
N CYS B 313 20.25 1.84 25.87
CA CYS B 313 19.75 0.72 26.65
C CYS B 313 20.40 -0.60 26.22
N PHE B 314 20.62 -0.77 24.93
CA PHE B 314 21.30 -1.98 24.44
C PHE B 314 22.72 -2.05 24.97
N VAL B 315 23.40 -0.91 25.12
CA VAL B 315 24.75 -0.90 25.67
C VAL B 315 24.73 -1.30 27.13
N PHE B 316 23.74 -0.81 27.89
CA PHE B 316 23.71 -1.09 29.33
C PHE B 316 23.51 -2.58 29.62
N VAL B 317 22.62 -3.23 28.89
CA VAL B 317 22.45 -4.67 29.07
C VAL B 317 23.66 -5.42 28.52
N PHE B 318 24.33 -4.85 27.51
CA PHE B 318 25.56 -5.44 27.00
C PHE B 318 26.63 -5.47 28.07
N LEU B 319 26.78 -4.37 28.83
CA LEU B 319 27.81 -4.30 29.85
C LEU B 319 27.46 -5.13 31.08
N ALA B 320 26.16 -5.32 31.34
CA ALA B 320 25.76 -6.15 32.47
C ALA B 320 26.18 -7.60 32.27
N LEU B 321 26.00 -8.14 31.05
CA LEU B 321 26.48 -9.47 30.74
C LEU B 321 28.00 -9.51 30.69
N LEU B 322 28.62 -8.46 30.14
CA LEU B 322 30.07 -8.36 30.14
C LEU B 322 30.62 -8.25 31.55
N GLU B 323 29.82 -7.73 32.50
CA GLU B 323 30.28 -7.60 33.86
C GLU B 323 30.54 -8.96 34.50
N TYR B 324 29.64 -9.92 34.28
CA TYR B 324 29.82 -11.25 34.87
C TYR B 324 31.03 -11.96 34.26
N ALA B 325 31.34 -11.69 32.99
CA ALA B 325 32.52 -12.28 32.37
C ALA B 325 33.78 -11.89 33.13
N PHE B 326 33.90 -10.61 33.50
CA PHE B 326 34.98 -10.20 34.38
C PHE B 326 34.89 -10.89 35.73
N VAL B 327 33.68 -11.00 36.27
CA VAL B 327 33.49 -11.66 37.56
C VAL B 327 33.91 -13.12 37.48
N ASN B 328 33.49 -13.81 36.42
CA ASN B 328 33.83 -15.22 36.26
C ASN B 328 35.31 -15.42 35.98
N TYR B 329 35.89 -14.57 35.11
CA TYR B 329 37.30 -14.74 34.75
C TYR B 329 38.24 -14.39 35.89
N ILE B 330 37.86 -13.42 36.73
CA ILE B 330 38.71 -13.07 37.86
C ILE B 330 38.79 -14.25 38.84
N PHE B 331 37.70 -14.99 38.99
CA PHE B 331 37.68 -16.11 39.91
C PHE B 331 38.32 -17.36 39.29
N PHE B 332 37.80 -17.81 38.16
CA PHE B 332 38.23 -19.07 37.56
C PHE B 332 39.41 -18.91 36.61
N GLY B 333 39.83 -17.70 36.29
CA GLY B 333 40.95 -17.51 35.38
C GLY B 333 42.24 -17.09 36.08
N ARG B 334 42.12 -16.20 37.06
CA ARG B 334 43.27 -15.70 37.80
C ARG B 334 43.23 -16.04 39.28
N GLY B 335 42.18 -16.69 39.76
CA GLY B 335 42.10 -17.13 41.13
C GLY B 335 43.15 -18.15 41.52
N PRO B 336 43.36 -19.19 40.69
CA PRO B 336 44.44 -20.15 41.00
C PRO B 336 45.80 -19.51 41.09
N GLN B 337 46.21 -18.74 40.09
CA GLN B 337 47.55 -18.15 40.08
C GLN B 337 47.74 -17.18 41.23
N ARG B 338 46.75 -16.33 41.47
CA ARG B 338 46.77 -15.29 42.52
C ARG B 338 48.13 -14.61 42.67
N THR B 443 40.81 -8.50 42.30
CA THR B 443 41.30 -9.24 43.47
C THR B 443 40.15 -9.92 44.19
N ASP B 444 39.11 -9.16 44.49
CA ASP B 444 37.93 -9.66 45.18
C ASP B 444 36.80 -9.80 44.16
N VAL B 445 36.25 -11.01 44.04
CA VAL B 445 35.16 -11.24 43.10
C VAL B 445 33.90 -10.52 43.55
N ASN B 446 33.63 -10.50 44.86
CA ASN B 446 32.47 -9.81 45.38
C ASN B 446 32.55 -8.30 45.21
N ALA B 447 33.76 -7.75 45.12
CA ALA B 447 33.91 -6.31 44.97
C ALA B 447 33.32 -5.83 43.64
N ILE B 448 33.55 -6.57 42.56
CA ILE B 448 33.05 -6.15 41.26
C ILE B 448 31.53 -6.16 41.24
N ASP B 449 30.91 -7.12 41.92
CA ASP B 449 29.45 -7.17 41.98
C ASP B 449 28.89 -6.00 42.78
N ARG B 450 29.44 -5.76 43.97
CA ARG B 450 28.94 -4.68 44.81
C ARG B 450 29.13 -3.32 44.14
N TRP B 451 30.28 -3.11 43.50
CA TRP B 451 30.50 -1.88 42.75
C TRP B 451 29.53 -1.76 41.58
N SER B 452 29.13 -2.89 40.99
CA SER B 452 28.19 -2.86 39.88
C SER B 452 26.76 -2.58 40.33
N ARG B 453 26.42 -2.94 41.57
CA ARG B 453 25.07 -2.70 42.07
C ARG B 453 24.78 -1.22 42.25
N ILE B 454 25.81 -0.39 42.36
CA ILE B 454 25.64 1.05 42.54
C ILE B 454 25.83 1.81 41.23
N VAL B 455 26.85 1.43 40.46
CA VAL B 455 27.22 2.22 39.28
C VAL B 455 26.17 2.07 38.19
N PHE B 456 25.73 0.85 37.91
CA PHE B 456 24.78 0.63 36.81
C PHE B 456 23.46 1.35 37.02
N PRO B 457 22.81 1.30 38.18
CA PRO B 457 21.61 2.14 38.37
C PRO B 457 21.93 3.63 38.34
N PHE B 458 23.07 4.04 38.91
CA PHE B 458 23.44 5.44 38.93
C PHE B 458 23.69 5.97 37.52
N THR B 459 24.41 5.20 36.70
CA THR B 459 24.74 5.64 35.35
C THR B 459 23.51 5.67 34.45
N PHE B 460 22.58 4.72 34.63
CA PHE B 460 21.38 4.72 33.82
C PHE B 460 20.50 5.92 34.14
N SER B 461 20.39 6.27 35.42
CA SER B 461 19.70 7.50 35.79
C SER B 461 20.47 8.72 35.29
N LEU B 462 21.79 8.68 35.38
CA LEU B 462 22.61 9.75 34.81
C LEU B 462 22.41 9.85 33.30
N PHE B 463 22.35 8.69 32.62
CA PHE B 463 22.04 8.68 31.21
C PHE B 463 20.63 9.21 30.95
N ASN B 464 19.67 8.81 31.77
CA ASN B 464 18.30 9.31 31.62
C ASN B 464 18.22 10.80 31.87
N LEU B 465 18.91 11.29 32.91
CA LEU B 465 18.83 12.70 33.25
C LEU B 465 19.37 13.57 32.11
N VAL B 466 20.49 13.17 31.52
CA VAL B 466 21.05 13.93 30.40
C VAL B 466 20.15 13.83 29.17
N TYR B 467 19.62 12.62 28.91
CA TYR B 467 18.80 12.43 27.72
C TYR B 467 17.55 13.28 27.74
N TRP B 468 16.86 13.30 28.89
CA TRP B 468 15.58 14.01 28.96
C TRP B 468 15.79 15.53 29.01
N LEU B 469 16.86 15.99 29.66
CA LEU B 469 17.16 17.42 29.64
C LEU B 469 17.52 17.88 28.24
N TYR B 470 18.27 17.06 27.49
CA TYR B 470 18.70 17.43 26.15
C TYR B 470 17.55 17.48 25.16
N TYR B 471 16.44 16.79 25.44
CA TYR B 471 15.33 16.70 24.51
C TYR B 471 14.03 17.29 25.04
N VAL B 472 13.99 17.72 26.29
CA VAL B 472 12.81 18.38 26.84
C VAL B 472 13.19 19.70 27.48
N ASP C 65 -43.75 10.89 -30.21
CA ASP C 65 -44.64 11.54 -29.27
C ASP C 65 -43.91 11.89 -27.98
N VAL C 66 -43.02 10.98 -27.55
CA VAL C 66 -42.23 11.24 -26.37
C VAL C 66 -41.04 12.13 -26.68
N THR C 67 -40.57 12.10 -27.94
CA THR C 67 -39.49 13.01 -28.34
C THR C 67 -39.94 14.46 -28.26
N VAL C 68 -41.18 14.74 -28.69
CA VAL C 68 -41.70 16.11 -28.63
C VAL C 68 -41.80 16.57 -27.19
N ILE C 69 -42.27 15.71 -26.30
CA ILE C 69 -42.42 16.08 -24.89
C ILE C 69 -41.07 16.42 -24.28
N LEU C 70 -40.05 15.61 -24.56
CA LEU C 70 -38.71 15.87 -24.01
C LEU C 70 -38.13 17.17 -24.55
N ASN C 71 -38.31 17.42 -25.86
CA ASN C 71 -37.78 18.65 -26.45
C ASN C 71 -38.46 19.89 -25.89
N ASN C 72 -39.77 19.84 -25.70
CA ASN C 72 -40.50 21.01 -25.22
C ASN C 72 -40.16 21.33 -23.76
N LEU C 73 -39.85 20.32 -22.96
CA LEU C 73 -39.52 20.57 -21.56
C LEU C 73 -38.25 21.40 -21.42
N LEU C 74 -37.24 21.13 -22.26
CA LEU C 74 -35.96 21.83 -22.16
C LEU C 74 -35.94 23.12 -22.97
N GLU C 75 -36.99 23.43 -23.73
CA GLU C 75 -37.04 24.68 -24.46
C GLU C 75 -37.29 25.83 -23.49
N GLY C 76 -36.42 26.83 -23.52
CA GLY C 76 -36.50 27.93 -22.57
C GLY C 76 -36.27 27.48 -21.14
N TYR C 77 -35.29 26.62 -20.91
CA TYR C 77 -34.98 26.09 -19.59
C TYR C 77 -33.58 26.53 -19.20
N ASP C 78 -33.41 26.91 -17.94
CA ASP C 78 -32.11 27.32 -17.39
C ASP C 78 -31.79 26.43 -16.21
N ASN C 79 -30.90 25.47 -16.42
CA ASN C 79 -30.50 24.55 -15.35
C ASN C 79 -29.66 25.22 -14.28
N LYS C 80 -29.23 26.45 -14.49
CA LYS C 80 -28.44 27.19 -13.51
C LYS C 80 -29.31 27.90 -12.47
N LEU C 81 -30.62 27.79 -12.57
CA LEU C 81 -31.54 28.45 -11.65
C LEU C 81 -32.27 27.41 -10.81
N ARG C 82 -32.28 27.63 -9.50
CA ARG C 82 -33.01 26.75 -8.60
C ARG C 82 -34.51 26.89 -8.86
N PRO C 83 -35.26 25.78 -8.78
CA PRO C 83 -36.73 25.88 -8.90
C PRO C 83 -37.29 26.78 -7.80
N ASP C 84 -38.15 27.72 -8.21
CA ASP C 84 -38.68 28.75 -7.32
C ASP C 84 -37.55 29.47 -6.60
N ILE C 85 -36.66 30.08 -7.42
CA ILE C 85 -35.42 30.63 -6.88
C ILE C 85 -35.71 31.82 -5.97
N GLY C 86 -36.70 32.63 -6.30
CA GLY C 86 -37.04 33.77 -5.47
C GLY C 86 -38.46 33.69 -4.92
N VAL C 87 -38.92 32.48 -4.63
CA VAL C 87 -40.28 32.27 -4.15
C VAL C 87 -40.24 31.58 -2.79
N LYS C 88 -39.69 30.37 -2.75
CA LYS C 88 -39.68 29.56 -1.54
C LYS C 88 -38.52 28.58 -1.62
N PRO C 89 -38.09 28.02 -0.49
CA PRO C 89 -37.05 26.99 -0.53
C PRO C 89 -37.50 25.77 -1.32
N THR C 90 -36.55 25.15 -2.00
CA THR C 90 -36.81 23.90 -2.70
C THR C 90 -36.72 22.75 -1.72
N LEU C 91 -37.80 22.00 -1.56
CA LEU C 91 -37.85 20.89 -0.61
C LEU C 91 -37.43 19.61 -1.34
N ILE C 92 -36.42 18.94 -0.81
CA ILE C 92 -35.87 17.73 -1.42
C ILE C 92 -36.05 16.58 -0.45
N HIS C 93 -36.75 15.55 -0.88
CA HIS C 93 -36.95 14.34 -0.09
C HIS C 93 -35.90 13.32 -0.47
N THR C 94 -35.15 12.82 0.51
CA THR C 94 -34.01 11.97 0.28
C THR C 94 -34.26 10.57 0.81
N ASP C 95 -33.86 9.58 0.02
CA ASP C 95 -33.96 8.18 0.38
C ASP C 95 -32.62 7.51 0.10
N MET C 96 -32.21 6.62 1.00
CA MET C 96 -30.91 5.97 0.89
C MET C 96 -31.06 4.46 1.10
N TYR C 97 -30.42 3.68 0.24
CA TYR C 97 -30.38 2.24 0.37
C TYR C 97 -28.91 1.81 0.47
N VAL C 98 -28.52 1.30 1.64
CA VAL C 98 -27.13 0.97 1.91
C VAL C 98 -26.84 -0.42 1.33
N ASN C 99 -26.12 -0.46 0.22
CA ASN C 99 -25.75 -1.75 -0.39
C ASN C 99 -24.82 -2.53 0.52
N SER C 100 -23.77 -1.88 1.03
CA SER C 100 -22.83 -2.55 1.91
C SER C 100 -22.04 -1.49 2.68
N ILE C 101 -21.71 -1.82 3.93
CA ILE C 101 -20.83 -1.00 4.74
C ILE C 101 -19.44 -1.66 4.71
N GLY C 102 -18.48 -0.98 4.07
CA GLY C 102 -17.18 -1.53 3.90
C GLY C 102 -16.41 -1.58 5.19
N PRO C 103 -15.17 -2.06 5.12
CA PRO C 103 -14.37 -2.23 6.34
C PRO C 103 -14.07 -0.90 7.00
N VAL C 104 -14.03 -0.93 8.33
CA VAL C 104 -13.64 0.24 9.11
C VAL C 104 -12.12 0.29 9.18
N ASN C 105 -11.54 1.41 8.75
CA ASN C 105 -10.09 1.60 8.77
C ASN C 105 -9.77 2.47 9.99
N ALA C 106 -9.44 1.81 11.10
CA ALA C 106 -9.12 2.56 12.31
C ALA C 106 -7.85 3.39 12.15
N ILE C 107 -6.93 2.94 11.29
CA ILE C 107 -5.69 3.69 11.08
C ILE C 107 -5.99 5.04 10.43
N ASN C 108 -6.84 5.06 9.42
CA ASN C 108 -7.22 6.29 8.73
C ASN C 108 -8.46 6.95 9.31
N MET C 109 -9.10 6.32 10.30
CA MET C 109 -10.33 6.84 10.91
C MET C 109 -11.40 7.09 9.85
N GLU C 110 -11.72 6.04 9.11
CA GLU C 110 -12.71 6.15 8.04
C GLU C 110 -13.30 4.78 7.76
N TYR C 111 -14.46 4.79 7.11
CA TYR C 111 -15.14 3.58 6.70
C TYR C 111 -15.67 3.76 5.28
N THR C 112 -15.86 2.63 4.60
CA THR C 112 -16.39 2.63 3.25
C THR C 112 -17.87 2.25 3.26
N ILE C 113 -18.62 2.82 2.34
CA ILE C 113 -20.05 2.54 2.25
C ILE C 113 -20.50 2.72 0.80
N ASP C 114 -21.32 1.79 0.33
CA ASP C 114 -21.91 1.84 -1.00
C ASP C 114 -23.42 1.98 -0.83
N ILE C 115 -24.00 2.99 -1.49
CA ILE C 115 -25.41 3.32 -1.30
C ILE C 115 -26.06 3.60 -2.64
N PHE C 116 -27.39 3.51 -2.64
CA PHE C 116 -28.24 4.08 -3.68
C PHE C 116 -28.83 5.36 -3.11
N PHE C 117 -28.46 6.50 -3.68
CA PHE C 117 -28.87 7.81 -3.18
C PHE C 117 -30.00 8.34 -4.05
N ALA C 118 -31.18 8.52 -3.47
CA ALA C 118 -32.35 9.00 -4.18
C ALA C 118 -32.79 10.34 -3.60
N GLN C 119 -33.04 11.30 -4.48
CA GLN C 119 -33.52 12.62 -4.10
C GLN C 119 -34.77 12.95 -4.91
N THR C 120 -35.78 13.49 -4.24
CA THR C 120 -37.04 13.83 -4.87
C THR C 120 -37.36 15.30 -4.62
N TRP C 121 -37.69 16.02 -5.68
CA TRP C 121 -38.07 17.42 -5.57
C TRP C 121 -39.03 17.76 -6.71
N TYR C 122 -39.64 18.93 -6.60
CA TYR C 122 -40.58 19.42 -7.61
C TYR C 122 -39.95 20.54 -8.43
N ASP C 123 -40.15 20.48 -9.74
CA ASP C 123 -39.64 21.48 -10.67
C ASP C 123 -40.79 21.86 -11.60
N ARG C 124 -41.39 23.03 -11.36
CA ARG C 124 -42.58 23.44 -12.11
C ARG C 124 -42.29 23.56 -13.60
N ARG C 125 -41.04 23.83 -13.97
CA ARG C 125 -40.67 23.98 -15.37
C ARG C 125 -40.75 22.67 -16.15
N LEU C 126 -40.83 21.53 -15.47
CA LEU C 126 -40.84 20.22 -16.11
C LEU C 126 -42.22 19.61 -16.18
N LYS C 127 -43.27 20.39 -15.95
CA LYS C 127 -44.62 19.88 -16.08
C LYS C 127 -44.97 19.65 -17.54
N PHE C 128 -45.54 18.49 -17.83
CA PHE C 128 -46.00 18.17 -19.18
C PHE C 128 -47.39 17.56 -19.10
N ASN C 129 -48.27 17.98 -20.00
CA ASN C 129 -49.63 17.48 -20.07
C ASN C 129 -49.73 16.50 -21.25
N SER C 130 -49.90 15.23 -20.94
CA SER C 130 -50.04 14.18 -21.95
C SER C 130 -50.66 12.96 -21.30
N THR C 131 -50.95 11.95 -22.12
CA THR C 131 -51.45 10.69 -21.60
C THR C 131 -50.37 9.94 -20.81
N ILE C 132 -49.10 10.24 -21.06
CA ILE C 132 -48.01 9.62 -20.33
C ILE C 132 -47.95 10.20 -18.92
N LYS C 133 -47.84 9.33 -17.92
CA LYS C 133 -47.77 9.80 -16.53
C LYS C 133 -46.35 10.12 -16.10
N VAL C 134 -45.37 9.31 -16.51
CA VAL C 134 -43.99 9.48 -16.07
C VAL C 134 -43.06 9.15 -17.22
N LEU C 135 -41.93 9.84 -17.24
CA LEU C 135 -40.87 9.61 -18.23
C LEU C 135 -39.71 8.92 -17.53
N ARG C 136 -39.58 7.61 -17.73
CA ARG C 136 -38.51 6.84 -17.14
C ARG C 136 -37.30 6.92 -18.06
N LEU C 137 -36.27 7.65 -17.61
CA LEU C 137 -35.16 8.04 -18.47
C LEU C 137 -33.84 7.55 -17.89
N ASN C 138 -32.85 7.43 -18.78
CA ASN C 138 -31.50 7.07 -18.39
C ASN C 138 -30.76 8.31 -17.93
N SER C 139 -29.43 8.21 -17.80
CA SER C 139 -28.61 9.24 -17.16
C SER C 139 -28.26 10.40 -18.09
N ASN C 140 -28.68 10.38 -19.35
CA ASN C 140 -28.24 11.40 -20.29
C ASN C 140 -28.92 12.75 -20.07
N MET C 141 -30.05 12.78 -19.36
CA MET C 141 -30.76 14.01 -19.09
C MET C 141 -30.42 14.62 -17.73
N VAL C 142 -29.50 14.00 -16.98
CA VAL C 142 -29.12 14.53 -15.67
C VAL C 142 -28.44 15.88 -15.82
N GLY C 143 -27.58 16.03 -16.83
CA GLY C 143 -26.86 17.26 -17.04
C GLY C 143 -27.64 18.35 -17.75
N LYS C 144 -28.90 18.10 -18.10
CA LYS C 144 -29.72 19.09 -18.79
C LYS C 144 -30.68 19.82 -17.88
N ILE C 145 -31.04 19.23 -16.73
CA ILE C 145 -31.97 19.84 -15.80
C ILE C 145 -31.20 20.26 -14.55
N TRP C 146 -31.86 21.09 -13.74
CA TRP C 146 -31.26 21.49 -12.47
C TRP C 146 -31.22 20.31 -11.52
N ILE C 147 -30.08 20.12 -10.86
CA ILE C 147 -29.87 19.02 -9.93
C ILE C 147 -29.37 19.60 -8.62
N PRO C 148 -29.82 19.13 -7.47
CA PRO C 148 -29.29 19.64 -6.20
C PRO C 148 -27.79 19.38 -6.10
N ASP C 149 -27.09 20.32 -5.47
CA ASP C 149 -25.66 20.17 -5.25
C ASP C 149 -25.37 19.46 -3.93
N THR C 150 -26.00 18.30 -3.75
CA THR C 150 -25.83 17.55 -2.51
C THR C 150 -24.43 16.94 -2.45
N PHE C 151 -23.76 17.15 -1.32
CA PHE C 151 -22.44 16.58 -1.09
C PHE C 151 -22.39 16.05 0.33
N PHE C 152 -21.49 15.10 0.56
CA PHE C 152 -21.35 14.48 1.86
C PHE C 152 -20.24 15.19 2.63
N ARG C 153 -20.59 15.74 3.80
CA ARG C 153 -19.72 16.67 4.50
C ARG C 153 -18.51 16.00 5.12
N ASN C 154 -18.58 14.69 5.37
CA ASN C 154 -17.47 13.97 5.99
C ASN C 154 -16.90 12.90 5.06
N SER C 155 -17.05 13.10 3.76
CA SER C 155 -16.55 12.15 2.77
C SER C 155 -15.13 12.54 2.39
N LYS C 156 -14.15 11.76 2.85
CA LYS C 156 -12.76 12.02 2.49
C LYS C 156 -12.54 11.79 1.00
N LYS C 157 -13.19 10.77 0.44
CA LYS C 157 -13.13 10.52 -0.99
C LYS C 157 -14.37 9.73 -1.37
N ALA C 158 -15.03 10.14 -2.45
CA ALA C 158 -16.24 9.49 -2.91
C ALA C 158 -16.28 9.54 -4.42
N ASP C 159 -16.97 8.57 -5.02
CA ASP C 159 -17.03 8.48 -6.46
C ASP C 159 -18.32 7.81 -6.89
N ALA C 160 -18.83 8.21 -8.04
CA ALA C 160 -19.95 7.53 -8.65
C ALA C 160 -19.45 6.34 -9.46
N HIS C 161 -20.37 5.65 -10.14
CA HIS C 161 -20.04 4.47 -10.91
C HIS C 161 -20.38 4.70 -12.37
N TRP C 162 -19.55 4.13 -13.26
CA TRP C 162 -19.63 4.43 -14.68
C TRP C 162 -19.60 3.18 -15.56
N ILE C 163 -19.77 1.99 -14.99
CA ILE C 163 -19.72 0.74 -15.73
C ILE C 163 -21.11 0.11 -15.68
N THR C 164 -21.67 -0.21 -16.85
CA THR C 164 -21.09 0.01 -18.18
C THR C 164 -21.46 1.40 -18.69
N THR C 165 -22.42 2.01 -18.01
CA THR C 165 -22.90 3.37 -18.25
C THR C 165 -23.00 4.05 -16.90
N PRO C 166 -23.12 5.38 -16.87
CA PRO C 166 -23.30 6.07 -15.59
C PRO C 166 -24.48 5.50 -14.81
N ASN C 167 -24.23 5.13 -13.55
CA ASN C 167 -25.23 4.50 -12.70
C ASN C 167 -26.15 5.57 -12.12
N ARG C 168 -26.95 6.15 -13.01
CA ARG C 168 -27.87 7.21 -12.64
C ARG C 168 -29.22 6.98 -13.30
N MET C 169 -30.28 7.40 -12.61
CA MET C 169 -31.64 7.23 -13.08
C MET C 169 -32.41 8.53 -12.89
N LEU C 170 -33.24 8.88 -13.86
CA LEU C 170 -34.01 10.11 -13.82
C LEU C 170 -35.43 9.82 -14.28
N ARG C 171 -36.40 10.06 -13.42
CA ARG C 171 -37.82 9.87 -13.74
C ARG C 171 -38.56 11.16 -13.45
N ILE C 172 -39.33 11.65 -14.43
CA ILE C 172 -40.05 12.90 -14.33
C ILE C 172 -41.54 12.61 -14.49
N TRP C 173 -42.34 13.01 -13.51
CA TRP C 173 -43.78 12.87 -13.57
C TRP C 173 -44.41 14.09 -14.22
N ASN C 174 -45.71 13.96 -14.55
CA ASN C 174 -46.40 15.02 -15.28
C ASN C 174 -46.62 16.26 -14.43
N ASP C 175 -46.64 16.14 -13.11
CA ASP C 175 -46.86 17.29 -12.23
C ASP C 175 -45.58 18.00 -11.85
N GLY C 176 -44.44 17.59 -12.42
CA GLY C 176 -43.17 18.24 -12.18
C GLY C 176 -42.29 17.59 -11.14
N ARG C 177 -42.69 16.46 -10.57
CA ARG C 177 -41.88 15.78 -9.58
C ARG C 177 -40.75 15.02 -10.27
N VAL C 178 -39.53 15.16 -9.76
CA VAL C 178 -38.35 14.54 -10.33
C VAL C 178 -37.77 13.59 -9.30
N LEU C 179 -37.48 12.37 -9.72
CA LEU C 179 -36.76 11.39 -8.91
C LEU C 179 -35.38 11.21 -9.52
N TYR C 180 -34.35 11.50 -8.73
CA TYR C 180 -32.97 11.40 -9.18
C TYR C 180 -32.23 10.43 -8.27
N THR C 181 -31.77 9.33 -8.86
CA THR C 181 -31.08 8.29 -8.11
C THR C 181 -29.73 8.02 -8.76
N LEU C 182 -28.71 7.82 -7.92
CA LEU C 182 -27.39 7.48 -8.41
C LEU C 182 -26.68 6.62 -7.37
N ARG C 183 -25.82 5.74 -7.84
CA ARG C 183 -25.07 4.85 -6.98
C ARG C 183 -23.75 5.49 -6.59
N LEU C 184 -23.44 5.48 -5.30
CA LEU C 184 -22.26 6.16 -4.78
C LEU C 184 -21.48 5.24 -3.86
N THR C 185 -20.16 5.31 -3.96
CA THR C 185 -19.25 4.66 -3.02
C THR C 185 -18.49 5.75 -2.28
N ILE C 186 -18.57 5.75 -0.96
CA ILE C 186 -18.10 6.85 -0.14
C ILE C 186 -17.15 6.32 0.93
N ASP C 187 -15.99 6.96 1.04
CA ASP C 187 -15.11 6.77 2.20
C ASP C 187 -15.34 7.95 3.14
N ALA C 188 -16.05 7.68 4.24
CA ALA C 188 -16.45 8.73 5.17
C ALA C 188 -15.59 8.65 6.42
N GLU C 189 -15.04 9.78 6.83
CA GLU C 189 -14.20 9.84 8.01
C GLU C 189 -15.04 9.59 9.27
N CYS C 190 -14.48 8.83 10.20
CA CYS C 190 -15.15 8.49 11.45
C CYS C 190 -14.14 8.58 12.57
N GLN C 191 -14.37 9.49 13.51
CA GLN C 191 -13.47 9.68 14.64
C GLN C 191 -13.77 8.61 15.68
N LEU C 192 -12.85 7.66 15.85
CA LEU C 192 -13.06 6.51 16.72
C LEU C 192 -12.47 6.80 18.10
N GLN C 193 -13.30 6.71 19.13
CA GLN C 193 -12.85 6.80 20.51
C GLN C 193 -12.34 5.42 20.91
N LEU C 194 -11.05 5.22 20.71
CA LEU C 194 -10.45 3.90 20.88
C LEU C 194 -10.16 3.55 22.32
N HIS C 195 -10.67 4.32 23.28
CA HIS C 195 -10.70 3.86 24.66
C HIS C 195 -11.62 2.66 24.76
N ASN C 196 -11.32 1.78 25.71
CA ASN C 196 -12.01 0.51 25.95
C ASN C 196 -11.77 -0.50 24.84
N PHE C 197 -10.87 -0.23 23.90
CA PHE C 197 -10.56 -1.20 22.86
C PHE C 197 -9.96 -2.46 23.49
N PRO C 198 -10.35 -3.66 23.02
CA PRO C 198 -11.26 -3.97 21.91
C PRO C 198 -12.72 -4.13 22.31
N MET C 199 -13.16 -3.52 23.42
CA MET C 199 -14.55 -3.54 23.84
C MET C 199 -15.23 -2.22 23.53
N ASP C 200 -14.91 -1.63 22.39
CA ASP C 200 -15.32 -0.29 22.03
C ASP C 200 -16.48 -0.32 21.04
N GLU C 201 -17.38 0.66 21.19
CA GLU C 201 -18.52 0.83 20.31
C GLU C 201 -18.48 2.22 19.70
N HIS C 202 -18.85 2.32 18.42
CA HIS C 202 -18.80 3.59 17.70
C HIS C 202 -20.09 3.79 16.92
N SER C 203 -20.37 5.06 16.63
CA SER C 203 -21.50 5.45 15.79
C SER C 203 -20.93 6.30 14.65
N CYS C 204 -20.50 5.65 13.58
CA CYS C 204 -19.88 6.36 12.46
C CYS C 204 -20.94 7.09 11.66
N PRO C 205 -20.85 8.41 11.52
CA PRO C 205 -21.91 9.17 10.86
C PRO C 205 -21.73 9.26 9.35
N LEU C 206 -22.79 9.74 8.71
CA LEU C 206 -22.77 10.05 7.27
C LEU C 206 -23.66 11.28 7.07
N GLU C 207 -23.02 12.43 6.90
CA GLU C 207 -23.72 13.71 6.82
C GLU C 207 -23.67 14.21 5.39
N PHE C 208 -24.81 14.68 4.88
CA PHE C 208 -24.86 15.31 3.57
C PHE C 208 -25.74 16.56 3.64
N SER C 209 -25.48 17.47 2.71
CA SER C 209 -26.20 18.74 2.64
C SER C 209 -25.91 19.35 1.28
N SER C 210 -26.53 20.50 1.01
CA SER C 210 -26.20 21.25 -0.18
C SER C 210 -24.91 22.03 0.03
N TYR C 211 -24.22 22.33 -1.06
CA TYR C 211 -22.96 23.03 -0.94
C TYR C 211 -23.12 24.55 -1.01
N GLY C 212 -23.95 25.05 -1.92
CA GLY C 212 -24.06 26.48 -2.09
C GLY C 212 -25.40 27.09 -1.68
N TYR C 213 -26.40 26.25 -1.42
CA TYR C 213 -27.74 26.74 -1.15
C TYR C 213 -28.03 26.69 0.34
N PRO C 214 -28.21 27.83 1.02
CA PRO C 214 -28.52 27.79 2.45
C PRO C 214 -29.94 27.30 2.75
N ARG C 215 -30.32 27.36 4.02
CA ARG C 215 -31.64 26.85 4.41
C ARG C 215 -32.77 27.63 3.76
N GLU C 216 -32.53 28.89 3.38
CA GLU C 216 -33.54 29.67 2.70
C GLU C 216 -33.72 29.26 1.24
N GLU C 217 -32.83 28.46 0.70
CA GLU C 217 -32.87 28.04 -0.70
C GLU C 217 -33.21 26.56 -0.87
N ILE C 218 -32.55 25.67 -0.14
CA ILE C 218 -32.76 24.24 -0.25
C ILE C 218 -33.00 23.66 1.13
N VAL C 219 -34.06 22.88 1.28
CA VAL C 219 -34.38 22.18 2.52
C VAL C 219 -34.48 20.69 2.23
N TYR C 220 -33.82 19.89 3.05
CA TYR C 220 -33.87 18.44 2.92
C TYR C 220 -34.80 17.84 3.96
N GLN C 221 -35.37 16.69 3.62
CA GLN C 221 -36.25 15.98 4.53
C GLN C 221 -36.23 14.50 4.19
N TRP C 222 -36.24 13.65 5.22
CA TRP C 222 -36.28 12.22 5.00
C TRP C 222 -37.68 11.79 4.54
N LYS C 223 -37.72 10.67 3.84
CA LYS C 223 -38.99 10.09 3.39
C LYS C 223 -39.59 9.26 4.52
N ARG C 224 -40.69 8.56 4.21
CA ARG C 224 -41.31 7.69 5.21
C ARG C 224 -40.43 6.49 5.54
N SER C 225 -39.64 6.03 4.58
CA SER C 225 -38.62 4.99 4.79
C SER C 225 -37.29 5.60 4.39
N SER C 226 -36.58 6.17 5.37
CA SER C 226 -35.41 6.97 5.07
C SER C 226 -34.25 6.10 4.58
N VAL C 227 -33.77 5.20 5.42
CA VAL C 227 -32.59 4.39 5.12
C VAL C 227 -32.99 2.93 5.14
N GLU C 228 -32.73 2.23 4.04
CA GLU C 228 -32.97 0.81 3.92
C GLU C 228 -31.63 0.09 3.73
N VAL C 229 -31.50 -1.08 4.34
CA VAL C 229 -30.30 -1.90 4.22
C VAL C 229 -30.67 -3.19 3.49
N GLY C 230 -29.65 -3.99 3.21
CA GLY C 230 -29.86 -5.26 2.54
C GLY C 230 -30.08 -6.39 3.51
N ASP C 231 -29.19 -7.38 3.50
CA ASP C 231 -29.29 -8.50 4.42
C ASP C 231 -28.24 -8.46 5.53
N THR C 232 -27.30 -7.53 5.48
CA THR C 232 -26.27 -7.28 6.48
C THR C 232 -25.25 -8.42 6.58
N ARG C 233 -25.45 -9.52 5.85
CA ARG C 233 -24.50 -10.61 5.81
C ARG C 233 -23.63 -10.59 4.55
N SER C 234 -23.93 -9.72 3.60
CA SER C 234 -23.06 -9.47 2.45
C SER C 234 -22.10 -8.30 2.69
N TRP C 235 -22.17 -7.68 3.86
CA TRP C 235 -21.31 -6.54 4.17
C TRP C 235 -19.90 -7.00 4.46
N ARG C 236 -18.97 -6.05 4.42
CA ARG C 236 -17.54 -6.30 4.58
C ARG C 236 -17.04 -5.90 5.96
N LEU C 237 -17.84 -6.10 7.00
CA LEU C 237 -17.43 -5.73 8.36
C LEU C 237 -16.60 -6.86 8.95
N TYR C 238 -15.28 -6.67 8.99
CA TYR C 238 -14.39 -7.64 9.60
C TYR C 238 -14.43 -7.55 11.12
N GLN C 239 -14.06 -6.38 11.65
CA GLN C 239 -13.84 -6.20 13.09
C GLN C 239 -15.10 -5.85 13.86
N PHE C 240 -16.21 -5.53 13.20
CA PHE C 240 -17.36 -4.94 13.87
C PHE C 240 -18.63 -5.71 13.53
N SER C 241 -19.61 -5.58 14.44
CA SER C 241 -20.96 -6.06 14.21
C SER C 241 -21.88 -4.86 14.16
N PHE C 242 -22.75 -4.81 13.15
CA PHE C 242 -23.67 -3.69 12.97
C PHE C 242 -24.79 -3.80 14.00
N VAL C 243 -24.85 -2.83 14.91
CA VAL C 243 -25.84 -2.84 15.98
C VAL C 243 -27.14 -2.22 15.49
N GLY C 244 -27.10 -0.96 15.09
CA GLY C 244 -28.28 -0.29 14.60
C GLY C 244 -27.90 1.01 13.92
N LEU C 245 -28.92 1.70 13.40
CA LEU C 245 -28.72 2.95 12.70
C LEU C 245 -29.78 3.96 13.12
N ARG C 246 -29.44 5.24 13.04
CA ARG C 246 -30.36 6.32 13.34
C ARG C 246 -30.13 7.47 12.38
N ASN C 247 -31.16 8.29 12.20
CA ASN C 247 -31.12 9.44 11.29
C ASN C 247 -31.57 10.69 12.04
N THR C 248 -30.91 11.80 11.75
CA THR C 248 -31.18 13.06 12.43
C THR C 248 -31.26 14.20 11.42
N THR C 249 -31.71 15.35 11.90
CA THR C 249 -31.81 16.57 11.12
C THR C 249 -31.26 17.73 11.94
N GLU C 250 -30.51 18.62 11.30
CA GLU C 250 -29.89 19.73 12.01
C GLU C 250 -29.62 20.85 11.02
N VAL C 251 -29.43 22.05 11.55
CA VAL C 251 -29.02 23.22 10.78
C VAL C 251 -27.64 23.65 11.27
N VAL C 252 -26.70 23.76 10.34
CA VAL C 252 -25.30 24.05 10.66
C VAL C 252 -24.96 25.43 10.10
N LYS C 253 -24.33 26.26 10.93
CA LYS C 253 -23.96 27.62 10.56
C LYS C 253 -22.53 27.66 10.07
N THR C 254 -22.32 28.25 8.89
CA THR C 254 -21.00 28.48 8.33
C THR C 254 -20.92 29.93 7.87
N THR C 255 -19.74 30.33 7.39
CA THR C 255 -19.57 31.69 6.91
C THR C 255 -20.44 31.98 5.69
N SER C 256 -20.78 30.94 4.92
CA SER C 256 -21.63 31.13 3.75
C SER C 256 -23.11 31.18 4.09
N GLY C 257 -23.50 30.76 5.29
CA GLY C 257 -24.87 30.82 5.73
C GLY C 257 -25.22 29.62 6.58
N ASP C 258 -26.52 29.44 6.81
CA ASP C 258 -27.05 28.31 7.55
C ASP C 258 -27.51 27.24 6.57
N TYR C 259 -27.10 26.00 6.82
CA TYR C 259 -27.38 24.89 5.92
C TYR C 259 -28.10 23.77 6.66
N VAL C 260 -29.03 23.12 5.96
CA VAL C 260 -29.74 21.97 6.49
C VAL C 260 -28.90 20.72 6.25
N VAL C 261 -28.57 20.01 7.33
CA VAL C 261 -27.67 18.87 7.26
C VAL C 261 -28.44 17.63 7.68
N MET C 262 -28.45 16.61 6.81
CA MET C 262 -29.01 15.31 7.10
C MET C 262 -27.90 14.37 7.53
N SER C 263 -28.14 13.60 8.59
CA SER C 263 -27.12 12.72 9.14
C SER C 263 -27.68 11.33 9.36
N VAL C 264 -26.87 10.32 9.06
CA VAL C 264 -27.16 8.93 9.37
C VAL C 264 -26.02 8.39 10.22
N TYR C 265 -26.35 7.77 11.34
CA TYR C 265 -25.36 7.23 12.27
C TYR C 265 -25.47 5.71 12.28
N PHE C 266 -24.38 5.04 11.93
CA PHE C 266 -24.31 3.58 11.97
C PHE C 266 -23.56 3.16 13.22
N ASP C 267 -24.25 2.44 14.11
CA ASP C 267 -23.66 2.03 15.38
C ASP C 267 -22.97 0.69 15.19
N LEU C 268 -21.68 0.63 15.53
CA LEU C 268 -20.86 -0.55 15.34
C LEU C 268 -20.23 -0.94 16.67
N SER C 269 -20.29 -2.23 17.00
CA SER C 269 -19.65 -2.78 18.18
C SER C 269 -18.57 -3.76 17.74
N ARG C 270 -17.39 -3.66 18.34
CA ARG C 270 -16.26 -4.47 17.92
C ARG C 270 -16.41 -5.90 18.43
N ARG C 271 -16.20 -6.87 17.54
CA ARG C 271 -16.24 -8.26 17.92
C ARG C 271 -14.97 -8.64 18.66
N MET C 272 -15.12 -9.36 19.78
CA MET C 272 -14.03 -9.63 20.69
C MET C 272 -13.51 -11.06 20.59
N GLY C 273 -13.94 -11.82 19.59
CA GLY C 273 -13.52 -13.22 19.51
C GLY C 273 -12.03 -13.37 19.27
N TYR C 274 -11.48 -12.57 18.35
CA TYR C 274 -10.06 -12.69 18.02
C TYR C 274 -9.18 -12.30 19.20
N PHE C 275 -9.52 -11.24 19.91
CA PHE C 275 -8.63 -10.70 20.94
C PHE C 275 -8.57 -11.60 22.16
N THR C 276 -9.65 -12.33 22.46
CA THR C 276 -9.63 -13.23 23.61
C THR C 276 -8.67 -14.38 23.37
N ILE C 277 -8.78 -15.05 22.23
CA ILE C 277 -7.93 -16.21 21.96
C ILE C 277 -6.51 -15.78 21.63
N GLN C 278 -6.36 -14.72 20.83
CA GLN C 278 -5.02 -14.34 20.38
C GLN C 278 -4.22 -13.62 21.45
N THR C 279 -4.87 -12.76 22.24
CA THR C 279 -4.14 -11.89 23.15
C THR C 279 -4.45 -12.14 24.62
N TYR C 280 -5.72 -12.12 25.02
CA TYR C 280 -6.05 -12.15 26.44
C TYR C 280 -5.68 -13.49 27.07
N ILE C 281 -6.10 -14.59 26.44
CA ILE C 281 -5.80 -15.91 27.01
C ILE C 281 -4.30 -16.21 27.03
N PRO C 282 -3.55 -16.00 25.95
CA PRO C 282 -2.09 -16.26 26.04
C PRO C 282 -1.40 -15.40 27.09
N CYS C 283 -1.79 -14.14 27.23
CA CYS C 283 -1.17 -13.29 28.25
C CYS C 283 -1.50 -13.79 29.64
N THR C 284 -2.71 -14.32 29.83
CA THR C 284 -3.08 -14.89 31.12
C THR C 284 -2.27 -16.15 31.41
N LEU C 285 -2.03 -16.98 30.39
CA LEU C 285 -1.27 -18.21 30.59
C LEU C 285 0.18 -17.91 30.94
N ILE C 286 0.79 -16.89 30.31
CA ILE C 286 2.17 -16.55 30.60
C ILE C 286 2.32 -16.10 32.05
N VAL C 287 1.35 -15.32 32.54
CA VAL C 287 1.41 -14.85 33.92
C VAL C 287 1.28 -16.02 34.89
N VAL C 288 0.41 -16.98 34.57
CA VAL C 288 0.29 -18.17 35.41
C VAL C 288 1.58 -18.98 35.39
N LEU C 289 2.19 -19.11 34.20
CA LEU C 289 3.44 -19.85 34.10
C LEU C 289 4.55 -19.21 34.94
N SER C 290 4.56 -17.88 35.05
CA SER C 290 5.56 -17.23 35.89
C SER C 290 5.36 -17.52 37.36
N TRP C 291 4.15 -17.94 37.76
CA TRP C 291 3.90 -18.32 39.15
C TRP C 291 4.47 -19.69 39.49
N VAL C 292 4.86 -20.48 38.49
CA VAL C 292 5.41 -21.81 38.73
C VAL C 292 6.68 -21.72 39.57
N SER C 293 7.51 -20.70 39.32
CA SER C 293 8.77 -20.58 40.04
C SER C 293 8.56 -20.44 41.55
N PHE C 294 7.39 -20.00 41.99
CA PHE C 294 7.11 -19.91 43.41
C PHE C 294 7.00 -21.29 44.06
N TRP C 295 6.82 -22.34 43.26
CA TRP C 295 6.82 -23.71 43.76
C TRP C 295 8.12 -24.44 43.50
N ILE C 296 8.95 -23.94 42.60
CA ILE C 296 10.30 -24.47 42.44
C ILE C 296 11.14 -24.10 43.65
N ASN C 297 12.04 -25.00 44.04
CA ASN C 297 12.91 -24.72 45.18
C ASN C 297 13.83 -23.54 44.87
N LYS C 298 14.14 -22.76 45.92
CA LYS C 298 14.97 -21.58 45.75
C LYS C 298 16.40 -21.93 45.34
N ASP C 299 16.85 -23.15 45.63
CA ASP C 299 18.20 -23.58 45.25
C ASP C 299 18.34 -23.86 43.77
N ALA C 300 17.23 -23.96 43.02
CA ALA C 300 17.27 -24.20 41.58
C ALA C 300 17.38 -22.87 40.85
N VAL C 301 18.55 -22.25 40.97
CA VAL C 301 18.77 -20.93 40.37
C VAL C 301 18.64 -20.96 38.86
N PRO C 302 19.28 -21.88 38.12
CA PRO C 302 19.10 -21.88 36.66
C PRO C 302 17.67 -22.11 36.22
N ALA C 303 16.91 -22.92 36.96
CA ALA C 303 15.53 -23.21 36.56
C ALA C 303 14.63 -21.99 36.73
N ARG C 304 14.70 -21.34 37.89
CA ARG C 304 13.80 -20.22 38.15
C ARG C 304 14.21 -18.99 37.36
N THR C 305 15.52 -18.74 37.23
CA THR C 305 15.96 -17.59 36.46
C THR C 305 15.59 -17.73 34.99
N SER C 306 15.81 -18.91 34.41
CA SER C 306 15.46 -19.11 33.00
C SER C 306 13.96 -19.02 32.79
N LEU C 307 13.16 -19.57 33.71
CA LEU C 307 11.71 -19.45 33.59
C LEU C 307 11.26 -18.00 33.68
N GLY C 308 11.83 -17.24 34.62
CA GLY C 308 11.39 -15.87 34.80
C GLY C 308 11.73 -14.97 33.61
N ILE C 309 12.94 -15.08 33.09
CA ILE C 309 13.35 -14.18 32.02
C ILE C 309 12.77 -14.61 30.68
N THR C 310 12.44 -15.89 30.50
CA THR C 310 11.83 -16.32 29.25
C THR C 310 10.37 -15.94 29.17
N THR C 311 9.66 -15.92 30.30
CA THR C 311 8.29 -15.41 30.29
C THR C 311 8.26 -13.92 30.01
N VAL C 312 9.29 -13.19 30.43
CA VAL C 312 9.40 -11.79 30.06
C VAL C 312 9.61 -11.64 28.56
N LEU C 313 10.46 -12.49 27.98
CA LEU C 313 10.66 -12.48 26.53
C LEU C 313 9.38 -12.88 25.81
N THR C 314 8.66 -13.86 26.35
CA THR C 314 7.38 -14.25 25.76
C THR C 314 6.36 -13.12 25.87
N MET C 315 6.32 -12.45 27.02
CA MET C 315 5.36 -11.35 27.20
C MET C 315 5.71 -10.17 26.29
N THR C 316 7.01 -9.91 26.09
CA THR C 316 7.41 -8.86 25.17
C THR C 316 6.97 -9.19 23.75
N THR C 317 7.09 -10.46 23.35
CA THR C 317 6.64 -10.86 22.02
C THR C 317 5.14 -10.70 21.87
N LEU C 318 4.37 -11.07 22.90
CA LEU C 318 2.93 -10.91 22.86
C LEU C 318 2.53 -9.43 22.89
N SER C 319 3.31 -8.59 23.56
CA SER C 319 2.99 -7.17 23.67
C SER C 319 3.11 -6.44 22.34
N THR C 320 3.69 -7.06 21.32
CA THR C 320 3.89 -6.40 20.03
C THR C 320 2.62 -6.36 19.19
N ILE C 321 1.54 -7.03 19.61
CA ILE C 321 0.29 -7.04 18.87
C ILE C 321 -0.83 -6.33 19.62
N ALA C 322 -0.54 -5.70 20.76
CA ALA C 322 -1.57 -4.98 21.48
C ALA C 322 -2.09 -3.78 20.69
N ARG C 323 -1.19 -3.07 20.02
CA ARG C 323 -1.54 -1.92 19.18
C ARG C 323 -1.01 -2.19 17.78
N LYS C 324 -1.79 -2.90 16.99
CA LYS C 324 -1.36 -3.34 15.67
C LYS C 324 -2.22 -2.77 14.54
N SER C 325 -3.53 -2.93 14.61
CA SER C 325 -4.43 -2.42 13.58
C SER C 325 -5.00 -1.06 13.92
N LEU C 326 -4.61 -0.46 15.06
CA LEU C 326 -5.10 0.83 15.50
C LEU C 326 -4.01 1.88 15.42
N PRO C 327 -4.36 3.15 15.25
CA PRO C 327 -3.35 4.20 15.08
C PRO C 327 -2.58 4.44 16.38
N LYS C 328 -1.56 5.27 16.26
CA LYS C 328 -0.64 5.55 17.36
C LYS C 328 -1.24 6.57 18.33
N VAL C 329 -2.42 6.23 18.86
CA VAL C 329 -3.06 7.06 19.86
C VAL C 329 -2.30 6.95 21.17
N SER C 330 -2.19 8.07 21.89
CA SER C 330 -1.34 8.14 23.06
C SER C 330 -2.07 7.89 24.38
N TYR C 331 -3.37 7.61 24.33
CA TYR C 331 -4.06 7.17 25.54
C TYR C 331 -3.96 5.65 25.64
N VAL C 332 -4.15 5.16 26.87
CA VAL C 332 -4.02 3.74 27.16
C VAL C 332 -5.36 3.07 26.88
N THR C 333 -5.42 2.28 25.83
CA THR C 333 -6.60 1.49 25.54
C THR C 333 -6.74 0.36 26.55
N ALA C 334 -7.91 -0.30 26.56
CA ALA C 334 -8.13 -1.39 27.49
C ALA C 334 -7.17 -2.55 27.23
N MET C 335 -6.84 -2.79 25.96
CA MET C 335 -5.90 -3.86 25.63
C MET C 335 -4.51 -3.55 26.16
N ASP C 336 -4.08 -2.29 26.08
CA ASP C 336 -2.74 -1.93 26.52
C ASP C 336 -2.63 -1.92 28.04
N LEU C 337 -3.72 -1.58 28.75
CA LEU C 337 -3.70 -1.68 30.20
C LEU C 337 -3.52 -3.12 30.65
N PHE C 338 -4.21 -4.05 30.00
CA PHE C 338 -4.11 -5.46 30.39
C PHE C 338 -2.73 -6.02 30.10
N VAL C 339 -2.19 -5.74 28.91
CA VAL C 339 -0.88 -6.26 28.54
C VAL C 339 0.20 -5.68 29.46
N SER C 340 0.11 -4.38 29.76
CA SER C 340 1.10 -3.74 30.62
C SER C 340 1.08 -4.33 32.03
N VAL C 341 -0.11 -4.59 32.57
CA VAL C 341 -0.21 -5.17 33.90
C VAL C 341 0.30 -6.61 33.90
N CYS C 342 0.02 -7.35 32.83
CA CYS C 342 0.59 -8.70 32.69
C CYS C 342 2.12 -8.64 32.63
N PHE C 343 2.66 -7.65 31.93
CA PHE C 343 4.11 -7.50 31.88
C PHE C 343 4.67 -7.15 33.25
N ILE C 344 3.93 -6.41 34.06
CA ILE C 344 4.40 -6.06 35.40
C ILE C 344 4.44 -7.29 36.28
N PHE C 345 3.44 -8.16 36.17
CA PHE C 345 3.40 -9.36 37.00
C PHE C 345 4.57 -10.30 36.69
N VAL C 346 4.84 -10.53 35.40
CA VAL C 346 5.97 -11.38 35.05
C VAL C 346 7.29 -10.69 35.38
N PHE C 347 7.34 -9.36 35.27
CA PHE C 347 8.51 -8.62 35.74
C PHE C 347 8.69 -8.78 37.25
N SER C 348 7.59 -8.72 38.00
CA SER C 348 7.68 -8.80 39.45
C SER C 348 8.02 -10.20 39.94
N ALA C 349 7.59 -11.22 39.20
CA ALA C 349 7.92 -12.60 39.59
C ALA C 349 9.42 -12.85 39.51
N LEU C 350 10.06 -12.36 38.46
CA LEU C 350 11.51 -12.51 38.34
C LEU C 350 12.23 -11.71 39.40
N VAL C 351 11.76 -10.48 39.68
CA VAL C 351 12.34 -9.69 40.76
C VAL C 351 12.08 -10.34 42.10
N GLU C 352 10.96 -11.06 42.25
CA GLU C 352 10.67 -11.74 43.50
C GLU C 352 11.73 -12.80 43.81
N TYR C 353 12.14 -13.56 42.79
CA TYR C 353 13.17 -14.57 43.03
C TYR C 353 14.53 -13.92 43.27
N GLY C 354 14.84 -12.85 42.54
CA GLY C 354 16.10 -12.16 42.77
C GLY C 354 16.24 -11.63 44.19
N THR C 355 15.16 -11.09 44.73
CA THR C 355 15.17 -10.64 46.13
C THR C 355 15.30 -11.82 47.08
N LEU C 356 14.59 -12.91 46.81
CA LEU C 356 14.67 -14.09 47.67
C LEU C 356 16.05 -14.72 47.63
N HIS C 357 16.63 -14.86 46.43
CA HIS C 357 17.93 -15.49 46.29
C HIS C 357 19.02 -14.70 47.01
N TYR C 358 19.00 -13.38 46.87
CA TYR C 358 20.04 -12.55 47.48
C TYR C 358 19.99 -12.62 49.00
N PHE C 359 18.79 -12.50 49.57
CA PHE C 359 18.68 -12.43 51.02
C PHE C 359 18.91 -13.79 51.68
N VAL C 360 18.42 -14.87 51.05
CA VAL C 360 18.60 -16.19 51.63
C VAL C 360 20.06 -16.62 51.59
N SER C 361 20.70 -16.48 50.44
CA SER C 361 22.06 -16.96 50.24
C SER C 361 23.11 -15.89 50.48
N ASN C 362 23.03 -14.78 49.74
CA ASN C 362 24.06 -13.75 49.77
C ASN C 362 23.93 -12.80 50.96
N ARG C 363 23.14 -13.16 51.96
CA ARG C 363 22.96 -12.33 53.16
C ARG C 363 22.49 -10.92 52.82
N ARG C 445 8.05 -12.00 56.35
CA ARG C 445 9.39 -12.40 56.76
C ARG C 445 10.29 -12.56 55.53
N ILE C 446 11.60 -12.51 55.77
CA ILE C 446 12.55 -12.44 54.66
C ILE C 446 12.61 -13.78 53.91
N ALA C 447 12.67 -14.88 54.64
CA ALA C 447 12.89 -16.19 54.04
C ALA C 447 11.62 -16.91 53.62
N LYS C 448 10.45 -16.32 53.89
CA LYS C 448 9.17 -16.92 53.53
C LYS C 448 8.49 -16.20 52.38
N MET C 449 9.29 -15.58 51.50
CA MET C 449 8.73 -14.80 50.41
C MET C 449 7.98 -15.67 49.42
N ASP C 450 8.48 -16.88 49.15
CA ASP C 450 7.80 -17.77 48.22
C ASP C 450 6.42 -18.17 48.72
N SER C 451 6.29 -18.46 50.01
CA SER C 451 4.97 -18.79 50.56
C SER C 451 4.01 -17.62 50.45
N TYR C 452 4.49 -16.41 50.77
CA TYR C 452 3.65 -15.23 50.60
C TYR C 452 3.29 -15.02 49.13
N ALA C 453 4.26 -15.20 48.23
CA ALA C 453 4.02 -14.99 46.82
C ALA C 453 3.16 -16.09 46.19
N ARG C 454 3.05 -17.25 46.86
CA ARG C 454 2.20 -18.31 46.32
C ARG C 454 0.73 -17.91 46.32
N ILE C 455 0.32 -17.08 47.27
CA ILE C 455 -1.07 -16.65 47.40
C ILE C 455 -1.25 -15.21 46.94
N PHE C 456 -0.28 -14.34 47.21
CA PHE C 456 -0.44 -12.91 46.90
C PHE C 456 -0.53 -12.67 45.40
N PHE C 457 0.34 -13.30 44.62
CA PHE C 457 0.33 -13.08 43.17
C PHE C 457 -0.97 -13.55 42.53
N PRO C 458 -1.48 -14.76 42.77
CA PRO C 458 -2.78 -15.12 42.19
C PRO C 458 -3.92 -14.27 42.71
N THR C 459 -3.90 -13.90 44.00
CA THR C 459 -4.98 -13.07 44.55
C THR C 459 -5.00 -11.70 43.90
N ALA C 460 -3.83 -11.07 43.74
CA ALA C 460 -3.78 -9.74 43.14
C ALA C 460 -4.13 -9.77 41.66
N PHE C 461 -3.77 -10.86 40.97
CA PHE C 461 -4.10 -10.96 39.54
C PHE C 461 -5.58 -11.24 39.33
N CYS C 462 -6.17 -12.09 40.17
CA CYS C 462 -7.61 -12.31 40.12
C CYS C 462 -8.36 -11.05 40.54
N LEU C 463 -7.84 -10.31 41.51
CA LEU C 463 -8.47 -9.06 41.91
C LEU C 463 -8.39 -8.02 40.80
N PHE C 464 -7.26 -7.97 40.09
CA PHE C 464 -7.15 -7.07 38.94
C PHE C 464 -8.13 -7.44 37.84
N ASN C 465 -8.25 -8.74 37.55
CA ASN C 465 -9.18 -9.18 36.51
C ASN C 465 -10.62 -8.87 36.89
N LEU C 466 -10.97 -9.01 38.18
CA LEU C 466 -12.32 -8.68 38.60
C LEU C 466 -12.64 -7.22 38.35
N VAL C 467 -11.71 -6.33 38.67
CA VAL C 467 -11.93 -4.90 38.42
C VAL C 467 -11.88 -4.60 36.93
N TYR C 468 -10.93 -5.21 36.21
CA TYR C 468 -10.73 -4.89 34.80
C TYR C 468 -11.95 -5.28 33.96
N TRP C 469 -12.45 -6.50 34.15
CA TRP C 469 -13.53 -6.99 33.29
C TRP C 469 -14.88 -6.37 33.65
N VAL C 470 -15.11 -6.08 34.93
CA VAL C 470 -16.36 -5.42 35.31
C VAL C 470 -16.39 -4.00 34.77
N SER C 471 -15.27 -3.29 34.82
CA SER C 471 -15.24 -1.89 34.40
C SER C 471 -15.54 -1.75 32.90
N TYR C 472 -14.95 -2.61 32.07
CA TYR C 472 -15.06 -2.46 30.64
C TYR C 472 -16.24 -3.20 30.03
N LEU C 473 -16.93 -4.06 30.79
CA LEU C 473 -18.09 -4.77 30.29
C LEU C 473 -19.40 -4.34 30.92
N TYR C 474 -19.40 -3.97 32.20
CA TYR C 474 -20.62 -3.63 32.90
C TYR C 474 -20.57 -2.27 33.59
N LEU C 475 -19.48 -1.52 33.42
CA LEU C 475 -19.40 -0.16 33.94
C LEU C 475 -19.09 0.83 32.82
N THR D 48 -18.61 3.97 -51.03
CA THR D 48 -19.58 5.05 -51.13
C THR D 48 -20.87 4.70 -50.40
N VAL D 49 -21.44 3.54 -50.74
CA VAL D 49 -22.72 3.13 -50.14
C VAL D 49 -22.56 2.94 -48.64
N PHE D 50 -21.41 2.43 -48.20
CA PHE D 50 -21.16 2.27 -46.78
C PHE D 50 -21.22 3.60 -46.05
N THR D 51 -20.65 4.64 -46.65
CA THR D 51 -20.68 5.97 -46.04
C THR D 51 -22.10 6.53 -45.98
N ARG D 52 -22.86 6.39 -47.07
CA ARG D 52 -24.19 6.98 -47.12
C ARG D 52 -25.12 6.40 -46.07
N ILE D 53 -25.08 5.08 -45.88
CA ILE D 53 -25.95 4.44 -44.91
C ILE D 53 -25.61 4.90 -43.49
N LEU D 54 -24.32 5.09 -43.20
CA LEU D 54 -23.92 5.57 -41.89
C LEU D 54 -24.45 6.98 -41.62
N ASP D 55 -24.47 7.83 -42.65
CA ASP D 55 -24.95 9.19 -42.48
C ASP D 55 -26.45 9.22 -42.19
N ARG D 56 -27.21 8.32 -42.81
CA ARG D 56 -28.65 8.26 -42.63
C ARG D 56 -29.09 7.38 -41.46
N LEU D 57 -28.14 6.68 -40.82
CA LEU D 57 -28.53 5.68 -39.83
C LEU D 57 -29.08 6.31 -38.56
N LEU D 58 -28.66 7.53 -38.23
CA LEU D 58 -29.08 8.18 -36.99
C LEU D 58 -29.96 9.40 -37.23
N ASP D 59 -30.53 9.53 -38.43
CA ASP D 59 -31.45 10.64 -38.69
C ASP D 59 -32.78 10.36 -38.02
N GLY D 60 -33.30 11.36 -37.30
CA GLY D 60 -34.53 11.17 -36.56
C GLY D 60 -34.42 10.10 -35.48
N TYR D 61 -33.27 10.01 -34.83
CA TYR D 61 -33.02 9.01 -33.80
C TYR D 61 -32.84 9.70 -32.45
N ASP D 62 -33.63 9.28 -31.47
CA ASP D 62 -33.56 9.81 -30.11
C ASP D 62 -32.97 8.72 -29.22
N ASN D 63 -31.76 8.95 -28.71
CA ASN D 63 -31.08 7.98 -27.88
C ASN D 63 -31.51 8.03 -26.42
N ARG D 64 -32.41 8.94 -26.07
CA ARG D 64 -32.97 8.98 -24.73
C ARG D 64 -34.11 7.99 -24.54
N LEU D 65 -34.62 7.40 -25.63
CA LEU D 65 -35.74 6.48 -25.58
C LEU D 65 -35.27 5.08 -25.93
N ARG D 66 -35.59 4.12 -25.07
CA ARG D 66 -35.25 2.73 -25.35
C ARG D 66 -36.04 2.22 -26.54
N PRO D 67 -35.51 1.24 -27.28
CA PRO D 67 -36.22 0.73 -28.45
C PRO D 67 -37.56 0.12 -28.07
N GLY D 68 -38.56 0.35 -28.92
CA GLY D 68 -39.88 -0.18 -28.68
C GLY D 68 -40.54 0.35 -27.42
N LEU D 69 -40.29 1.60 -27.09
CA LEU D 69 -40.91 2.21 -25.91
C LEU D 69 -42.40 2.40 -26.15
N GLY D 70 -43.22 1.97 -25.20
CA GLY D 70 -44.65 2.02 -25.35
C GLY D 70 -45.26 0.88 -26.13
N GLU D 71 -44.45 -0.03 -26.66
CA GLU D 71 -44.94 -1.19 -27.39
C GLU D 71 -44.57 -2.50 -26.72
N ARG D 72 -43.30 -2.69 -26.38
CA ARG D 72 -42.81 -3.97 -25.88
C ARG D 72 -41.70 -3.74 -24.88
N VAL D 73 -41.41 -4.77 -24.10
CA VAL D 73 -40.27 -4.73 -23.18
C VAL D 73 -39.00 -5.02 -23.96
N THR D 74 -37.95 -4.24 -23.68
CA THR D 74 -36.69 -4.40 -24.38
C THR D 74 -35.99 -5.67 -23.90
N GLU D 75 -35.69 -6.57 -24.83
CA GLU D 75 -35.07 -7.84 -24.51
C GLU D 75 -33.58 -7.76 -24.84
N VAL D 76 -32.74 -8.02 -23.84
CA VAL D 76 -31.29 -7.99 -24.01
C VAL D 76 -30.77 -9.40 -23.75
N LYS D 77 -30.09 -9.97 -24.74
CA LYS D 77 -29.46 -11.28 -24.61
C LYS D 77 -28.00 -11.08 -24.22
N THR D 78 -27.68 -11.39 -22.98
CA THR D 78 -26.33 -11.19 -22.47
C THR D 78 -25.46 -12.42 -22.71
N ASP D 79 -24.15 -12.24 -22.59
CA ASP D 79 -23.19 -13.29 -22.85
C ASP D 79 -21.84 -12.85 -22.28
N ILE D 80 -21.21 -13.73 -21.52
CA ILE D 80 -19.96 -13.42 -20.84
C ILE D 80 -18.92 -14.44 -21.26
N PHE D 81 -17.70 -13.97 -21.52
CA PHE D 81 -16.55 -14.81 -21.82
C PHE D 81 -15.44 -14.43 -20.85
N VAL D 82 -15.32 -15.20 -19.76
CA VAL D 82 -14.32 -14.91 -18.74
C VAL D 82 -12.94 -15.23 -19.28
N THR D 83 -12.18 -14.19 -19.62
CA THR D 83 -10.82 -14.40 -20.12
C THR D 83 -9.89 -14.84 -18.99
N SER D 84 -10.04 -14.26 -17.81
CA SER D 84 -9.16 -14.59 -16.69
C SER D 84 -9.87 -14.26 -15.39
N PHE D 85 -10.26 -15.29 -14.64
CA PHE D 85 -10.82 -15.07 -13.32
C PHE D 85 -9.71 -14.63 -12.38
N GLY D 86 -9.51 -13.32 -12.25
CA GLY D 86 -8.32 -12.77 -11.66
C GLY D 86 -8.15 -13.05 -10.17
N PRO D 87 -7.19 -12.36 -9.56
CA PRO D 87 -6.88 -12.64 -8.15
C PRO D 87 -8.03 -12.30 -7.22
N VAL D 88 -8.11 -13.08 -6.14
CA VAL D 88 -9.12 -12.88 -5.11
C VAL D 88 -8.41 -12.41 -3.85
N SER D 89 -8.89 -11.29 -3.30
CA SER D 89 -8.28 -10.69 -2.12
C SER D 89 -9.11 -11.05 -0.88
N ASP D 90 -8.52 -11.82 0.03
CA ASP D 90 -9.19 -12.13 1.27
C ASP D 90 -9.29 -10.92 2.19
N HIS D 91 -8.29 -10.03 2.14
CA HIS D 91 -8.27 -8.88 3.01
C HIS D 91 -9.30 -7.83 2.61
N ASP D 92 -9.79 -7.88 1.38
CA ASP D 92 -10.79 -6.93 0.90
C ASP D 92 -12.14 -7.58 0.58
N MET D 93 -12.23 -8.91 0.65
CA MET D 93 -13.46 -9.63 0.31
C MET D 93 -13.95 -9.27 -1.09
N GLU D 94 -13.01 -9.16 -2.03
CA GLU D 94 -13.32 -8.81 -3.40
C GLU D 94 -12.46 -9.64 -4.33
N TYR D 95 -12.95 -9.83 -5.56
CA TYR D 95 -12.23 -10.59 -6.56
C TYR D 95 -12.23 -9.82 -7.88
N THR D 96 -11.20 -10.06 -8.67
CA THR D 96 -11.06 -9.44 -9.98
C THR D 96 -11.42 -10.46 -11.05
N ILE D 97 -12.09 -10.00 -12.11
CA ILE D 97 -12.43 -10.86 -13.23
C ILE D 97 -12.30 -10.06 -14.52
N ASP D 98 -11.74 -10.69 -15.55
CA ASP D 98 -11.56 -10.07 -16.86
C ASP D 98 -12.47 -10.79 -17.85
N VAL D 99 -13.40 -10.06 -18.45
CA VAL D 99 -14.45 -10.66 -19.26
C VAL D 99 -14.58 -9.89 -20.57
N PHE D 100 -15.24 -10.53 -21.53
CA PHE D 100 -15.71 -9.88 -22.74
C PHE D 100 -17.24 -9.84 -22.63
N PHE D 101 -17.74 -8.81 -21.97
CA PHE D 101 -19.17 -8.71 -21.69
C PHE D 101 -19.92 -8.35 -22.97
N ARG D 102 -20.86 -9.21 -23.36
CA ARG D 102 -21.61 -9.03 -24.59
CA ARG D 102 -21.62 -9.03 -24.59
C ARG D 102 -23.09 -8.81 -24.29
N GLN D 103 -23.73 -7.99 -25.12
CA GLN D 103 -25.15 -7.70 -25.02
C GLN D 103 -25.72 -7.60 -26.43
N SER D 104 -26.90 -8.17 -26.62
CA SER D 104 -27.57 -8.14 -27.92
C SER D 104 -29.03 -7.78 -27.73
N TRP D 105 -29.55 -6.95 -28.62
CA TRP D 105 -30.95 -6.53 -28.58
C TRP D 105 -31.33 -6.03 -29.96
N LYS D 106 -32.61 -5.72 -30.12
CA LYS D 106 -33.15 -5.23 -31.38
C LYS D 106 -33.56 -3.76 -31.23
N ASP D 107 -33.04 -2.92 -32.11
CA ASP D 107 -33.44 -1.52 -32.21
C ASP D 107 -34.04 -1.35 -33.60
N GLU D 108 -35.37 -1.40 -33.67
CA GLU D 108 -36.07 -1.42 -34.95
C GLU D 108 -35.87 -0.14 -35.74
N ARG D 109 -35.50 0.95 -35.08
CA ARG D 109 -35.25 2.22 -35.78
C ARG D 109 -33.96 2.21 -36.57
N LEU D 110 -33.06 1.26 -36.33
CA LEU D 110 -31.75 1.23 -36.95
C LEU D 110 -31.65 0.25 -38.10
N LYS D 111 -32.78 -0.24 -38.60
CA LYS D 111 -32.76 -1.07 -39.80
C LYS D 111 -32.27 -0.28 -40.99
N PHE D 112 -31.53 -0.93 -41.88
CA PHE D 112 -30.99 -0.27 -43.06
C PHE D 112 -31.11 -1.21 -44.26
N LYS D 113 -31.05 -0.63 -45.45
CA LYS D 113 -31.07 -1.36 -46.71
C LYS D 113 -29.80 -1.04 -47.48
N GLY D 114 -29.07 -2.08 -47.88
CA GLY D 114 -27.86 -1.90 -48.64
C GLY D 114 -27.23 -3.22 -49.04
N PRO D 115 -26.18 -3.15 -49.88
CA PRO D 115 -25.49 -4.38 -50.28
C PRO D 115 -24.87 -5.14 -49.12
N MET D 116 -24.37 -4.43 -48.10
CA MET D 116 -23.77 -5.09 -46.96
C MET D 116 -24.86 -5.70 -46.06
N THR D 117 -24.42 -6.55 -45.14
CA THR D 117 -25.32 -7.19 -44.19
C THR D 117 -25.05 -6.84 -42.74
N VAL D 118 -23.85 -6.37 -42.41
CA VAL D 118 -23.49 -6.00 -41.05
C VAL D 118 -22.76 -4.66 -41.09
N LEU D 119 -23.14 -3.75 -40.19
CA LEU D 119 -22.48 -2.46 -40.06
C LEU D 119 -21.69 -2.42 -38.76
N ARG D 120 -20.43 -2.01 -38.85
CA ARG D 120 -19.61 -1.75 -37.68
C ARG D 120 -19.59 -0.24 -37.42
N LEU D 121 -19.86 0.14 -36.18
CA LEU D 121 -19.96 1.54 -35.79
C LEU D 121 -18.77 1.94 -34.94
N ASN D 122 -18.20 3.11 -35.23
CA ASN D 122 -17.12 3.62 -34.41
C ASN D 122 -17.65 4.11 -33.08
N ASN D 123 -16.73 4.48 -32.19
CA ASN D 123 -17.12 4.83 -30.83
C ASN D 123 -17.90 6.14 -30.77
N LEU D 124 -17.60 7.08 -31.67
CA LEU D 124 -18.34 8.34 -31.70
C LEU D 124 -19.80 8.09 -32.04
N MET D 125 -20.07 7.25 -33.04
CA MET D 125 -21.44 6.93 -33.42
C MET D 125 -22.10 6.00 -32.43
N ALA D 126 -21.32 5.11 -31.79
CA ALA D 126 -21.88 4.20 -30.80
C ALA D 126 -22.39 4.94 -29.57
N SER D 127 -21.78 6.09 -29.25
CA SER D 127 -22.23 6.87 -28.11
C SER D 127 -23.52 7.64 -28.39
N LYS D 128 -23.92 7.76 -29.66
CA LYS D 128 -25.16 8.42 -30.04
C LYS D 128 -26.34 7.47 -30.15
N ILE D 129 -26.14 6.20 -29.81
CA ILE D 129 -27.17 5.17 -29.94
C ILE D 129 -27.49 4.63 -28.56
N TRP D 130 -28.78 4.40 -28.31
CA TRP D 130 -29.21 3.85 -27.03
C TRP D 130 -28.56 2.50 -26.79
N THR D 131 -28.03 2.31 -25.58
CA THR D 131 -27.49 1.04 -25.12
C THR D 131 -28.04 0.74 -23.74
N PRO D 132 -28.12 -0.54 -23.37
CA PRO D 132 -28.59 -0.88 -22.02
C PRO D 132 -27.69 -0.29 -20.95
N ASP D 133 -28.30 0.14 -19.85
CA ASP D 133 -27.55 0.70 -18.72
C ASP D 133 -27.15 -0.38 -17.74
N THR D 134 -26.52 -1.43 -18.24
CA THR D 134 -26.14 -2.56 -17.42
C THR D 134 -25.07 -2.16 -16.41
N PHE D 135 -25.28 -2.53 -15.14
CA PHE D 135 -24.30 -2.29 -14.10
C PHE D 135 -24.20 -3.54 -13.24
N PHE D 136 -23.07 -3.70 -12.57
CA PHE D 136 -22.85 -4.84 -11.69
C PHE D 136 -23.24 -4.46 -10.28
N HIS D 137 -24.17 -5.21 -9.69
CA HIS D 137 -24.72 -4.86 -8.40
C HIS D 137 -23.66 -4.93 -7.31
N ASN D 138 -22.80 -5.95 -7.34
CA ASN D 138 -21.77 -6.13 -6.33
C ASN D 138 -20.42 -5.59 -6.77
N GLY D 139 -20.32 -4.98 -7.95
CA GLY D 139 -19.05 -4.43 -8.38
C GLY D 139 -18.65 -3.23 -7.54
N LYS D 140 -17.34 -3.12 -7.29
CA LYS D 140 -16.81 -1.99 -6.53
C LYS D 140 -16.22 -0.92 -7.44
N LYS D 141 -15.22 -1.31 -8.23
CA LYS D 141 -14.53 -0.37 -9.12
C LYS D 141 -14.07 -1.14 -10.35
N SER D 142 -14.87 -1.10 -11.40
CA SER D 142 -14.54 -1.80 -12.63
C SER D 142 -13.83 -0.85 -13.60
N VAL D 143 -13.12 -1.45 -14.55
CA VAL D 143 -12.33 -0.72 -15.53
C VAL D 143 -12.82 -1.07 -16.93
N ALA D 144 -13.14 -0.05 -17.71
CA ALA D 144 -13.43 -0.21 -19.13
C ALA D 144 -12.17 0.18 -19.89
N HIS D 145 -11.50 -0.80 -20.47
CA HIS D 145 -10.16 -0.58 -21.02
C HIS D 145 -10.21 0.34 -22.23
N ASN D 146 -9.26 1.27 -22.30
CA ASN D 146 -9.24 2.31 -23.32
C ASN D 146 -7.95 2.30 -24.13
N MET D 147 -7.16 1.24 -24.05
CA MET D 147 -5.86 1.15 -24.69
C MET D 147 -5.90 0.15 -25.83
N THR D 148 -5.48 0.58 -27.02
CA THR D 148 -5.04 1.93 -27.33
C THR D 148 -6.24 2.78 -27.76
N MET D 149 -7.36 2.11 -27.91
CA MET D 149 -8.65 2.69 -28.26
C MET D 149 -9.68 2.11 -27.31
N PRO D 150 -10.87 2.73 -27.20
CA PRO D 150 -11.94 2.11 -26.41
C PRO D 150 -12.20 0.67 -26.79
N ASN D 151 -11.98 -0.26 -25.86
CA ASN D 151 -12.13 -1.68 -26.12
C ASN D 151 -13.62 -2.03 -26.11
N LYS D 152 -14.32 -1.50 -27.11
CA LYS D 152 -15.75 -1.69 -27.29
C LYS D 152 -16.03 -1.89 -28.77
N LEU D 153 -17.14 -2.53 -29.07
CA LEU D 153 -17.50 -2.80 -30.46
C LEU D 153 -19.01 -2.90 -30.57
N LEU D 154 -19.59 -2.00 -31.38
CA LEU D 154 -21.01 -2.02 -31.66
C LEU D 154 -21.20 -2.40 -33.13
N ARG D 155 -21.93 -3.49 -33.36
CA ARG D 155 -22.23 -3.96 -34.71
C ARG D 155 -23.74 -4.01 -34.89
N ILE D 156 -24.20 -3.57 -36.05
CA ILE D 156 -25.63 -3.54 -36.37
C ILE D 156 -25.86 -4.47 -37.55
N THR D 157 -26.77 -5.43 -37.37
CA THR D 157 -27.18 -6.29 -38.47
C THR D 157 -28.21 -5.57 -39.33
N GLU D 158 -28.52 -6.18 -40.48
CA GLU D 158 -29.40 -5.54 -41.45
C GLU D 158 -30.81 -5.35 -40.90
N ASP D 159 -31.28 -6.30 -40.11
CA ASP D 159 -32.62 -6.26 -39.54
C ASP D 159 -32.71 -5.40 -38.28
N GLY D 160 -31.74 -4.54 -38.02
CA GLY D 160 -31.78 -3.71 -36.84
C GLY D 160 -31.42 -4.40 -35.55
N THR D 161 -30.58 -5.43 -35.61
CA THR D 161 -30.13 -6.16 -34.43
C THR D 161 -28.74 -5.69 -34.05
N LEU D 162 -28.57 -5.28 -32.80
CA LEU D 162 -27.33 -4.69 -32.32
C LEU D 162 -26.58 -5.67 -31.45
N LEU D 163 -25.31 -5.87 -31.74
CA LEU D 163 -24.41 -6.66 -30.91
C LEU D 163 -23.40 -5.71 -30.30
N TYR D 164 -23.30 -5.72 -28.97
CA TYR D 164 -22.50 -4.76 -28.23
C TYR D 164 -21.54 -5.53 -27.33
N THR D 165 -20.25 -5.41 -27.62
CA THR D 165 -19.20 -6.13 -26.90
C THR D 165 -18.27 -5.12 -26.24
N MET D 166 -17.82 -5.45 -25.03
CA MET D 166 -16.87 -4.61 -24.32
C MET D 166 -15.98 -5.50 -23.46
N ARG D 167 -14.72 -5.09 -23.32
CA ARG D 167 -13.76 -5.78 -22.47
C ARG D 167 -13.64 -5.01 -21.16
N LEU D 168 -13.90 -5.70 -20.04
CA LEU D 168 -13.97 -5.06 -18.74
C LEU D 168 -13.12 -5.83 -17.74
N THR D 169 -12.64 -5.11 -16.74
CA THR D 169 -11.97 -5.70 -15.58
C THR D 169 -12.86 -5.38 -14.37
N VAL D 170 -13.83 -6.26 -14.13
CA VAL D 170 -14.77 -6.07 -13.04
C VAL D 170 -14.11 -6.45 -11.72
N ARG D 171 -14.17 -5.56 -10.74
CA ARG D 171 -13.67 -5.81 -9.40
C ARG D 171 -14.88 -5.87 -8.48
N ALA D 172 -15.49 -7.05 -8.40
CA ALA D 172 -16.72 -7.24 -7.65
C ALA D 172 -16.41 -7.66 -6.22
N GLU D 173 -17.45 -7.68 -5.40
CA GLU D 173 -17.32 -8.07 -4.00
C GLU D 173 -17.76 -9.52 -3.82
N CYS D 174 -17.19 -10.16 -2.81
CA CYS D 174 -17.52 -11.54 -2.48
C CYS D 174 -17.61 -11.70 -0.98
N PRO D 175 -18.82 -11.83 -0.41
CA PRO D 175 -18.95 -11.96 1.04
C PRO D 175 -18.36 -13.26 1.55
N MET D 176 -17.29 -13.17 2.33
CA MET D 176 -16.59 -14.35 2.84
C MET D 176 -16.88 -14.52 4.32
N HIS D 177 -17.25 -15.74 4.71
CA HIS D 177 -17.36 -16.13 6.11
C HIS D 177 -16.23 -17.11 6.38
N LEU D 178 -15.21 -16.66 7.10
CA LEU D 178 -13.98 -17.40 7.28
C LEU D 178 -13.92 -18.14 8.62
N GLU D 179 -15.07 -18.60 9.12
CA GLU D 179 -15.06 -19.39 10.35
C GLU D 179 -14.34 -20.72 10.13
N ASP D 180 -14.37 -21.25 8.91
CA ASP D 180 -13.74 -22.52 8.59
C ASP D 180 -12.32 -22.36 8.07
N PHE D 181 -11.78 -21.15 8.10
CA PHE D 181 -10.43 -20.92 7.57
C PHE D 181 -9.43 -21.81 8.31
N PRO D 182 -8.50 -22.46 7.60
CA PRO D 182 -8.27 -22.41 6.15
C PRO D 182 -9.08 -23.43 5.35
N MET D 183 -9.96 -24.19 5.97
CA MET D 183 -10.78 -25.17 5.26
C MET D 183 -12.14 -24.56 4.88
N ASP D 184 -12.06 -23.46 4.14
CA ASP D 184 -13.24 -22.68 3.78
C ASP D 184 -13.50 -22.76 2.28
N ALA D 185 -14.78 -22.82 1.93
CA ALA D 185 -15.21 -22.77 0.54
C ALA D 185 -16.19 -21.61 0.38
N HIS D 186 -16.09 -20.91 -0.75
CA HIS D 186 -16.89 -19.71 -0.97
C HIS D 186 -17.54 -19.77 -2.34
N ALA D 187 -18.71 -19.13 -2.45
CA ALA D 187 -19.42 -18.97 -3.72
C ALA D 187 -19.46 -17.48 -4.03
N CYS D 188 -18.51 -17.02 -4.84
CA CYS D 188 -18.43 -15.60 -5.17
C CYS D 188 -19.41 -15.25 -6.28
N PRO D 189 -20.34 -14.33 -6.07
CA PRO D 189 -21.34 -14.02 -7.10
C PRO D 189 -20.91 -12.90 -8.01
N LEU D 190 -21.61 -12.80 -9.15
CA LEU D 190 -21.47 -11.70 -10.10
C LEU D 190 -22.89 -11.37 -10.58
N LYS D 191 -23.51 -10.40 -9.92
CA LYS D 191 -24.88 -9.99 -10.23
C LYS D 191 -24.85 -8.73 -11.06
N PHE D 192 -25.65 -8.70 -12.12
CA PHE D 192 -25.73 -7.51 -12.95
C PHE D 192 -27.14 -7.37 -13.51
N GLY D 193 -27.46 -6.14 -13.91
CA GLY D 193 -28.76 -5.84 -14.46
C GLY D 193 -28.87 -4.37 -14.75
N SER D 194 -30.05 -3.97 -15.21
CA SER D 194 -30.29 -2.58 -15.56
C SER D 194 -30.42 -1.72 -14.31
N TYR D 195 -29.96 -0.47 -14.41
CA TYR D 195 -30.05 0.44 -13.27
C TYR D 195 -31.33 1.26 -13.29
N ALA D 196 -31.70 1.81 -14.45
CA ALA D 196 -32.83 2.72 -14.54
C ALA D 196 -34.13 2.06 -14.99
N TYR D 197 -34.04 0.95 -15.72
CA TYR D 197 -35.21 0.32 -16.32
C TYR D 197 -35.66 -0.87 -15.48
N THR D 198 -36.93 -0.85 -15.08
CA THR D 198 -37.49 -1.96 -14.32
C THR D 198 -37.80 -3.12 -15.26
N ARG D 199 -38.32 -4.21 -14.68
CA ARG D 199 -38.58 -5.42 -15.45
C ARG D 199 -39.66 -5.21 -16.49
N ALA D 200 -40.48 -4.16 -16.37
CA ALA D 200 -41.50 -3.87 -17.36
C ALA D 200 -40.97 -3.11 -18.56
N GLU D 201 -39.70 -2.70 -18.53
CA GLU D 201 -39.11 -1.91 -19.61
C GLU D 201 -37.97 -2.65 -20.31
N VAL D 202 -37.00 -3.16 -19.56
CA VAL D 202 -35.86 -3.89 -20.13
C VAL D 202 -35.74 -5.21 -19.40
N VAL D 203 -35.66 -6.30 -20.16
CA VAL D 203 -35.53 -7.65 -19.61
C VAL D 203 -34.24 -8.26 -20.13
N TYR D 204 -33.48 -8.87 -19.23
CA TYR D 204 -32.23 -9.54 -19.57
C TYR D 204 -32.44 -11.05 -19.60
N GLU D 205 -31.77 -11.72 -20.54
CA GLU D 205 -31.76 -13.18 -20.57
C GLU D 205 -30.43 -13.63 -21.15
N TRP D 206 -30.02 -14.84 -20.80
CA TRP D 206 -28.82 -15.41 -21.38
C TRP D 206 -29.10 -15.85 -22.81
N THR D 207 -28.12 -15.64 -23.69
CA THR D 207 -28.31 -15.94 -25.11
C THR D 207 -28.50 -17.43 -25.36
N ARG D 208 -27.79 -18.27 -24.60
CA ARG D 208 -27.90 -19.72 -24.67
C ARG D 208 -28.38 -20.24 -23.32
N GLU D 209 -28.31 -21.55 -23.15
CA GLU D 209 -28.57 -22.13 -21.84
C GLU D 209 -27.66 -21.47 -20.80
N PRO D 210 -28.16 -21.17 -19.62
CA PRO D 210 -27.38 -20.36 -18.67
C PRO D 210 -26.00 -20.90 -18.37
N ALA D 211 -25.86 -22.22 -18.25
CA ALA D 211 -24.54 -22.79 -18.00
C ALA D 211 -23.61 -22.59 -19.18
N ARG D 212 -24.16 -22.47 -20.39
CA ARG D 212 -23.36 -22.30 -21.60
C ARG D 212 -23.21 -20.85 -22.01
N SER D 213 -23.68 -19.90 -21.19
CA SER D 213 -23.58 -18.49 -21.51
C SER D 213 -22.42 -17.79 -20.82
N VAL D 214 -21.91 -18.35 -19.74
CA VAL D 214 -20.71 -17.86 -19.09
C VAL D 214 -19.60 -18.85 -19.40
N VAL D 215 -18.75 -18.53 -20.36
CA VAL D 215 -17.68 -19.41 -20.81
C VAL D 215 -16.38 -18.90 -20.21
N VAL D 216 -15.79 -19.70 -19.34
CA VAL D 216 -14.52 -19.36 -18.71
C VAL D 216 -13.38 -19.91 -19.54
N ALA D 217 -12.34 -19.11 -19.73
CA ALA D 217 -11.17 -19.56 -20.47
C ALA D 217 -10.48 -20.71 -19.75
N GLU D 218 -10.12 -21.74 -20.51
CA GLU D 218 -9.47 -22.89 -19.91
C GLU D 218 -8.11 -22.53 -19.33
N ASP D 219 -7.35 -21.69 -20.04
CA ASP D 219 -6.03 -21.30 -19.55
C ASP D 219 -6.10 -20.29 -18.43
N GLY D 220 -7.11 -19.43 -18.41
CA GLY D 220 -7.17 -18.34 -17.46
C GLY D 220 -7.85 -18.68 -16.15
N SER D 221 -7.07 -18.99 -15.13
CA SER D 221 -7.59 -19.22 -13.78
C SER D 221 -7.04 -18.22 -12.76
N ARG D 222 -5.75 -17.92 -12.81
CA ARG D 222 -5.14 -16.81 -12.07
C ARG D 222 -5.41 -16.86 -10.56
N LEU D 223 -5.74 -18.04 -10.03
CA LEU D 223 -6.00 -18.20 -8.61
C LEU D 223 -4.79 -18.82 -7.93
N ASN D 224 -4.29 -18.15 -6.89
CA ASN D 224 -3.14 -18.65 -6.15
C ASN D 224 -3.54 -19.61 -5.03
N GLN D 225 -4.50 -19.22 -4.21
CA GLN D 225 -4.90 -20.00 -3.04
C GLN D 225 -6.29 -20.58 -3.17
N TYR D 226 -6.87 -20.60 -4.37
CA TYR D 226 -8.20 -21.14 -4.58
C TYR D 226 -8.21 -22.03 -5.81
N ASP D 227 -9.15 -22.96 -5.84
CA ASP D 227 -9.42 -23.79 -7.00
C ASP D 227 -10.83 -23.50 -7.48
N LEU D 228 -10.96 -23.16 -8.76
CA LEU D 228 -12.27 -22.84 -9.33
C LEU D 228 -12.96 -24.14 -9.71
N LEU D 229 -13.87 -24.60 -8.85
CA LEU D 229 -14.57 -25.85 -9.09
C LEU D 229 -15.52 -25.74 -10.28
N GLY D 230 -16.20 -24.62 -10.40
CA GLY D 230 -17.17 -24.42 -11.46
C GLY D 230 -18.04 -23.23 -11.15
N GLN D 231 -18.92 -22.91 -12.09
CA GLN D 231 -19.79 -21.76 -11.97
C GLN D 231 -21.25 -22.19 -12.10
N THR D 232 -22.11 -21.51 -11.35
CA THR D 232 -23.56 -21.69 -11.42
C THR D 232 -24.17 -20.39 -11.95
N VAL D 233 -25.07 -20.52 -12.93
CA VAL D 233 -25.63 -19.38 -13.63
C VAL D 233 -27.15 -19.44 -13.52
N ASP D 234 -27.74 -18.33 -13.08
CA ASP D 234 -29.19 -18.24 -12.97
C ASP D 234 -29.60 -16.76 -13.04
N SER D 235 -30.90 -16.54 -13.23
CA SER D 235 -31.48 -15.22 -13.30
C SER D 235 -32.58 -15.10 -12.24
N GLY D 236 -33.22 -13.93 -12.20
CA GLY D 236 -34.27 -13.71 -11.23
C GLY D 236 -34.77 -12.28 -11.27
N ILE D 237 -35.57 -11.94 -10.26
CA ILE D 237 -36.16 -10.62 -10.11
C ILE D 237 -35.84 -10.13 -8.70
N VAL D 238 -35.46 -8.86 -8.58
CA VAL D 238 -35.17 -8.26 -7.30
C VAL D 238 -36.19 -7.15 -7.03
N GLN D 239 -36.44 -6.89 -5.76
CA GLN D 239 -37.42 -5.90 -5.32
C GLN D 239 -36.71 -4.72 -4.69
N SER D 240 -37.04 -3.52 -5.15
CA SER D 240 -36.51 -2.30 -4.56
C SER D 240 -37.63 -1.26 -4.50
N SER D 241 -37.32 -0.13 -3.86
CA SER D 241 -38.29 0.94 -3.73
C SER D 241 -38.66 1.59 -5.07
N THR D 242 -37.82 1.42 -6.09
CA THR D 242 -38.06 2.00 -7.40
C THR D 242 -38.67 1.01 -8.38
N GLY D 243 -39.05 -0.18 -7.94
CA GLY D 243 -39.69 -1.15 -8.79
C GLY D 243 -38.98 -2.49 -8.71
N GLU D 244 -39.26 -3.34 -9.71
CA GLU D 244 -38.70 -4.68 -9.79
C GLU D 244 -37.77 -4.76 -10.99
N TYR D 245 -36.59 -5.35 -10.79
CA TYR D 245 -35.54 -5.37 -11.80
C TYR D 245 -35.11 -6.80 -12.09
N VAL D 246 -34.83 -7.07 -13.37
CA VAL D 246 -34.29 -8.35 -13.78
C VAL D 246 -32.82 -8.42 -13.42
N VAL D 247 -32.43 -9.46 -12.69
CA VAL D 247 -31.06 -9.64 -12.23
C VAL D 247 -30.50 -10.93 -12.82
N MET D 248 -29.28 -10.87 -13.31
CA MET D 248 -28.56 -12.04 -13.80
C MET D 248 -27.40 -12.33 -12.86
N THR D 249 -27.33 -13.56 -12.37
CA THR D 249 -26.34 -13.94 -11.37
C THR D 249 -25.44 -15.04 -11.91
N THR D 250 -24.19 -15.01 -11.48
CA THR D 250 -23.22 -16.05 -11.80
C THR D 250 -22.35 -16.28 -10.57
N HIS D 251 -22.41 -17.48 -10.01
CA HIS D 251 -21.68 -17.81 -8.80
C HIS D 251 -20.47 -18.66 -9.16
N PHE D 252 -19.29 -18.23 -8.74
CA PHE D 252 -18.06 -18.98 -8.95
C PHE D 252 -17.67 -19.64 -7.64
N HIS D 253 -17.53 -20.96 -7.66
CA HIS D 253 -17.27 -21.72 -6.44
C HIS D 253 -15.76 -21.88 -6.27
N LEU D 254 -15.24 -21.38 -5.15
CA LEU D 254 -13.82 -21.39 -4.87
C LEU D 254 -13.56 -22.28 -3.66
N LYS D 255 -12.67 -23.26 -3.82
CA LYS D 255 -12.22 -24.11 -2.72
C LYS D 255 -10.80 -23.71 -2.36
N ARG D 256 -10.60 -23.32 -1.10
CA ARG D 256 -9.28 -22.91 -0.65
C ARG D 256 -8.33 -24.10 -0.63
N LYS D 257 -7.09 -23.86 -1.05
CA LYS D 257 -6.06 -24.89 -1.02
C LYS D 257 -5.35 -24.88 0.33
N ILE D 258 -5.17 -26.05 0.92
CA ILE D 258 -4.76 -26.19 2.31
C ILE D 258 -3.33 -26.67 2.47
N GLY D 259 -2.68 -27.11 1.40
CA GLY D 259 -1.34 -27.68 1.54
C GLY D 259 -0.34 -26.70 2.14
N TYR D 260 -0.45 -25.42 1.78
CA TYR D 260 0.43 -24.41 2.35
C TYR D 260 0.24 -24.27 3.85
N PHE D 261 -1.00 -24.30 4.32
CA PHE D 261 -1.26 -24.10 5.74
C PHE D 261 -0.87 -25.32 6.56
N VAL D 262 -0.85 -26.50 5.95
CA VAL D 262 -0.41 -27.69 6.65
C VAL D 262 1.07 -27.61 7.00
N ILE D 263 1.89 -27.22 6.02
CA ILE D 263 3.33 -27.22 6.23
C ILE D 263 3.78 -25.99 7.00
N GLN D 264 3.07 -24.86 6.88
CA GLN D 264 3.49 -23.63 7.54
C GLN D 264 2.98 -23.52 8.97
N THR D 265 1.76 -23.95 9.23
CA THR D 265 1.13 -23.76 10.54
C THR D 265 0.84 -25.06 11.26
N TYR D 266 0.11 -25.97 10.63
CA TYR D 266 -0.38 -27.15 11.34
C TYR D 266 0.76 -28.08 11.73
N LEU D 267 1.63 -28.41 10.79
CA LEU D 267 2.76 -29.29 11.11
C LEU D 267 3.70 -28.69 12.14
N PRO D 268 4.17 -27.44 12.01
CA PRO D 268 5.03 -26.89 13.08
C PRO D 268 4.34 -26.83 14.43
N CYS D 269 3.03 -26.56 14.47
CA CYS D 269 2.31 -26.52 15.74
C CYS D 269 2.19 -27.91 16.34
N ILE D 270 1.93 -28.92 15.51
CA ILE D 270 1.81 -30.29 16.00
C ILE D 270 3.15 -30.75 16.58
N MET D 271 4.24 -30.49 15.87
CA MET D 271 5.55 -30.93 16.33
C MET D 271 5.99 -30.21 17.60
N THR D 272 5.56 -28.96 17.79
CA THR D 272 5.89 -28.26 19.03
C THR D 272 5.11 -28.85 20.21
N VAL D 273 3.88 -29.30 19.97
CA VAL D 273 3.13 -29.98 21.02
C VAL D 273 3.78 -31.31 21.36
N ILE D 274 4.32 -32.01 20.36
CA ILE D 274 5.01 -33.26 20.61
C ILE D 274 6.27 -33.02 21.43
N LEU D 275 7.02 -31.95 21.12
CA LEU D 275 8.24 -31.65 21.87
C LEU D 275 7.94 -31.35 23.33
N SER D 276 6.81 -30.69 23.61
CA SER D 276 6.45 -30.43 24.99
C SER D 276 6.18 -31.73 25.75
N GLN D 277 5.54 -32.69 25.10
CA GLN D 277 5.28 -33.98 25.72
C GLN D 277 6.54 -34.84 25.78
N VAL D 278 7.56 -34.51 24.98
CA VAL D 278 8.85 -35.20 25.05
C VAL D 278 9.47 -35.01 26.42
N SER D 279 9.17 -33.90 27.08
CA SER D 279 9.73 -33.62 28.41
C SER D 279 9.27 -34.64 29.45
N PHE D 280 8.20 -35.38 29.18
CA PHE D 280 7.72 -36.37 30.14
C PHE D 280 8.67 -37.55 30.29
N TRP D 281 9.58 -37.75 29.34
CA TRP D 281 10.53 -38.84 29.41
C TRP D 281 11.87 -38.44 30.04
N LEU D 282 12.15 -37.14 30.15
CA LEU D 282 13.34 -36.70 30.85
C LEU D 282 13.19 -36.97 32.34
N ASN D 283 14.29 -37.34 32.98
CA ASN D 283 14.26 -37.67 34.40
C ASN D 283 13.88 -36.45 35.23
N ARG D 284 13.17 -36.70 36.32
CA ARG D 284 12.60 -35.62 37.13
C ARG D 284 13.67 -34.76 37.79
N GLU D 285 14.90 -35.25 37.92
CA GLU D 285 15.94 -34.52 38.60
C GLU D 285 16.57 -33.44 37.73
N SER D 286 16.32 -33.44 36.43
CA SER D 286 16.88 -32.42 35.53
C SER D 286 15.92 -31.23 35.47
N VAL D 287 15.87 -30.50 36.59
CA VAL D 287 14.96 -29.37 36.69
C VAL D 287 15.28 -28.28 35.66
N PRO D 288 16.52 -27.80 35.51
CA PRO D 288 16.77 -26.78 34.49
C PRO D 288 16.42 -27.22 33.08
N ALA D 289 16.68 -28.49 32.74
CA ALA D 289 16.40 -28.96 31.39
C ALA D 289 14.89 -28.99 31.13
N ARG D 290 14.12 -29.53 32.08
CA ARG D 290 12.68 -29.64 31.86
C ARG D 290 12.00 -28.28 31.93
N THR D 291 12.52 -27.35 32.73
CA THR D 291 11.98 -26.00 32.75
C THR D 291 12.23 -25.28 31.43
N VAL D 292 13.48 -25.31 30.96
CA VAL D 292 13.81 -24.65 29.69
C VAL D 292 13.05 -25.29 28.54
N PHE D 293 12.88 -26.61 28.59
CA PHE D 293 12.10 -27.29 27.56
C PHE D 293 10.67 -26.76 27.50
N GLY D 294 10.03 -26.59 28.65
CA GLY D 294 8.64 -26.18 28.66
C GLY D 294 8.44 -24.74 28.22
N VAL D 295 9.23 -23.81 28.75
CA VAL D 295 8.99 -22.40 28.49
C VAL D 295 9.35 -22.06 27.04
N THR D 296 10.42 -22.65 26.52
CA THR D 296 10.83 -22.35 25.15
C THR D 296 9.82 -22.90 24.14
N THR D 297 9.15 -24.01 24.46
CA THR D 297 8.07 -24.47 23.61
C THR D 297 6.88 -23.50 23.64
N VAL D 298 6.59 -22.94 24.81
CA VAL D 298 5.56 -21.91 24.90
C VAL D 298 5.97 -20.69 24.08
N LEU D 299 7.24 -20.29 24.20
CA LEU D 299 7.75 -19.19 23.38
C LEU D 299 7.69 -19.53 21.90
N THR D 300 8.01 -20.79 21.56
CA THR D 300 7.91 -21.22 20.16
C THR D 300 6.45 -21.21 19.69
N MET D 301 5.53 -21.68 20.53
CA MET D 301 4.11 -21.65 20.16
C MET D 301 3.62 -20.22 20.00
N THR D 302 4.06 -19.33 20.88
CA THR D 302 3.70 -17.91 20.75
C THR D 302 4.24 -17.34 19.44
N THR D 303 5.48 -17.69 19.08
CA THR D 303 6.05 -17.24 17.82
C THR D 303 5.24 -17.76 16.64
N LEU D 304 4.81 -19.03 16.70
CA LEU D 304 4.03 -19.60 15.61
C LEU D 304 2.62 -19.02 15.57
N SER D 305 2.02 -18.79 16.73
CA SER D 305 0.64 -18.28 16.78
C SER D 305 0.54 -16.90 16.14
N ILE D 306 1.50 -16.02 16.44
CA ILE D 306 1.49 -14.69 15.86
C ILE D 306 1.64 -14.77 14.35
N SER D 307 2.58 -15.59 13.88
CA SER D 307 2.85 -15.68 12.44
C SER D 307 1.61 -16.17 11.68
N ALA D 308 0.93 -17.19 12.20
CA ALA D 308 -0.23 -17.74 11.50
C ALA D 308 -1.36 -16.71 11.42
N ARG D 309 -1.58 -15.96 12.51
CA ARG D 309 -2.65 -14.98 12.53
C ARG D 309 -2.35 -13.82 11.59
N ASN D 310 -1.07 -13.44 11.45
CA ASN D 310 -0.70 -12.34 10.56
C ASN D 310 -0.99 -12.67 9.10
N SER D 311 -1.03 -13.94 8.73
CA SER D 311 -1.34 -14.32 7.36
C SER D 311 -2.83 -14.19 7.05
N LEU D 312 -3.68 -14.42 8.04
CA LEU D 312 -5.12 -14.38 7.84
C LEU D 312 -5.59 -12.93 7.75
N PRO D 313 -6.63 -12.64 6.96
CA PRO D 313 -7.24 -11.31 6.99
C PRO D 313 -7.74 -10.95 8.38
N LYS D 314 -7.66 -9.67 8.70
CA LYS D 314 -7.90 -9.17 10.05
C LYS D 314 -9.39 -9.20 10.36
N VAL D 315 -9.89 -10.40 10.62
CA VAL D 315 -11.25 -10.59 11.12
C VAL D 315 -11.20 -10.65 12.65
N ALA D 316 -12.29 -10.27 13.29
CA ALA D 316 -12.35 -10.22 14.75
C ALA D 316 -13.03 -11.45 15.36
N TYR D 317 -13.41 -12.43 14.55
CA TYR D 317 -13.97 -13.66 15.05
C TYR D 317 -12.95 -14.79 14.93
N ALA D 318 -13.07 -15.78 15.82
CA ALA D 318 -12.14 -16.90 15.84
C ALA D 318 -12.42 -17.84 14.67
N THR D 319 -11.36 -18.20 13.95
CA THR D 319 -11.45 -19.14 12.85
C THR D 319 -11.05 -20.54 13.31
N ALA D 320 -11.10 -21.50 12.38
CA ALA D 320 -10.71 -22.86 12.73
C ALA D 320 -9.23 -22.93 13.11
N MET D 321 -8.38 -22.20 12.40
CA MET D 321 -6.97 -22.17 12.73
C MET D 321 -6.72 -21.55 14.10
N ASP D 322 -7.55 -20.59 14.50
CA ASP D 322 -7.42 -19.99 15.82
C ASP D 322 -7.69 -21.00 16.92
N TRP D 323 -8.70 -21.85 16.72
CA TRP D 323 -9.01 -22.87 17.73
C TRP D 323 -7.92 -23.93 17.82
N PHE D 324 -7.37 -24.35 16.68
CA PHE D 324 -6.32 -25.35 16.70
C PHE D 324 -5.08 -24.83 17.43
N ILE D 325 -4.71 -23.58 17.17
CA ILE D 325 -3.56 -23.00 17.85
C ILE D 325 -3.86 -22.78 19.33
N ALA D 326 -5.09 -22.38 19.65
CA ALA D 326 -5.47 -22.19 21.05
C ALA D 326 -5.38 -23.50 21.83
N VAL D 327 -5.83 -24.60 21.22
CA VAL D 327 -5.73 -25.90 21.88
C VAL D 327 -4.27 -26.33 21.97
N CYS D 328 -3.49 -26.11 20.91
CA CYS D 328 -2.06 -26.38 20.98
C CYS D 328 -1.38 -25.52 22.04
N TYR D 329 -1.83 -24.27 22.19
CA TYR D 329 -1.31 -23.43 23.26
C TYR D 329 -1.66 -23.99 24.63
N ALA D 330 -2.81 -24.67 24.74
CA ALA D 330 -3.21 -25.24 26.02
C ALA D 330 -2.41 -26.47 26.37
N PHE D 331 -2.11 -27.32 25.38
CA PHE D 331 -1.33 -28.51 25.64
C PHE D 331 0.10 -28.18 26.04
N VAL D 332 0.71 -27.23 25.34
CA VAL D 332 2.07 -26.82 25.69
C VAL D 332 2.09 -26.12 27.05
N PHE D 333 1.03 -25.37 27.36
CA PHE D 333 0.90 -24.79 28.70
C PHE D 333 0.77 -25.87 29.77
N SER D 334 0.00 -26.92 29.48
CA SER D 334 -0.25 -27.94 30.48
C SER D 334 0.95 -28.82 30.73
N ALA D 335 1.79 -29.02 29.72
CA ALA D 335 3.01 -29.81 29.91
C ALA D 335 3.95 -29.15 30.90
N LEU D 336 4.06 -27.82 30.85
CA LEU D 336 4.88 -27.11 31.82
C LEU D 336 4.25 -27.12 33.20
N ILE D 337 2.92 -27.09 33.28
CA ILE D 337 2.23 -27.23 34.56
C ILE D 337 2.44 -28.63 35.12
N GLU D 338 2.49 -29.64 34.24
CA GLU D 338 2.66 -31.01 34.68
C GLU D 338 4.00 -31.21 35.39
N PHE D 339 5.07 -30.62 34.86
CA PHE D 339 6.38 -30.74 35.50
C PHE D 339 6.41 -30.02 36.84
N ALA D 340 5.73 -28.87 36.94
CA ALA D 340 5.68 -28.15 38.20
C ALA D 340 5.05 -28.99 39.31
N THR D 341 4.15 -29.91 38.95
CA THR D 341 3.59 -30.82 39.92
C THR D 341 4.53 -32.00 40.20
N VAL D 342 5.22 -32.48 39.16
CA VAL D 342 6.21 -33.53 39.35
C VAL D 342 7.37 -33.03 40.19
N ASN D 343 7.85 -31.81 39.91
CA ASN D 343 8.96 -31.25 40.67
C ASN D 343 8.59 -31.02 42.12
N TYR D 344 7.29 -30.83 42.40
CA TYR D 344 6.87 -30.58 43.78
C TYR D 344 7.05 -31.82 44.65
N PHE D 345 7.01 -33.01 44.08
CA PHE D 345 7.15 -34.26 44.82
C PHE D 345 8.47 -34.96 44.54
N THR D 346 9.51 -34.20 44.18
CA THR D 346 10.85 -34.74 43.99
C THR D 346 11.65 -34.49 45.26
N LYS D 347 12.21 -35.56 45.83
CA LYS D 347 12.80 -35.49 47.16
C LYS D 347 14.29 -35.15 47.14
N ARG D 348 15.07 -35.83 46.31
CA ARG D 348 16.52 -35.69 46.30
C ARG D 348 16.99 -35.08 45.00
N GLY D 349 17.99 -34.20 45.10
CA GLY D 349 18.45 -33.47 43.93
C GLY D 349 19.16 -34.36 42.91
N TYR D 350 19.95 -35.31 43.38
CA TYR D 350 20.74 -36.14 42.49
C TYR D 350 19.86 -37.14 41.76
N ALA D 351 20.33 -37.58 40.59
CA ALA D 351 19.65 -38.59 39.80
C ALA D 351 20.37 -39.93 39.92
N TRP D 352 19.88 -40.93 39.20
CA TRP D 352 20.49 -42.24 39.21
C TRP D 352 21.79 -42.23 38.42
N ASP D 353 22.80 -42.93 38.94
CA ASP D 353 24.13 -42.97 38.33
C ASP D 353 24.29 -44.25 37.52
N GLY D 354 25.51 -44.48 37.03
CA GLY D 354 25.75 -45.69 36.24
C GLY D 354 25.55 -46.96 37.04
N LYS D 355 26.02 -46.98 38.28
CA LYS D 355 25.86 -48.15 39.14
C LYS D 355 25.09 -47.80 40.41
N LYS D 419 22.68 -45.90 47.88
CA LYS D 419 21.76 -44.98 48.53
C LYS D 419 20.41 -44.96 47.82
N THR D 420 19.44 -44.30 48.44
CA THR D 420 18.10 -44.20 47.87
C THR D 420 18.09 -43.26 46.67
N PHE D 421 17.27 -43.59 45.68
CA PHE D 421 17.11 -42.77 44.50
C PHE D 421 15.62 -42.58 44.21
N ASN D 422 15.29 -41.44 43.61
CA ASN D 422 13.91 -41.14 43.27
C ASN D 422 13.35 -42.18 42.30
N SER D 423 12.14 -42.64 42.57
CA SER D 423 11.43 -43.48 41.62
C SER D 423 10.88 -42.63 40.50
N VAL D 424 10.49 -43.30 39.41
CA VAL D 424 9.87 -42.59 38.29
C VAL D 424 8.52 -42.04 38.72
N SER D 425 8.26 -40.78 38.39
CA SER D 425 7.05 -40.12 38.85
C SER D 425 5.81 -40.78 38.24
N LYS D 426 4.81 -41.02 39.08
CA LYS D 426 3.53 -41.53 38.57
C LYS D 426 2.82 -40.49 37.72
N ILE D 427 3.01 -39.21 38.03
CA ILE D 427 2.47 -38.16 37.17
C ILE D 427 3.13 -38.20 35.80
N ASP D 428 4.45 -38.40 35.76
CA ASP D 428 5.15 -38.51 34.49
C ASP D 428 4.67 -39.72 33.69
N ARG D 429 4.55 -40.88 34.36
CA ARG D 429 4.18 -42.10 33.66
C ARG D 429 2.78 -42.01 33.06
N LEU D 430 1.84 -41.42 33.80
CA LEU D 430 0.49 -41.25 33.27
C LEU D 430 0.43 -40.15 32.22
N SER D 431 1.27 -39.12 32.35
CA SER D 431 1.29 -38.04 31.37
C SER D 431 1.83 -38.51 30.03
N ARG D 432 2.71 -39.51 30.04
CA ARG D 432 3.22 -40.07 28.79
C ARG D 432 2.12 -40.72 27.96
N ILE D 433 0.98 -41.02 28.55
CA ILE D 433 -0.16 -41.61 27.87
C ILE D 433 -1.26 -40.60 27.65
N ALA D 434 -1.63 -39.85 28.70
CA ALA D 434 -2.78 -38.96 28.63
C ALA D 434 -2.57 -37.86 27.59
N PHE D 435 -1.44 -37.15 27.66
CA PHE D 435 -1.22 -36.05 26.74
C PHE D 435 -1.16 -36.49 25.28
N PRO D 436 -0.38 -37.50 24.87
CA PRO D 436 -0.43 -37.92 23.47
C PRO D 436 -1.80 -38.43 23.05
N LEU D 437 -2.50 -39.14 23.93
CA LEU D 437 -3.81 -39.68 23.56
C LEU D 437 -4.85 -38.57 23.45
N LEU D 438 -4.86 -37.62 24.40
CA LEU D 438 -5.80 -36.52 24.32
C LEU D 438 -5.54 -35.65 23.09
N PHE D 439 -4.26 -35.39 22.78
CA PHE D 439 -3.94 -34.60 21.60
C PHE D 439 -4.30 -35.35 20.32
N GLY D 440 -4.10 -36.67 20.29
CA GLY D 440 -4.55 -37.45 19.16
C GLY D 440 -6.06 -37.48 19.03
N ILE D 441 -6.77 -37.51 20.17
CA ILE D 441 -8.23 -37.45 20.14
C ILE D 441 -8.70 -36.10 19.62
N PHE D 442 -8.07 -35.01 20.07
CA PHE D 442 -8.44 -33.68 19.60
C PHE D 442 -8.25 -33.54 18.11
N ASN D 443 -7.14 -34.07 17.58
CA ASN D 443 -6.90 -34.01 16.14
C ASN D 443 -7.95 -34.80 15.38
N LEU D 444 -8.38 -35.94 15.92
CA LEU D 444 -9.41 -36.72 15.27
C LEU D 444 -10.72 -35.95 15.18
N VAL D 445 -11.11 -35.27 16.26
CA VAL D 445 -12.33 -34.48 16.25
C VAL D 445 -12.18 -33.25 15.37
N TYR D 446 -11.00 -32.61 15.42
CA TYR D 446 -10.80 -31.37 14.69
C TYR D 446 -10.87 -31.60 13.18
N TRP D 447 -10.13 -32.58 12.67
CA TRP D 447 -10.06 -32.79 11.23
C TRP D 447 -11.31 -33.45 10.67
N ALA D 448 -12.08 -34.15 11.51
CA ALA D 448 -13.36 -34.68 11.03
C ALA D 448 -14.42 -33.60 10.94
N THR D 449 -14.37 -32.61 11.83
CA THR D 449 -15.40 -31.58 11.85
C THR D 449 -15.26 -30.63 10.67
N TYR D 450 -14.03 -30.31 10.28
CA TYR D 450 -13.79 -29.27 9.29
C TYR D 450 -13.52 -29.80 7.88
N LEU D 451 -12.99 -31.01 7.74
CA LEU D 451 -12.69 -31.56 6.42
C LEU D 451 -13.86 -32.31 5.81
N ASN D 452 -14.85 -32.70 6.60
CA ASN D 452 -15.96 -33.51 6.11
C ASN D 452 -17.14 -32.67 5.64
N ARG D 453 -17.05 -31.34 5.74
CA ARG D 453 -18.12 -30.46 5.30
C ARG D 453 -18.11 -30.29 3.79
N ASN E 33 8.08 28.72 -46.99
CA ASN E 33 7.86 27.39 -47.55
C ASN E 33 6.91 26.60 -46.67
N MET E 34 6.19 27.30 -45.79
CA MET E 34 5.20 26.68 -44.94
C MET E 34 3.79 26.76 -45.52
N SER E 35 3.54 27.69 -46.44
CA SER E 35 2.21 27.82 -47.02
C SER E 35 1.85 26.60 -47.87
N PHE E 36 2.84 25.99 -48.53
CA PHE E 36 2.58 24.76 -49.26
C PHE E 36 2.20 23.63 -48.32
N VAL E 37 2.88 23.53 -47.18
CA VAL E 37 2.55 22.50 -46.20
C VAL E 37 1.16 22.73 -45.61
N LYS E 38 0.84 23.98 -45.26
CA LYS E 38 -0.46 24.27 -44.68
C LYS E 38 -1.59 23.92 -45.63
N GLU E 39 -1.41 24.22 -46.92
CA GLU E 39 -2.41 23.85 -47.92
C GLU E 39 -2.51 22.33 -48.04
N THR E 40 -1.36 21.65 -48.05
CA THR E 40 -1.35 20.20 -48.24
C THR E 40 -2.01 19.47 -47.07
N VAL E 41 -1.64 19.86 -45.84
CA VAL E 41 -2.18 19.19 -44.66
C VAL E 41 -3.70 19.37 -44.59
N ASP E 42 -4.18 20.59 -44.87
CA ASP E 42 -5.62 20.82 -44.87
C ASP E 42 -6.29 20.14 -46.04
N LYS E 43 -5.60 20.00 -47.17
CA LYS E 43 -6.18 19.33 -48.33
C LYS E 43 -6.32 17.83 -48.08
N LEU E 44 -5.40 17.23 -47.34
CA LEU E 44 -5.48 15.81 -47.03
C LEU E 44 -6.72 15.50 -46.21
N LEU E 45 -7.00 16.32 -45.19
CA LEU E 45 -8.11 16.05 -44.29
C LEU E 45 -9.47 16.47 -44.86
N LYS E 46 -9.48 17.22 -45.95
CA LYS E 46 -10.73 17.62 -46.59
C LYS E 46 -11.21 16.48 -47.47
N GLY E 47 -12.31 15.82 -47.07
CA GLY E 47 -12.79 14.64 -47.73
C GLY E 47 -12.35 13.34 -47.09
N TYR E 48 -11.71 13.39 -45.91
CA TYR E 48 -11.23 12.20 -45.23
C TYR E 48 -12.33 11.64 -44.34
N ASP E 49 -12.53 10.32 -44.42
CA ASP E 49 -13.52 9.63 -43.59
C ASP E 49 -12.77 8.79 -42.56
N ILE E 50 -12.97 9.10 -41.29
CA ILE E 50 -12.24 8.42 -40.21
C ILE E 50 -12.82 7.05 -39.91
N ARG E 51 -14.06 6.78 -40.32
CA ARG E 51 -14.70 5.51 -40.02
C ARG E 51 -14.26 4.38 -40.94
N LEU E 52 -13.56 4.68 -42.02
CA LEU E 52 -13.14 3.69 -43.01
C LEU E 52 -11.64 3.46 -42.90
N ARG E 53 -11.25 2.19 -42.90
CA ARG E 53 -9.84 1.82 -42.89
C ARG E 53 -9.23 2.03 -44.27
N PRO E 54 -7.90 2.11 -44.35
CA PRO E 54 -7.26 2.15 -45.68
C PRO E 54 -7.60 0.90 -46.48
N ASP E 55 -7.83 1.08 -47.77
CA ASP E 55 -8.31 0.03 -48.66
C ASP E 55 -9.53 -0.67 -48.06
N PHE E 56 -10.60 0.12 -47.90
CA PHE E 56 -11.78 -0.36 -47.21
C PHE E 56 -12.40 -1.56 -47.91
N GLY E 57 -12.47 -1.54 -49.23
CA GLY E 57 -13.00 -2.65 -49.98
C GLY E 57 -11.96 -3.63 -50.49
N GLY E 58 -10.68 -3.36 -50.28
CA GLY E 58 -9.62 -4.17 -50.85
C GLY E 58 -8.94 -5.09 -49.85
N PRO E 59 -7.67 -5.37 -50.11
CA PRO E 59 -6.92 -6.30 -49.25
C PRO E 59 -6.73 -5.72 -47.87
N PRO E 60 -6.45 -6.57 -46.87
CA PRO E 60 -6.26 -6.07 -45.51
C PRO E 60 -5.08 -5.11 -45.42
N VAL E 61 -5.21 -4.11 -44.56
CA VAL E 61 -4.14 -3.15 -44.34
C VAL E 61 -3.11 -3.79 -43.40
N CYS E 62 -1.86 -3.86 -43.85
CA CYS E 62 -0.81 -4.49 -43.08
C CYS E 62 -0.22 -3.49 -42.11
N VAL E 63 -0.26 -3.81 -40.82
CA VAL E 63 0.23 -2.93 -39.77
C VAL E 63 1.52 -3.53 -39.22
N GLY E 64 2.62 -2.80 -39.38
CA GLY E 64 3.89 -3.20 -38.78
C GLY E 64 4.09 -2.51 -37.45
N MET E 65 4.68 -3.24 -36.50
CA MET E 65 4.78 -2.76 -35.14
C MET E 65 6.21 -2.86 -34.63
N ASN E 66 6.62 -1.83 -33.88
CA ASN E 66 7.88 -1.82 -33.17
C ASN E 66 7.62 -1.46 -31.72
N ILE E 67 8.41 -2.04 -30.82
CA ILE E 67 8.30 -1.75 -29.39
C ILE E 67 9.69 -1.41 -28.88
N ASP E 68 9.81 -0.31 -28.15
CA ASP E 68 11.04 0.09 -27.48
C ASP E 68 10.73 0.14 -25.99
N ILE E 69 11.18 -0.88 -25.26
CA ILE E 69 10.89 -0.95 -23.83
C ILE E 69 11.71 0.11 -23.11
N ALA E 70 11.04 1.06 -22.48
CA ALA E 70 11.74 2.03 -21.65
C ALA E 70 12.23 1.40 -20.35
N SER E 71 11.37 0.62 -19.70
CA SER E 71 11.73 -0.04 -18.45
C SER E 71 10.67 -1.08 -18.13
N ILE E 72 11.01 -1.97 -17.19
CA ILE E 72 10.08 -2.92 -16.61
C ILE E 72 10.23 -2.81 -15.09
N ASP E 73 9.09 -2.73 -14.39
CA ASP E 73 9.12 -2.57 -12.95
C ASP E 73 7.96 -3.32 -12.32
N MET E 74 8.12 -3.63 -11.04
CA MET E 74 7.09 -4.27 -10.22
C MET E 74 6.58 -5.57 -10.87
N VAL E 75 7.50 -6.52 -11.04
CA VAL E 75 7.14 -7.88 -11.43
C VAL E 75 6.64 -8.57 -10.16
N SER E 76 5.32 -8.56 -9.97
CA SER E 76 4.71 -8.98 -8.71
C SER E 76 4.24 -10.42 -8.81
N GLU E 77 4.72 -11.27 -7.90
CA GLU E 77 4.26 -12.65 -7.84
C GLU E 77 2.88 -12.77 -7.19
N VAL E 78 2.58 -11.91 -6.22
CA VAL E 78 1.29 -11.99 -5.53
C VAL E 78 0.16 -11.63 -6.48
N ASN E 79 0.30 -10.52 -7.21
CA ASN E 79 -0.72 -10.12 -8.17
C ASN E 79 -0.56 -10.82 -9.51
N MET E 80 0.56 -11.52 -9.73
CA MET E 80 0.82 -12.21 -10.98
C MET E 80 0.73 -11.26 -12.18
N ASP E 81 1.50 -10.18 -12.10
CA ASP E 81 1.49 -9.17 -13.16
C ASP E 81 2.84 -8.46 -13.17
N TYR E 82 3.12 -7.82 -14.30
CA TYR E 82 4.31 -6.99 -14.44
C TYR E 82 3.93 -5.70 -15.14
N THR E 83 4.71 -4.66 -14.88
CA THR E 83 4.49 -3.34 -15.44
C THR E 83 5.66 -2.98 -16.35
N LEU E 84 5.36 -2.64 -17.60
CA LEU E 84 6.39 -2.23 -18.54
C LEU E 84 5.97 -0.93 -19.23
N THR E 85 6.96 -0.07 -19.47
CA THR E 85 6.78 1.18 -20.19
C THR E 85 7.49 1.06 -21.53
N MET E 86 6.79 1.41 -22.61
CA MET E 86 7.29 1.18 -23.95
C MET E 86 6.87 2.29 -24.88
N TYR E 87 7.63 2.44 -25.96
CA TYR E 87 7.25 3.28 -27.09
C TYR E 87 6.67 2.35 -28.16
N PHE E 88 5.37 2.43 -28.37
CA PHE E 88 4.63 1.49 -29.21
C PHE E 88 4.32 2.18 -30.54
N GLN E 89 5.07 1.83 -31.57
CA GLN E 89 4.88 2.38 -32.91
C GLN E 89 4.06 1.43 -33.77
N GLN E 90 3.22 2.01 -34.62
CA GLN E 90 2.45 1.26 -35.60
C GLN E 90 2.62 1.94 -36.95
N TYR E 91 2.88 1.13 -37.97
CA TYR E 91 3.13 1.62 -39.32
C TYR E 91 2.09 1.03 -40.26
N TRP E 92 1.51 1.88 -41.12
CA TRP E 92 0.62 1.41 -42.16
C TRP E 92 0.57 2.46 -43.25
N ARG E 93 0.15 2.03 -44.44
CA ARG E 93 0.11 2.90 -45.60
C ARG E 93 -1.34 3.29 -45.89
N ASP E 94 -1.61 4.59 -45.88
CA ASP E 94 -2.93 5.12 -46.21
C ASP E 94 -2.79 5.89 -47.51
N LYS E 95 -3.44 5.39 -48.57
CA LYS E 95 -3.35 6.04 -49.87
C LYS E 95 -3.99 7.43 -49.84
N ARG E 96 -4.91 7.66 -48.91
CA ARG E 96 -5.56 8.96 -48.79
C ARG E 96 -4.66 10.01 -48.17
N LEU E 97 -3.65 9.60 -47.40
CA LEU E 97 -2.75 10.52 -46.72
C LEU E 97 -1.44 10.71 -47.47
N ALA E 98 -1.34 10.23 -48.70
CA ALA E 98 -0.15 10.43 -49.50
C ALA E 98 -0.15 11.83 -50.09
N TYR E 99 1.03 12.47 -50.09
CA TYR E 99 1.20 13.81 -50.62
C TYR E 99 2.45 13.88 -51.49
N SER E 100 2.43 14.80 -52.44
CA SER E 100 3.54 14.98 -53.38
C SER E 100 3.92 16.44 -53.45
N GLY E 101 5.20 16.69 -53.73
CA GLY E 101 5.75 18.02 -53.82
C GLY E 101 6.57 18.45 -52.61
N ILE E 102 6.43 17.76 -51.48
CA ILE E 102 7.17 18.06 -50.27
C ILE E 102 8.16 16.93 -50.03
N PRO E 103 9.47 17.17 -50.10
CA PRO E 103 10.45 16.11 -49.84
C PRO E 103 10.66 15.79 -48.36
N LEU E 104 9.80 16.27 -47.47
CA LEU E 104 9.96 16.07 -46.04
C LEU E 104 8.90 15.10 -45.51
N ASN E 105 9.21 14.50 -44.36
CA ASN E 105 8.26 13.68 -43.63
C ASN E 105 7.54 14.57 -42.62
N LEU E 106 6.26 14.80 -42.84
CA LEU E 106 5.50 15.80 -42.08
C LEU E 106 5.14 15.24 -40.72
N THR E 107 5.84 15.69 -39.69
CA THR E 107 5.50 15.37 -38.31
C THR E 107 4.51 16.41 -37.80
N LEU E 108 3.30 15.97 -37.51
CA LEU E 108 2.20 16.87 -37.15
C LEU E 108 1.96 16.85 -35.64
N ASP E 109 1.18 17.82 -35.18
CA ASP E 109 0.78 17.87 -33.79
C ASP E 109 0.01 16.61 -33.42
N ASN E 110 0.25 16.10 -32.22
CA ASN E 110 -0.30 14.81 -31.83
C ASN E 110 -1.83 14.79 -31.81
N ARG E 111 -2.47 15.95 -31.69
CA ARG E 111 -3.93 16.00 -31.69
C ARG E 111 -4.53 15.68 -33.06
N VAL E 112 -3.73 15.63 -34.12
CA VAL E 112 -4.24 15.22 -35.42
C VAL E 112 -4.56 13.74 -35.48
N ALA E 113 -4.06 12.96 -34.51
CA ALA E 113 -4.38 11.53 -34.47
C ALA E 113 -5.86 11.28 -34.29
N ASP E 114 -6.58 12.24 -33.67
CA ASP E 114 -8.02 12.11 -33.50
C ASP E 114 -8.78 12.29 -34.80
N GLN E 115 -8.13 12.77 -35.86
CA GLN E 115 -8.76 13.01 -37.14
C GLN E 115 -8.38 11.97 -38.19
N LEU E 116 -7.62 10.95 -37.82
CA LEU E 116 -7.18 9.91 -38.73
C LEU E 116 -7.68 8.56 -38.25
N TRP E 117 -7.73 7.60 -39.19
CA TRP E 117 -7.99 6.22 -38.83
C TRP E 117 -6.74 5.62 -38.21
N VAL E 118 -6.90 4.96 -37.07
CA VAL E 118 -5.80 4.22 -36.45
C VAL E 118 -6.28 2.81 -36.14
N PRO E 119 -5.41 1.81 -36.13
CA PRO E 119 -5.84 0.45 -35.82
C PRO E 119 -6.37 0.34 -34.40
N ASP E 120 -7.33 -0.56 -34.23
CA ASP E 120 -7.93 -0.81 -32.91
C ASP E 120 -7.12 -1.86 -32.15
N THR E 121 -5.87 -1.52 -31.90
CA THR E 121 -4.94 -2.43 -31.24
C THR E 121 -5.12 -2.35 -29.73
N TYR E 122 -5.22 -3.52 -29.09
CA TYR E 122 -5.31 -3.61 -27.65
C TYR E 122 -4.46 -4.78 -27.19
N PHE E 123 -4.31 -4.90 -25.87
CA PHE E 123 -3.50 -5.95 -25.26
C PHE E 123 -4.40 -6.86 -24.43
N LEU E 124 -4.35 -8.16 -24.73
CA LEU E 124 -5.27 -9.10 -24.10
C LEU E 124 -5.05 -9.20 -22.60
N ASN E 125 -3.79 -9.42 -22.19
CA ASN E 125 -3.46 -9.60 -20.79
C ASN E 125 -3.23 -8.27 -20.06
N ASP E 126 -3.73 -7.17 -20.63
CA ASP E 126 -3.58 -5.85 -20.03
C ASP E 126 -4.58 -5.69 -18.89
N LYS E 127 -4.08 -5.46 -17.69
CA LYS E 127 -4.95 -5.21 -16.54
C LYS E 127 -5.30 -3.73 -16.43
N LYS E 128 -4.34 -2.85 -16.66
CA LYS E 128 -4.58 -1.42 -16.70
C LYS E 128 -3.41 -0.76 -17.42
N SER E 129 -3.69 0.30 -18.16
CA SER E 129 -2.67 0.98 -18.95
C SER E 129 -3.11 2.42 -19.19
N PHE E 130 -2.14 3.24 -19.58
CA PHE E 130 -2.42 4.65 -19.84
C PHE E 130 -1.34 5.22 -20.74
N VAL E 131 -1.73 6.15 -21.60
CA VAL E 131 -0.78 6.94 -22.36
C VAL E 131 -0.30 8.09 -21.49
N HIS E 132 1.02 8.28 -21.45
CA HIS E 132 1.59 9.36 -20.65
C HIS E 132 1.18 10.71 -21.24
N GLY E 133 0.95 11.69 -20.35
CA GLY E 133 0.35 12.94 -20.79
C GLY E 133 1.00 14.21 -20.27
N VAL E 134 2.28 14.16 -19.92
CA VAL E 134 3.04 15.32 -19.51
C VAL E 134 4.24 15.47 -20.44
N THR E 135 4.43 16.66 -20.99
CA THR E 135 3.64 17.87 -20.80
C THR E 135 2.38 17.84 -21.67
N VAL E 136 2.44 17.09 -22.76
CA VAL E 136 1.28 16.83 -23.60
C VAL E 136 1.12 15.32 -23.71
N LYS E 137 0.09 14.87 -24.44
CA LYS E 137 -0.09 13.44 -24.63
C LYS E 137 1.08 12.88 -25.43
N ASN E 138 1.67 11.81 -24.92
CA ASN E 138 2.91 11.26 -25.49
C ASN E 138 2.57 10.35 -26.67
N ARG E 139 2.11 10.98 -27.74
CA ARG E 139 1.84 10.28 -28.99
C ARG E 139 2.39 11.10 -30.13
N MET E 140 2.64 10.43 -31.25
CA MET E 140 3.18 11.10 -32.43
C MET E 140 2.47 10.60 -33.68
N ILE E 141 2.26 11.52 -34.62
CA ILE E 141 1.80 11.20 -35.97
C ILE E 141 2.84 11.76 -36.93
N ARG E 142 3.32 10.91 -37.84
CA ARG E 142 4.31 11.31 -38.82
C ARG E 142 3.91 10.72 -40.16
N LEU E 143 3.52 11.58 -41.09
CA LEU E 143 3.16 11.14 -42.43
C LEU E 143 4.41 11.05 -43.30
N HIS E 144 4.28 10.29 -44.39
CA HIS E 144 5.34 10.14 -45.36
C HIS E 144 4.76 10.35 -46.76
N PRO E 145 5.57 10.83 -47.71
CA PRO E 145 5.01 11.21 -49.01
C PRO E 145 4.27 10.10 -49.73
N ASP E 146 4.72 8.85 -49.60
CA ASP E 146 4.01 7.74 -50.25
C ASP E 146 2.70 7.40 -49.56
N GLY E 147 2.48 7.90 -48.34
CA GLY E 147 1.26 7.63 -47.61
C GLY E 147 1.45 6.85 -46.33
N THR E 148 2.66 6.42 -46.00
CA THR E 148 2.89 5.66 -44.77
C THR E 148 2.63 6.54 -43.55
N VAL E 149 1.92 5.97 -42.59
CA VAL E 149 1.58 6.66 -41.35
C VAL E 149 2.37 6.01 -40.21
N LEU E 150 3.08 6.83 -39.45
CA LEU E 150 3.77 6.39 -38.25
C LEU E 150 3.02 6.92 -37.04
N TYR E 151 2.48 6.00 -36.24
CA TYR E 151 1.68 6.35 -35.07
C TYR E 151 2.35 5.75 -33.85
N GLY E 152 2.95 6.62 -33.02
CA GLY E 152 3.68 6.21 -31.84
C GLY E 152 2.91 6.55 -30.58
N LEU E 153 3.12 5.74 -29.54
CA LEU E 153 2.48 5.95 -28.25
C LEU E 153 3.43 5.51 -27.16
N ARG E 154 3.51 6.30 -26.09
CA ARG E 154 4.28 5.93 -24.92
C ARG E 154 3.30 5.38 -23.88
N ILE E 155 3.35 4.07 -23.67
CA ILE E 155 2.34 3.35 -22.90
C ILE E 155 3.00 2.67 -21.72
N THR E 156 2.40 2.81 -20.55
CA THR E 156 2.75 2.02 -19.37
C THR E 156 1.63 1.02 -19.13
N THR E 157 1.92 -0.26 -19.35
CA THR E 157 0.91 -1.31 -19.28
C THR E 157 1.22 -2.26 -18.14
N THR E 158 0.24 -2.51 -17.29
CA THR E 158 0.31 -3.58 -16.30
C THR E 158 -0.30 -4.83 -16.94
N ALA E 159 0.57 -5.76 -17.32
CA ALA E 159 0.15 -6.97 -18.00
C ALA E 159 0.15 -8.15 -17.04
N ALA E 160 -0.74 -9.11 -17.28
CA ALA E 160 -0.95 -10.24 -16.38
C ALA E 160 -0.32 -11.48 -16.99
N CYS E 161 0.63 -12.07 -16.27
CA CYS E 161 1.23 -13.35 -16.66
C CYS E 161 1.12 -14.33 -15.49
N MET E 162 0.63 -15.53 -15.77
CA MET E 162 0.55 -16.55 -14.74
C MET E 162 1.94 -17.09 -14.43
N MET E 163 2.27 -17.18 -13.16
CA MET E 163 3.59 -17.60 -12.70
C MET E 163 3.48 -18.90 -11.92
N ASP E 164 4.27 -19.89 -12.32
CA ASP E 164 4.36 -21.16 -11.61
C ASP E 164 5.52 -21.05 -10.62
N LEU E 165 5.20 -20.77 -9.36
CA LEU E 165 6.20 -20.51 -8.34
C LEU E 165 6.47 -21.73 -7.46
N ARG E 166 6.25 -22.93 -7.98
CA ARG E 166 6.53 -24.13 -7.20
C ARG E 166 8.02 -24.28 -6.93
N ARG E 167 8.86 -23.91 -7.90
CA ARG E 167 10.30 -24.04 -7.77
C ARG E 167 10.94 -22.78 -7.19
N TYR E 168 10.14 -21.82 -6.75
CA TYR E 168 10.66 -20.59 -6.16
C TYR E 168 11.57 -20.92 -4.97
N PRO E 169 12.73 -20.25 -4.85
CA PRO E 169 13.24 -19.15 -5.69
C PRO E 169 14.05 -19.62 -6.90
N LEU E 170 14.14 -20.92 -7.15
CA LEU E 170 14.87 -21.42 -8.32
C LEU E 170 13.94 -21.60 -9.52
N ASP E 171 13.21 -20.53 -9.86
CA ASP E 171 12.19 -20.59 -10.89
C ASP E 171 12.51 -19.63 -12.02
N GLU E 172 12.16 -20.04 -13.24
CA GLU E 172 12.26 -19.19 -14.42
C GLU E 172 10.85 -18.91 -14.93
N GLN E 173 10.48 -17.64 -15.01
CA GLN E 173 9.16 -17.24 -15.44
C GLN E 173 9.16 -16.85 -16.91
N ASN E 174 7.96 -16.82 -17.49
CA ASN E 174 7.77 -16.49 -18.90
C ASN E 174 6.55 -15.58 -18.99
N CYS E 175 6.79 -14.27 -19.03
CA CYS E 175 5.73 -13.27 -19.06
C CYS E 175 5.66 -12.65 -20.45
N THR E 176 4.46 -12.62 -21.02
CA THR E 176 4.26 -12.24 -22.40
C THR E 176 3.45 -10.94 -22.50
N LEU E 177 3.20 -10.52 -23.73
CA LEU E 177 2.37 -9.35 -24.01
C LEU E 177 1.67 -9.62 -25.33
N GLU E 178 0.37 -9.96 -25.27
CA GLU E 178 -0.39 -10.29 -26.46
C GLU E 178 -0.99 -9.03 -27.07
N ILE E 179 -0.86 -8.90 -28.39
CA ILE E 179 -1.30 -7.73 -29.12
C ILE E 179 -2.28 -8.20 -30.19
N GLU E 180 -3.46 -7.57 -30.25
CA GLU E 180 -4.51 -8.04 -31.12
C GLU E 180 -5.40 -6.87 -31.53
N SER E 181 -6.15 -7.09 -32.60
CA SER E 181 -7.20 -6.16 -33.02
C SER E 181 -8.51 -6.54 -32.35
N TYR E 182 -9.23 -5.52 -31.87
CA TYR E 182 -10.44 -5.79 -31.12
C TYR E 182 -11.59 -6.24 -32.03
N GLY E 183 -11.76 -5.58 -33.16
CA GLY E 183 -12.91 -5.88 -34.00
C GLY E 183 -12.58 -6.43 -35.37
N TYR E 184 -11.45 -6.00 -35.93
CA TYR E 184 -11.08 -6.45 -37.27
C TYR E 184 -10.55 -7.86 -37.26
N THR E 185 -10.81 -8.59 -38.34
CA THR E 185 -10.31 -9.94 -38.53
C THR E 185 -9.15 -9.91 -39.52
N THR E 186 -8.58 -11.10 -39.77
CA THR E 186 -7.38 -11.19 -40.59
C THR E 186 -7.61 -10.81 -42.04
N ASP E 187 -8.87 -10.70 -42.49
CA ASP E 187 -9.16 -10.24 -43.83
C ASP E 187 -9.19 -8.73 -43.96
N ASP E 188 -9.18 -8.01 -42.84
CA ASP E 188 -9.22 -6.55 -42.84
C ASP E 188 -7.96 -5.90 -42.29
N ILE E 189 -7.31 -6.52 -41.31
CA ILE E 189 -6.08 -5.99 -40.74
C ILE E 189 -5.10 -7.13 -40.52
N GLU E 190 -3.83 -6.89 -40.82
CA GLU E 190 -2.78 -7.89 -40.63
C GLU E 190 -1.65 -7.27 -39.83
N PHE E 191 -1.13 -8.04 -38.88
CA PHE E 191 -0.05 -7.59 -38.01
C PHE E 191 1.25 -8.28 -38.38
N TYR E 192 2.35 -7.57 -38.20
CA TYR E 192 3.67 -8.15 -38.35
C TYR E 192 4.68 -7.28 -37.61
N TRP E 193 5.75 -7.90 -37.14
CA TRP E 193 6.83 -7.17 -36.52
C TRP E 193 7.66 -6.50 -37.62
N ARG E 194 7.75 -5.17 -37.56
CA ARG E 194 8.39 -4.41 -38.63
C ARG E 194 9.90 -4.52 -38.50
N GLY E 195 10.55 -5.03 -39.56
CA GLY E 195 11.98 -5.22 -39.57
C GLY E 195 12.45 -6.61 -39.23
N GLY E 196 11.59 -7.42 -38.59
CA GLY E 196 11.97 -8.79 -38.26
C GLY E 196 12.04 -9.04 -36.77
N ASP E 197 13.05 -9.80 -36.35
CA ASP E 197 13.23 -10.12 -34.94
C ASP E 197 13.95 -9.02 -34.16
N LYS E 198 14.36 -7.95 -34.84
CA LYS E 198 14.90 -6.77 -34.18
C LYS E 198 13.86 -5.68 -34.01
N ALA E 199 12.58 -6.02 -34.15
CA ALA E 199 11.50 -5.05 -33.99
C ALA E 199 11.29 -4.60 -32.56
N VAL E 200 11.87 -5.30 -31.59
CA VAL E 200 11.75 -4.96 -30.17
C VAL E 200 13.15 -4.69 -29.64
N THR E 201 13.39 -3.44 -29.24
CA THR E 201 14.68 -3.00 -28.74
C THR E 201 14.60 -2.67 -27.26
N GLY E 202 15.75 -2.40 -26.66
CA GLY E 202 15.83 -1.99 -25.28
C GLY E 202 15.75 -3.10 -24.26
N VAL E 203 15.68 -4.36 -24.70
CA VAL E 203 15.57 -5.46 -23.74
C VAL E 203 16.87 -5.64 -22.97
N GLU E 204 18.00 -5.52 -23.65
CA GLU E 204 19.30 -5.66 -22.99
C GLU E 204 19.52 -4.61 -21.91
N ARG E 205 18.83 -3.47 -21.99
CA ARG E 205 18.96 -2.42 -20.99
C ARG E 205 18.01 -2.57 -19.81
N ILE E 206 17.08 -3.52 -19.86
CA ILE E 206 16.13 -3.71 -18.77
C ILE E 206 16.86 -4.24 -17.55
N GLU E 207 16.61 -3.61 -16.40
CA GLU E 207 17.18 -4.05 -15.13
C GLU E 207 16.05 -4.24 -14.14
N LEU E 208 15.94 -5.44 -13.58
CA LEU E 208 14.94 -5.78 -12.59
C LEU E 208 15.60 -6.04 -11.24
N PRO E 209 14.96 -5.64 -10.14
CA PRO E 209 15.60 -5.82 -8.82
C PRO E 209 15.91 -7.27 -8.48
N GLN E 210 15.09 -8.21 -8.91
CA GLN E 210 15.27 -9.60 -8.49
C GLN E 210 15.16 -10.60 -9.64
N PHE E 211 15.35 -10.16 -10.88
CA PHE E 211 15.27 -11.04 -12.03
C PHE E 211 16.37 -10.69 -13.02
N SER E 212 16.61 -11.62 -13.94
CA SER E 212 17.50 -11.41 -15.07
C SER E 212 16.77 -11.84 -16.33
N ILE E 213 16.68 -10.93 -17.31
CA ILE E 213 15.97 -11.20 -18.55
C ILE E 213 16.88 -12.09 -19.40
N VAL E 214 16.57 -13.39 -19.44
CA VAL E 214 17.41 -14.33 -20.16
C VAL E 214 17.34 -14.05 -21.66
N GLU E 215 16.14 -13.91 -22.20
CA GLU E 215 15.96 -13.64 -23.62
C GLU E 215 14.53 -13.18 -23.86
N HIS E 216 14.27 -12.72 -25.08
CA HIS E 216 12.94 -12.35 -25.51
C HIS E 216 12.65 -12.98 -26.86
N ARG E 217 11.37 -13.15 -27.15
CA ARG E 217 10.95 -13.82 -28.37
C ARG E 217 9.78 -13.08 -28.99
N LEU E 218 9.71 -13.13 -30.32
CA LEU E 218 8.65 -12.47 -31.08
C LEU E 218 7.88 -13.52 -31.86
N VAL E 219 6.55 -13.53 -31.68
CA VAL E 219 5.67 -14.51 -32.31
C VAL E 219 4.63 -13.76 -33.11
N SER E 220 4.39 -14.21 -34.34
CA SER E 220 3.38 -13.65 -35.22
C SER E 220 2.49 -14.80 -35.70
N ARG E 221 1.31 -14.94 -35.10
CA ARG E 221 0.39 -16.01 -35.44
C ARG E 221 -1.01 -15.45 -35.59
N ASN E 222 -1.84 -16.18 -36.34
CA ASN E 222 -3.25 -15.87 -36.51
C ASN E 222 -4.06 -16.85 -35.69
N VAL E 223 -4.91 -16.34 -34.81
CA VAL E 223 -5.78 -17.18 -33.99
C VAL E 223 -7.03 -17.51 -34.80
N VAL E 224 -7.18 -18.78 -35.16
CA VAL E 224 -8.27 -19.21 -36.02
C VAL E 224 -9.45 -19.63 -35.15
N PHE E 225 -10.60 -18.99 -35.38
CA PHE E 225 -11.85 -19.33 -34.71
C PHE E 225 -12.88 -19.77 -35.74
N ALA E 226 -14.09 -20.04 -35.27
CA ALA E 226 -15.17 -20.38 -36.18
C ALA E 226 -15.55 -19.18 -37.05
N THR E 227 -15.58 -17.99 -36.47
CA THR E 227 -15.97 -16.79 -37.22
C THR E 227 -14.89 -16.42 -38.24
N GLY E 228 -13.64 -16.40 -37.81
CA GLY E 228 -12.54 -16.01 -38.70
C GLY E 228 -11.25 -15.76 -37.96
N ALA E 229 -10.12 -15.91 -38.66
CA ALA E 229 -8.82 -15.74 -38.05
C ALA E 229 -8.59 -14.30 -37.62
N TYR E 230 -7.93 -14.12 -36.49
CA TYR E 230 -7.63 -12.80 -35.95
C TYR E 230 -6.12 -12.60 -35.89
N PRO E 231 -5.60 -11.49 -36.41
CA PRO E 231 -4.16 -11.25 -36.30
C PRO E 231 -3.72 -11.10 -34.86
N ARG E 232 -2.54 -11.62 -34.55
CA ARG E 232 -1.99 -11.49 -33.21
C ARG E 232 -0.47 -11.39 -33.28
N LEU E 233 0.09 -10.54 -32.43
CA LEU E 233 1.54 -10.48 -32.21
C LEU E 233 1.81 -10.73 -30.73
N SER E 234 2.84 -11.53 -30.46
CA SER E 234 3.18 -11.87 -29.09
C SER E 234 4.64 -11.53 -28.84
N LEU E 235 4.89 -10.85 -27.73
CA LEU E 235 6.24 -10.57 -27.25
C LEU E 235 6.37 -11.21 -25.88
N SER E 236 7.36 -12.08 -25.73
CA SER E 236 7.55 -12.84 -24.50
C SER E 236 8.97 -12.69 -23.99
N PHE E 237 9.11 -12.69 -22.67
CA PHE E 237 10.40 -12.63 -22.01
C PHE E 237 10.55 -13.83 -21.10
N ARG E 238 11.80 -14.22 -20.85
CA ARG E 238 12.12 -15.27 -19.89
C ARG E 238 12.89 -14.63 -18.73
N LEU E 239 12.29 -14.64 -17.56
CA LEU E 239 12.88 -14.05 -16.36
C LEU E 239 13.48 -15.15 -15.50
N LYS E 240 14.72 -14.95 -15.06
CA LYS E 240 15.39 -15.87 -14.15
C LYS E 240 15.64 -15.15 -12.84
N ARG E 241 15.13 -15.71 -11.76
CA ARG E 241 15.27 -15.08 -10.45
C ARG E 241 16.71 -15.21 -9.95
N ASN E 242 17.22 -14.13 -9.38
CA ASN E 242 18.54 -14.15 -8.78
C ASN E 242 18.51 -14.85 -7.43
N ILE E 243 19.59 -15.58 -7.14
CA ILE E 243 19.64 -16.46 -5.97
C ILE E 243 20.56 -15.94 -4.88
N GLY E 244 21.28 -14.84 -5.12
CA GLY E 244 22.26 -14.38 -4.15
C GLY E 244 21.65 -14.04 -2.80
N TYR E 245 20.49 -13.39 -2.80
CA TYR E 245 19.84 -13.05 -1.55
C TYR E 245 19.38 -14.30 -0.79
N PHE E 246 18.80 -15.27 -1.49
CA PHE E 246 18.25 -16.44 -0.82
C PHE E 246 19.34 -17.33 -0.25
N ILE E 247 20.49 -17.39 -0.90
CA ILE E 247 21.60 -18.22 -0.39
C ILE E 247 22.04 -17.72 0.98
N LEU E 248 22.30 -16.42 1.10
CA LEU E 248 22.85 -15.88 2.34
C LEU E 248 21.80 -15.66 3.42
N GLN E 249 20.54 -15.46 3.03
CA GLN E 249 19.50 -15.10 3.99
C GLN E 249 18.61 -16.27 4.38
N THR E 250 18.42 -17.25 3.50
CA THR E 250 17.54 -18.37 3.79
C THR E 250 18.29 -19.69 3.91
N TYR E 251 19.05 -20.08 2.89
CA TYR E 251 19.68 -21.39 2.89
C TYR E 251 20.85 -21.45 3.87
N MET E 252 21.73 -20.45 3.85
CA MET E 252 22.92 -20.50 4.69
C MET E 252 22.60 -20.51 6.19
N PRO E 253 21.77 -19.61 6.72
CA PRO E 253 21.45 -19.71 8.15
C PRO E 253 20.73 -20.98 8.53
N SER E 254 19.88 -21.52 7.64
CA SER E 254 19.19 -22.77 7.94
C SER E 254 20.17 -23.92 8.03
N ILE E 255 21.16 -23.97 7.13
CA ILE E 255 22.19 -25.00 7.20
C ILE E 255 22.97 -24.90 8.51
N LEU E 256 23.31 -23.67 8.91
CA LEU E 256 24.11 -23.49 10.12
C LEU E 256 23.36 -23.94 11.37
N ILE E 257 22.05 -23.66 11.43
CA ILE E 257 21.27 -24.09 12.59
C ILE E 257 21.21 -25.61 12.65
N THR E 258 21.02 -26.25 11.51
CA THR E 258 20.99 -27.72 11.47
C THR E 258 22.32 -28.30 11.92
N ILE E 259 23.43 -27.74 11.44
CA ILE E 259 24.74 -28.22 11.86
C ILE E 259 24.96 -27.97 13.35
N LEU E 260 24.47 -26.84 13.85
CA LEU E 260 24.62 -26.54 15.28
C LEU E 260 23.81 -27.51 16.15
N SER E 261 22.69 -28.02 15.63
CA SER E 261 21.91 -28.99 16.38
C SER E 261 22.66 -30.29 16.58
N TRP E 262 23.62 -30.60 15.72
CA TRP E 262 24.43 -31.81 15.85
C TRP E 262 25.47 -31.70 16.96
N VAL E 263 25.70 -30.51 17.50
CA VAL E 263 26.69 -30.34 18.57
C VAL E 263 26.31 -31.15 19.79
N SER E 264 25.01 -31.34 20.04
CA SER E 264 24.57 -32.08 21.20
C SER E 264 25.06 -33.52 21.17
N PHE E 265 25.27 -34.09 19.98
CA PHE E 265 25.74 -35.46 19.90
C PHE E 265 27.14 -35.62 20.49
N TRP E 266 27.94 -34.55 20.49
CA TRP E 266 29.27 -34.56 21.05
C TRP E 266 29.31 -34.07 22.50
N ILE E 267 28.16 -33.79 23.10
CA ILE E 267 28.07 -33.40 24.49
C ILE E 267 27.72 -34.63 25.31
N ASN E 268 28.11 -34.63 26.58
CA ASN E 268 27.88 -35.79 27.44
C ASN E 268 26.39 -36.02 27.62
N TYR E 269 26.02 -37.31 27.75
CA TYR E 269 24.61 -37.67 27.83
C TYR E 269 23.94 -37.13 29.09
N ASP E 270 24.69 -36.95 30.16
CA ASP E 270 24.13 -36.50 31.44
C ASP E 270 24.06 -34.98 31.56
N ALA E 271 24.60 -34.25 30.58
CA ALA E 271 24.50 -32.79 30.56
C ALA E 271 23.13 -32.40 29.98
N SER E 272 22.11 -32.60 30.81
CA SER E 272 20.73 -32.40 30.36
C SER E 272 20.43 -30.93 30.06
N ALA E 273 20.87 -30.03 30.94
CA ALA E 273 20.56 -28.62 30.76
C ALA E 273 21.19 -28.08 29.48
N ALA E 274 22.43 -28.47 29.20
CA ALA E 274 23.12 -27.97 28.01
C ALA E 274 22.49 -28.53 26.73
N ARG E 275 22.24 -29.84 26.69
CA ARG E 275 21.76 -30.45 25.45
C ARG E 275 20.32 -30.07 25.15
N VAL E 276 19.49 -29.93 26.19
CA VAL E 276 18.11 -29.53 25.96
C VAL E 276 18.04 -28.07 25.52
N ALA E 277 18.82 -27.20 26.17
CA ALA E 277 18.85 -25.80 25.77
C ALA E 277 19.36 -25.64 24.35
N LEU E 278 20.42 -26.36 23.99
CA LEU E 278 20.92 -26.33 22.62
C LEU E 278 19.87 -26.86 21.64
N GLY E 279 19.20 -27.95 21.99
CA GLY E 279 18.21 -28.53 21.10
C GLY E 279 16.99 -27.64 20.91
N ILE E 280 16.46 -27.09 22.00
CA ILE E 280 15.20 -26.36 21.92
C ILE E 280 15.41 -24.96 21.35
N THR E 281 16.58 -24.36 21.57
CA THR E 281 16.83 -23.03 21.02
C THR E 281 17.03 -23.10 19.51
N THR E 282 17.65 -24.17 19.01
CA THR E 282 17.76 -24.34 17.57
C THR E 282 16.41 -24.57 16.92
N VAL E 283 15.49 -25.24 17.62
CA VAL E 283 14.12 -25.35 17.14
C VAL E 283 13.45 -23.97 17.09
N LEU E 284 13.63 -23.19 18.16
CA LEU E 284 13.09 -21.83 18.17
C LEU E 284 13.72 -20.97 17.08
N THR E 285 15.04 -21.11 16.89
CA THR E 285 15.71 -20.33 15.84
C THR E 285 15.18 -20.68 14.46
N MET E 286 14.98 -21.98 14.19
CA MET E 286 14.42 -22.39 12.90
C MET E 286 13.02 -21.80 12.69
N THR E 287 12.20 -21.82 13.75
CA THR E 287 10.89 -21.19 13.66
C THR E 287 11.00 -19.69 13.42
N THR E 288 11.94 -19.03 14.11
CA THR E 288 12.15 -17.60 13.89
C THR E 288 12.56 -17.31 12.46
N ILE E 289 13.44 -18.15 11.90
CA ILE E 289 13.85 -17.99 10.50
C ILE E 289 12.65 -18.17 9.58
N ASN E 290 11.87 -19.24 9.83
CA ASN E 290 10.79 -19.59 8.91
C ASN E 290 9.65 -18.57 8.98
N THR E 291 9.25 -18.16 10.18
CA THR E 291 8.13 -17.24 10.33
C THR E 291 8.47 -15.86 9.76
N HIS E 292 9.69 -15.38 10.01
CA HIS E 292 10.07 -14.06 9.51
C HIS E 292 10.20 -14.06 8.00
N LEU E 293 10.72 -15.15 7.41
CA LEU E 293 10.75 -15.26 5.96
C LEU E 293 9.34 -15.22 5.38
N ARG E 294 8.37 -15.81 6.08
CA ARG E 294 6.99 -15.75 5.64
C ARG E 294 6.49 -14.31 5.59
N GLU E 295 6.93 -13.47 6.53
CA GLU E 295 6.54 -12.07 6.52
C GLU E 295 7.20 -11.31 5.38
N THR E 296 8.51 -11.50 5.19
CA THR E 296 9.24 -10.71 4.20
C THR E 296 8.94 -11.16 2.78
N LEU E 297 8.89 -12.46 2.54
CA LEU E 297 8.69 -12.97 1.20
C LEU E 297 7.27 -12.69 0.72
N PRO E 298 7.05 -12.60 -0.59
CA PRO E 298 5.70 -12.37 -1.09
C PRO E 298 4.76 -13.50 -0.71
N LYS E 299 3.51 -13.15 -0.45
CA LYS E 299 2.51 -14.09 0.07
C LYS E 299 1.95 -14.92 -1.09
N ILE E 300 2.61 -16.03 -1.39
CA ILE E 300 2.11 -17.02 -2.33
C ILE E 300 1.69 -18.25 -1.51
N PRO E 301 0.40 -18.50 -1.33
CA PRO E 301 -0.07 -19.52 -0.39
C PRO E 301 -0.21 -20.91 -1.02
N TYR E 302 0.89 -21.43 -1.57
CA TYR E 302 0.98 -22.84 -1.90
C TYR E 302 2.43 -23.27 -1.76
N VAL E 303 2.64 -24.59 -1.75
CA VAL E 303 3.94 -25.15 -1.39
C VAL E 303 4.96 -24.81 -2.45
N LYS E 304 6.05 -24.18 -2.04
CA LYS E 304 7.16 -23.79 -2.91
C LYS E 304 8.40 -24.59 -2.52
N ALA E 305 9.49 -24.35 -3.27
CA ALA E 305 10.74 -25.05 -2.98
C ALA E 305 11.36 -24.55 -1.67
N ILE E 306 11.21 -23.26 -1.38
CA ILE E 306 11.77 -22.71 -0.15
C ILE E 306 11.05 -23.27 1.07
N ASP E 307 9.75 -23.57 0.95
CA ASP E 307 9.01 -24.15 2.06
C ASP E 307 9.53 -25.54 2.41
N MET E 308 9.84 -26.35 1.39
CA MET E 308 10.31 -27.71 1.64
C MET E 308 11.65 -27.71 2.37
N TYR E 309 12.57 -26.84 1.94
CA TYR E 309 13.89 -26.81 2.57
C TYR E 309 13.80 -26.38 4.02
N LEU E 310 13.02 -25.34 4.32
CA LEU E 310 12.86 -24.88 5.69
C LEU E 310 12.19 -25.94 6.54
N MET E 311 11.19 -26.63 5.99
CA MET E 311 10.53 -27.70 6.72
C MET E 311 11.47 -28.89 6.93
N GLY E 312 12.30 -29.19 5.93
CA GLY E 312 13.27 -30.26 6.09
C GLY E 312 14.27 -29.99 7.19
N CYS E 313 14.79 -28.77 7.24
CA CYS E 313 15.72 -28.41 8.31
C CYS E 313 15.04 -28.37 9.67
N PHE E 314 13.72 -28.11 9.69
CA PHE E 314 13.01 -28.11 10.96
C PHE E 314 12.79 -29.52 11.48
N VAL E 315 12.67 -30.50 10.58
CA VAL E 315 12.55 -31.89 11.01
C VAL E 315 13.86 -32.37 11.64
N PHE E 316 14.99 -31.98 11.04
CA PHE E 316 16.28 -32.42 11.57
C PHE E 316 16.54 -31.89 12.97
N VAL E 317 16.25 -30.61 13.21
CA VAL E 317 16.46 -30.06 14.55
C VAL E 317 15.45 -30.66 15.52
N PHE E 318 14.25 -30.98 15.04
CA PHE E 318 13.28 -31.71 15.87
C PHE E 318 13.80 -33.10 16.22
N LEU E 319 14.39 -33.79 15.25
CA LEU E 319 14.89 -35.14 15.50
C LEU E 319 16.14 -35.12 16.37
N ALA E 320 17.01 -34.11 16.19
CA ALA E 320 18.21 -34.02 17.00
C ALA E 320 17.87 -33.80 18.47
N LEU E 321 16.87 -32.96 18.76
CA LEU E 321 16.40 -32.80 20.13
C LEU E 321 15.68 -34.05 20.61
N LEU E 322 14.90 -34.69 19.73
CA LEU E 322 14.21 -35.92 20.10
C LEU E 322 15.20 -37.06 20.30
N GLU E 323 16.38 -36.99 19.68
CA GLU E 323 17.38 -38.02 19.88
C GLU E 323 17.87 -38.04 21.33
N TYR E 324 18.04 -36.86 21.93
CA TYR E 324 18.50 -36.82 23.31
C TYR E 324 17.46 -37.39 24.27
N ALA E 325 16.17 -37.24 23.94
CA ALA E 325 15.13 -37.83 24.78
C ALA E 325 15.26 -39.35 24.81
N PHE E 326 15.54 -39.96 23.67
CA PHE E 326 15.82 -41.39 23.64
C PHE E 326 17.04 -41.73 24.48
N VAL E 327 18.11 -40.95 24.33
CA VAL E 327 19.33 -41.21 25.08
C VAL E 327 19.08 -41.03 26.58
N ASN E 328 18.38 -39.96 26.95
CA ASN E 328 18.13 -39.70 28.36
C ASN E 328 17.27 -40.79 28.98
N TYR E 329 16.25 -41.26 28.26
CA TYR E 329 15.38 -42.28 28.82
C TYR E 329 16.09 -43.63 28.93
N ILE E 330 16.86 -44.01 27.91
CA ILE E 330 17.54 -45.30 27.94
C ILE E 330 18.48 -45.38 29.12
N PHE E 331 19.15 -44.28 29.44
CA PHE E 331 20.03 -44.26 30.61
C PHE E 331 19.25 -44.17 31.91
N PHE E 332 18.18 -43.38 31.95
CA PHE E 332 17.47 -43.10 33.20
C PHE E 332 16.18 -43.87 33.38
N GLY E 333 15.50 -44.23 32.28
CA GLY E 333 14.26 -44.96 32.40
C GLY E 333 14.45 -46.47 32.36
N ARG E 334 15.15 -46.95 31.34
CA ARG E 334 15.47 -48.37 31.21
C ARG E 334 16.83 -48.73 31.78
N GLY E 335 17.52 -47.78 32.39
CA GLY E 335 18.84 -48.02 32.94
C GLY E 335 18.88 -49.03 34.06
N PRO E 336 18.20 -48.73 35.17
CA PRO E 336 18.21 -49.68 36.31
C PRO E 336 17.64 -51.05 35.98
N GLN E 337 16.66 -51.13 35.09
CA GLN E 337 16.08 -52.41 34.70
C GLN E 337 17.08 -53.25 33.90
N ASP E 444 23.30 -49.31 26.42
CA ASP E 444 24.39 -48.33 26.31
C ASP E 444 23.91 -47.07 25.58
N VAL E 445 24.07 -45.91 26.24
CA VAL E 445 23.75 -44.64 25.62
C VAL E 445 24.94 -44.02 24.91
N ASN E 446 26.10 -44.66 24.96
CA ASN E 446 27.23 -44.20 24.17
C ASN E 446 27.06 -44.59 22.69
N ALA E 447 26.32 -45.67 22.43
CA ALA E 447 26.15 -46.13 21.05
C ALA E 447 25.19 -45.22 20.29
N ILE E 448 24.12 -44.77 20.94
CA ILE E 448 23.16 -43.90 20.26
C ILE E 448 23.81 -42.59 19.85
N ASP E 449 24.65 -42.02 20.73
CA ASP E 449 25.34 -40.78 20.39
C ASP E 449 26.32 -40.97 19.23
N ARG E 450 27.10 -42.05 19.26
CA ARG E 450 28.12 -42.22 18.23
C ARG E 450 27.51 -42.52 16.87
N TRP E 451 26.35 -43.19 16.82
CA TRP E 451 25.68 -43.39 15.55
C TRP E 451 25.01 -42.11 15.07
N SER E 452 24.52 -41.27 15.99
CA SER E 452 23.91 -40.01 15.60
C SER E 452 24.94 -39.05 15.02
N ARG E 453 26.21 -39.17 15.41
CA ARG E 453 27.26 -38.33 14.87
C ARG E 453 27.54 -38.60 13.40
N ILE E 454 27.06 -39.72 12.87
CA ILE E 454 27.30 -40.09 11.48
C ILE E 454 26.01 -40.03 10.66
N VAL E 455 24.90 -40.49 11.22
CA VAL E 455 23.66 -40.57 10.45
C VAL E 455 23.12 -39.17 10.15
N PHE E 456 23.12 -38.29 11.15
CA PHE E 456 22.61 -36.94 10.92
C PHE E 456 23.42 -36.18 9.87
N PRO E 457 24.76 -36.09 9.95
CA PRO E 457 25.49 -35.43 8.86
C PRO E 457 25.33 -36.12 7.51
N PHE E 458 25.22 -37.45 7.49
CA PHE E 458 25.08 -38.17 6.24
C PHE E 458 23.68 -37.98 5.64
N THR E 459 22.64 -38.09 6.47
CA THR E 459 21.28 -37.97 5.95
C THR E 459 20.97 -36.55 5.52
N PHE E 460 21.48 -35.55 6.26
CA PHE E 460 21.29 -34.17 5.83
C PHE E 460 22.05 -33.88 4.55
N SER E 461 23.21 -34.49 4.37
CA SER E 461 23.92 -34.39 3.09
C SER E 461 23.10 -35.00 1.97
N LEU E 462 22.47 -36.15 2.22
CA LEU E 462 21.64 -36.78 1.22
C LEU E 462 20.41 -35.94 0.89
N PHE E 463 19.80 -35.33 1.91
CA PHE E 463 18.62 -34.49 1.68
C PHE E 463 18.96 -33.33 0.76
N ASN E 464 20.11 -32.68 0.99
CA ASN E 464 20.53 -31.60 0.11
C ASN E 464 20.80 -32.12 -1.31
N LEU E 465 21.42 -33.29 -1.42
CA LEU E 465 21.69 -33.85 -2.74
C LEU E 465 20.40 -34.14 -3.49
N VAL E 466 19.41 -34.70 -2.82
CA VAL E 466 18.11 -34.92 -3.44
C VAL E 466 17.44 -33.58 -3.75
N TYR E 467 17.49 -32.65 -2.81
CA TYR E 467 16.83 -31.36 -2.99
C TYR E 467 17.44 -30.59 -4.16
N TRP E 468 18.77 -30.45 -4.17
CA TRP E 468 19.43 -29.64 -5.17
C TRP E 468 19.50 -30.32 -6.54
N LEU E 469 19.09 -31.59 -6.63
CA LEU E 469 18.99 -32.24 -7.93
C LEU E 469 17.59 -32.14 -8.51
N TYR E 470 16.56 -32.24 -7.67
CA TYR E 470 15.19 -32.16 -8.16
C TYR E 470 14.87 -30.77 -8.70
N TYR E 471 15.32 -29.72 -8.02
CA TYR E 471 15.02 -28.36 -8.46
C TYR E 471 16.09 -27.77 -9.36
N VAL E 472 17.33 -28.25 -9.27
CA VAL E 472 18.39 -27.75 -10.13
C VAL E 472 18.93 -28.88 -11.00
#